data_6KHU
# 
_entry.id   6KHU 
# 
_audit_conform.dict_name       mmcif_pdbx.dic 
_audit_conform.dict_version    5.397 
_audit_conform.dict_location   http://mmcif.pdb.org/dictionaries/ascii/mmcif_pdbx.dic 
# 
loop_
_database_2.database_id 
_database_2.database_code 
_database_2.pdbx_database_accession 
_database_2.pdbx_DOI 
PDB   6KHU         pdb_00006khu 10.2210/pdb6khu/pdb 
WWPDB D_1300013014 ?            ?                   
# 
loop_
_pdbx_audit_revision_history.ordinal 
_pdbx_audit_revision_history.data_content_type 
_pdbx_audit_revision_history.major_revision 
_pdbx_audit_revision_history.minor_revision 
_pdbx_audit_revision_history.revision_date 
1 'Structure model' 1 0 2020-07-22 
2 'Structure model' 1 1 2024-10-30 
# 
_pdbx_audit_revision_details.ordinal             1 
_pdbx_audit_revision_details.revision_ordinal    1 
_pdbx_audit_revision_details.data_content_type   'Structure model' 
_pdbx_audit_revision_details.provider            repository 
_pdbx_audit_revision_details.type                'Initial release' 
_pdbx_audit_revision_details.description         ? 
_pdbx_audit_revision_details.details             ? 
# 
loop_
_pdbx_audit_revision_group.ordinal 
_pdbx_audit_revision_group.revision_ordinal 
_pdbx_audit_revision_group.data_content_type 
_pdbx_audit_revision_group.group 
1 2 'Structure model' 'Data collection'      
2 2 'Structure model' 'Database references'  
3 2 'Structure model' 'Derived calculations' 
4 2 'Structure model' 'Structure summary'    
# 
loop_
_pdbx_audit_revision_category.ordinal 
_pdbx_audit_revision_category.revision_ordinal 
_pdbx_audit_revision_category.data_content_type 
_pdbx_audit_revision_category.category 
1 2 'Structure model' chem_comp_atom            
2 2 'Structure model' chem_comp_bond            
3 2 'Structure model' database_2                
4 2 'Structure model' pdbx_entry_details        
5 2 'Structure model' pdbx_modification_feature 
6 2 'Structure model' pdbx_struct_conn_angle    
7 2 'Structure model' struct_conn               
# 
loop_
_pdbx_audit_revision_item.ordinal 
_pdbx_audit_revision_item.revision_ordinal 
_pdbx_audit_revision_item.data_content_type 
_pdbx_audit_revision_item.item 
1  2 'Structure model' '_database_2.pdbx_DOI'                         
2  2 'Structure model' '_database_2.pdbx_database_accession'          
3  2 'Structure model' '_pdbx_entry_details.has_protein_modification' 
4  2 'Structure model' '_pdbx_struct_conn_angle.ptnr1_auth_comp_id'   
5  2 'Structure model' '_pdbx_struct_conn_angle.ptnr1_auth_seq_id'    
6  2 'Structure model' '_pdbx_struct_conn_angle.ptnr1_label_asym_id'  
7  2 'Structure model' '_pdbx_struct_conn_angle.ptnr1_label_atom_id'  
8  2 'Structure model' '_pdbx_struct_conn_angle.ptnr1_label_comp_id'  
9  2 'Structure model' '_pdbx_struct_conn_angle.ptnr1_label_seq_id'   
10 2 'Structure model' '_pdbx_struct_conn_angle.ptnr1_symmetry'       
11 2 'Structure model' '_pdbx_struct_conn_angle.ptnr2_auth_seq_id'    
12 2 'Structure model' '_pdbx_struct_conn_angle.ptnr2_label_asym_id'  
13 2 'Structure model' '_pdbx_struct_conn_angle.ptnr2_symmetry'       
14 2 'Structure model' '_pdbx_struct_conn_angle.ptnr3_auth_comp_id'   
15 2 'Structure model' '_pdbx_struct_conn_angle.ptnr3_auth_seq_id'    
16 2 'Structure model' '_pdbx_struct_conn_angle.ptnr3_label_asym_id'  
17 2 'Structure model' '_pdbx_struct_conn_angle.ptnr3_label_atom_id'  
18 2 'Structure model' '_pdbx_struct_conn_angle.ptnr3_label_comp_id'  
19 2 'Structure model' '_pdbx_struct_conn_angle.ptnr3_label_seq_id'   
20 2 'Structure model' '_pdbx_struct_conn_angle.ptnr3_symmetry'       
21 2 'Structure model' '_pdbx_struct_conn_angle.value'                
22 2 'Structure model' '_struct_conn.conn_type_id'                    
23 2 'Structure model' '_struct_conn.id'                              
24 2 'Structure model' '_struct_conn.pdbx_dist_value'                 
25 2 'Structure model' '_struct_conn.pdbx_leaving_atom_flag'          
26 2 'Structure model' '_struct_conn.ptnr1_auth_comp_id'              
27 2 'Structure model' '_struct_conn.ptnr1_auth_seq_id'               
28 2 'Structure model' '_struct_conn.ptnr1_label_asym_id'             
29 2 'Structure model' '_struct_conn.ptnr1_label_atom_id'             
30 2 'Structure model' '_struct_conn.ptnr1_label_comp_id'             
31 2 'Structure model' '_struct_conn.ptnr1_label_seq_id'              
32 2 'Structure model' '_struct_conn.ptnr2_auth_comp_id'              
33 2 'Structure model' '_struct_conn.ptnr2_auth_seq_id'               
34 2 'Structure model' '_struct_conn.ptnr2_label_asym_id'             
35 2 'Structure model' '_struct_conn.ptnr2_label_atom_id'             
36 2 'Structure model' '_struct_conn.ptnr2_label_comp_id'             
37 2 'Structure model' '_struct_conn.ptnr2_label_seq_id'              
38 2 'Structure model' '_struct_conn.ptnr2_symmetry'                  
# 
_pdbx_database_status.status_code                     REL 
_pdbx_database_status.status_code_sf                  REL 
_pdbx_database_status.status_code_mr                  ? 
_pdbx_database_status.entry_id                        6KHU 
_pdbx_database_status.recvd_initial_deposition_date   2019-07-16 
_pdbx_database_status.SG_entry                        N 
_pdbx_database_status.deposit_site                    PDBJ 
_pdbx_database_status.process_site                    PDBJ 
_pdbx_database_status.status_code_cs                  ? 
_pdbx_database_status.methods_development_category    ? 
_pdbx_database_status.pdb_format_compatible           Y 
_pdbx_database_status.status_code_nmr_data            ? 
# 
loop_
_audit_author.name 
_audit_author.pdbx_ordinal 
_audit_author.identifier_ORCID 
'Been, K.W.' 1 0000-0002-6946-2188 
'Yoon, H.J.' 2 0000-0003-4724-4208 
'Lee, H.H.'  3 0000-0003-1168-2484 
# 
_citation.abstract                  ? 
_citation.abstract_id_CAS           ? 
_citation.book_id_ISBN              ? 
_citation.book_publisher            ? 
_citation.book_publisher_city       ? 
_citation.book_title                ? 
_citation.coordinate_linkage        ? 
_citation.country                   ? 
_citation.database_id_Medline       ? 
_citation.details                   ? 
_citation.id                        primary 
_citation.journal_abbrev            'To Be Published' 
_citation.journal_id_ASTM           ? 
_citation.journal_id_CSD            0353 
_citation.journal_id_ISSN           ? 
_citation.journal_full              ? 
_citation.journal_issue             ? 
_citation.journal_volume            ? 
_citation.language                  ? 
_citation.page_first                ? 
_citation.page_last                 ? 
_citation.title                     'Crystal structure of a DGC protein from Thermotoga maritima' 
_citation.year                      ? 
_citation.database_id_CSD           ? 
_citation.pdbx_database_id_DOI      ? 
_citation.pdbx_database_id_PubMed   ? 
_citation.unpublished_flag          ? 
# 
loop_
_citation_author.citation_id 
_citation_author.name 
_citation_author.ordinal 
_citation_author.identifier_ORCID 
primary 'Been, K.W.' 1 0000-0002-6946-2188 
primary 'Yoon, H.J.' 2 0000-0003-4724-4208 
primary 'Lee, H.H.'  3 0000-0003-1168-2484 
# 
loop_
_entity.id 
_entity.type 
_entity.src_method 
_entity.pdbx_description 
_entity.formula_weight 
_entity.pdbx_number_of_molecules 
_entity.pdbx_ec 
_entity.pdbx_mutation 
_entity.pdbx_fragment 
_entity.details 
1 polymer     man 'Diguanylate cyclase/phosphodiesterase-domain containing protein' 15221.165 1  ? ? ? ? 
2 non-polymer syn 'ZINC ION'                                                        65.409    2  ? ? ? ? 
3 water       nat water                                                             18.015    88 ? ? ? ? 
# 
_entity_poly.entity_id                      1 
_entity_poly.type                           'polypeptide(L)' 
_entity_poly.nstd_linkage                   no 
_entity_poly.nstd_monomer                   yes 
_entity_poly.pdbx_seq_one_letter_code       
;DPLTRVYAKDHFLRLLSYQHQRAFEENTPYTIFFVKTKVSKNEREKAL(MSE)KIGKILKECVRVPLDSVGRYSDDTFAL
FVIGVGKETAPNIEERIKNHIESIGGIEYSIAYKSYPEDF(MSE)DLEKAILDLEKAVA
;
_entity_poly.pdbx_seq_one_letter_code_can   
;DPLTRVYAKDHFLRLLSYQHQRAFEENTPYTIFFVKTKVSKNEREKALMKIGKILKECVRVPLDSVGRYSDDTFALFVIG
VGKETAPNIEERIKNHIESIGGIEYSIAYKSYPEDFMDLEKAILDLEKAVA
;
_entity_poly.pdbx_strand_id                 A 
_entity_poly.pdbx_target_identifier         ? 
# 
loop_
_pdbx_entity_nonpoly.entity_id 
_pdbx_entity_nonpoly.name 
_pdbx_entity_nonpoly.comp_id 
2 'ZINC ION' ZN  
3 water      HOH 
# 
loop_
_entity_poly_seq.entity_id 
_entity_poly_seq.num 
_entity_poly_seq.mon_id 
_entity_poly_seq.hetero 
1 1   ASP n 
1 2   PRO n 
1 3   LEU n 
1 4   THR n 
1 5   ARG n 
1 6   VAL n 
1 7   TYR n 
1 8   ALA n 
1 9   LYS n 
1 10  ASP n 
1 11  HIS n 
1 12  PHE n 
1 13  LEU n 
1 14  ARG n 
1 15  LEU n 
1 16  LEU n 
1 17  SER n 
1 18  TYR n 
1 19  GLN n 
1 20  HIS n 
1 21  GLN n 
1 22  ARG n 
1 23  ALA n 
1 24  PHE n 
1 25  GLU n 
1 26  GLU n 
1 27  ASN n 
1 28  THR n 
1 29  PRO n 
1 30  TYR n 
1 31  THR n 
1 32  ILE n 
1 33  PHE n 
1 34  PHE n 
1 35  VAL n 
1 36  LYS n 
1 37  THR n 
1 38  LYS n 
1 39  VAL n 
1 40  SER n 
1 41  LYS n 
1 42  ASN n 
1 43  GLU n 
1 44  ARG n 
1 45  GLU n 
1 46  LYS n 
1 47  ALA n 
1 48  LEU n 
1 49  MSE n 
1 50  LYS n 
1 51  ILE n 
1 52  GLY n 
1 53  LYS n 
1 54  ILE n 
1 55  LEU n 
1 56  LYS n 
1 57  GLU n 
1 58  CYS n 
1 59  VAL n 
1 60  ARG n 
1 61  VAL n 
1 62  PRO n 
1 63  LEU n 
1 64  ASP n 
1 65  SER n 
1 66  VAL n 
1 67  GLY n 
1 68  ARG n 
1 69  TYR n 
1 70  SER n 
1 71  ASP n 
1 72  ASP n 
1 73  THR n 
1 74  PHE n 
1 75  ALA n 
1 76  LEU n 
1 77  PHE n 
1 78  VAL n 
1 79  ILE n 
1 80  GLY n 
1 81  VAL n 
1 82  GLY n 
1 83  LYS n 
1 84  GLU n 
1 85  THR n 
1 86  ALA n 
1 87  PRO n 
1 88  ASN n 
1 89  ILE n 
1 90  GLU n 
1 91  GLU n 
1 92  ARG n 
1 93  ILE n 
1 94  LYS n 
1 95  ASN n 
1 96  HIS n 
1 97  ILE n 
1 98  GLU n 
1 99  SER n 
1 100 ILE n 
1 101 GLY n 
1 102 GLY n 
1 103 ILE n 
1 104 GLU n 
1 105 TYR n 
1 106 SER n 
1 107 ILE n 
1 108 ALA n 
1 109 TYR n 
1 110 LYS n 
1 111 SER n 
1 112 TYR n 
1 113 PRO n 
1 114 GLU n 
1 115 ASP n 
1 116 PHE n 
1 117 MSE n 
1 118 ASP n 
1 119 LEU n 
1 120 GLU n 
1 121 LYS n 
1 122 ALA n 
1 123 ILE n 
1 124 LEU n 
1 125 ASP n 
1 126 LEU n 
1 127 GLU n 
1 128 LYS n 
1 129 ALA n 
1 130 VAL n 
1 131 ALA n 
# 
_entity_src_gen.entity_id                          1 
_entity_src_gen.pdbx_src_id                        1 
_entity_src_gen.pdbx_alt_source_flag               sample 
_entity_src_gen.pdbx_seq_type                      'Biological sequence' 
_entity_src_gen.pdbx_beg_seq_num                   1 
_entity_src_gen.pdbx_end_seq_num                   131 
_entity_src_gen.gene_src_common_name               ? 
_entity_src_gen.gene_src_genus                     ? 
_entity_src_gen.pdbx_gene_src_gene                 ? 
_entity_src_gen.gene_src_species                   ? 
_entity_src_gen.gene_src_strain                    ? 
_entity_src_gen.gene_src_tissue                    ? 
_entity_src_gen.gene_src_tissue_fraction           ? 
_entity_src_gen.gene_src_details                   ? 
_entity_src_gen.pdbx_gene_src_fragment             ? 
_entity_src_gen.pdbx_gene_src_scientific_name      'Thermotoga maritima MSB8' 
_entity_src_gen.pdbx_gene_src_ncbi_taxonomy_id     243274 
_entity_src_gen.pdbx_gene_src_variant              ? 
_entity_src_gen.pdbx_gene_src_cell_line            ? 
_entity_src_gen.pdbx_gene_src_atcc                 ? 
_entity_src_gen.pdbx_gene_src_organ                ? 
_entity_src_gen.pdbx_gene_src_organelle            ? 
_entity_src_gen.pdbx_gene_src_cell                 ? 
_entity_src_gen.pdbx_gene_src_cellular_location    ? 
_entity_src_gen.host_org_common_name               ? 
_entity_src_gen.pdbx_host_org_scientific_name      'Escherichia coli BL21(DE3)' 
_entity_src_gen.pdbx_host_org_ncbi_taxonomy_id     469008 
_entity_src_gen.host_org_genus                     ? 
_entity_src_gen.pdbx_host_org_gene                 ? 
_entity_src_gen.pdbx_host_org_organ                ? 
_entity_src_gen.host_org_species                   ? 
_entity_src_gen.pdbx_host_org_tissue               ? 
_entity_src_gen.pdbx_host_org_tissue_fraction      ? 
_entity_src_gen.pdbx_host_org_strain               ? 
_entity_src_gen.pdbx_host_org_variant              star 
_entity_src_gen.pdbx_host_org_cell_line            ? 
_entity_src_gen.pdbx_host_org_atcc                 ? 
_entity_src_gen.pdbx_host_org_culture_collection   ? 
_entity_src_gen.pdbx_host_org_cell                 ? 
_entity_src_gen.pdbx_host_org_organelle            ? 
_entity_src_gen.pdbx_host_org_cellular_location    ? 
_entity_src_gen.pdbx_host_org_vector_type          plasmid 
_entity_src_gen.pdbx_host_org_vector               ? 
_entity_src_gen.host_org_details                   ? 
_entity_src_gen.expression_system_id               ? 
_entity_src_gen.plasmid_name                       pHis2 
_entity_src_gen.plasmid_details                    ? 
_entity_src_gen.pdbx_description                   ? 
# 
loop_
_chem_comp.id 
_chem_comp.type 
_chem_comp.mon_nstd_flag 
_chem_comp.name 
_chem_comp.pdbx_synonyms 
_chem_comp.formula 
_chem_comp.formula_weight 
ALA 'L-peptide linking' y ALANINE          ? 'C3 H7 N O2'     89.093  
ARG 'L-peptide linking' y ARGININE         ? 'C6 H15 N4 O2 1' 175.209 
ASN 'L-peptide linking' y ASPARAGINE       ? 'C4 H8 N2 O3'    132.118 
ASP 'L-peptide linking' y 'ASPARTIC ACID'  ? 'C4 H7 N O4'     133.103 
CYS 'L-peptide linking' y CYSTEINE         ? 'C3 H7 N O2 S'   121.158 
GLN 'L-peptide linking' y GLUTAMINE        ? 'C5 H10 N2 O3'   146.144 
GLU 'L-peptide linking' y 'GLUTAMIC ACID'  ? 'C5 H9 N O4'     147.129 
GLY 'peptide linking'   y GLYCINE          ? 'C2 H5 N O2'     75.067  
HIS 'L-peptide linking' y HISTIDINE        ? 'C6 H10 N3 O2 1' 156.162 
HOH non-polymer         . WATER            ? 'H2 O'           18.015  
ILE 'L-peptide linking' y ISOLEUCINE       ? 'C6 H13 N O2'    131.173 
LEU 'L-peptide linking' y LEUCINE          ? 'C6 H13 N O2'    131.173 
LYS 'L-peptide linking' y LYSINE           ? 'C6 H15 N2 O2 1' 147.195 
MSE 'L-peptide linking' n SELENOMETHIONINE ? 'C5 H11 N O2 Se' 196.106 
PHE 'L-peptide linking' y PHENYLALANINE    ? 'C9 H11 N O2'    165.189 
PRO 'L-peptide linking' y PROLINE          ? 'C5 H9 N O2'     115.130 
SER 'L-peptide linking' y SERINE           ? 'C3 H7 N O3'     105.093 
THR 'L-peptide linking' y THREONINE        ? 'C4 H9 N O3'     119.119 
TYR 'L-peptide linking' y TYROSINE         ? 'C9 H11 N O3'    181.189 
VAL 'L-peptide linking' y VALINE           ? 'C5 H11 N O2'    117.146 
ZN  non-polymer         . 'ZINC ION'       ? 'Zn 2'           65.409  
# 
loop_
_pdbx_poly_seq_scheme.asym_id 
_pdbx_poly_seq_scheme.entity_id 
_pdbx_poly_seq_scheme.seq_id 
_pdbx_poly_seq_scheme.mon_id 
_pdbx_poly_seq_scheme.ndb_seq_num 
_pdbx_poly_seq_scheme.pdb_seq_num 
_pdbx_poly_seq_scheme.auth_seq_num 
_pdbx_poly_seq_scheme.pdb_mon_id 
_pdbx_poly_seq_scheme.auth_mon_id 
_pdbx_poly_seq_scheme.pdb_strand_id 
_pdbx_poly_seq_scheme.pdb_ins_code 
_pdbx_poly_seq_scheme.hetero 
A 1 1   ASP 1   60  60  ASP ASP A . n 
A 1 2   PRO 2   61  61  PRO PRO A . n 
A 1 3   LEU 3   62  62  LEU LEU A . n 
A 1 4   THR 4   63  63  THR THR A . n 
A 1 5   ARG 5   64  64  ARG ARG A . n 
A 1 6   VAL 6   65  65  VAL VAL A . n 
A 1 7   TYR 7   66  66  TYR TYR A . n 
A 1 8   ALA 8   67  67  ALA ALA A . n 
A 1 9   LYS 9   68  68  LYS LYS A . n 
A 1 10  ASP 10  69  69  ASP ASP A . n 
A 1 11  HIS 11  70  70  HIS HIS A . n 
A 1 12  PHE 12  71  71  PHE PHE A . n 
A 1 13  LEU 13  72  72  LEU LEU A . n 
A 1 14  ARG 14  73  73  ARG ARG A . n 
A 1 15  LEU 15  74  74  LEU LEU A . n 
A 1 16  LEU 16  75  75  LEU LEU A . n 
A 1 17  SER 17  76  76  SER SER A . n 
A 1 18  TYR 18  77  77  TYR TYR A . n 
A 1 19  GLN 19  78  78  GLN GLN A . n 
A 1 20  HIS 20  79  79  HIS HIS A . n 
A 1 21  GLN 21  80  80  GLN GLN A . n 
A 1 22  ARG 22  81  81  ARG ARG A . n 
A 1 23  ALA 23  82  82  ALA ALA A . n 
A 1 24  PHE 24  83  83  PHE PHE A . n 
A 1 25  GLU 25  84  84  GLU GLU A . n 
A 1 26  GLU 26  85  85  GLU GLU A . n 
A 1 27  ASN 27  86  86  ASN ASN A . n 
A 1 28  THR 28  87  87  THR THR A . n 
A 1 29  PRO 29  88  88  PRO PRO A . n 
A 1 30  TYR 30  89  89  TYR TYR A . n 
A 1 31  THR 31  90  90  THR THR A . n 
A 1 32  ILE 32  91  91  ILE ILE A . n 
A 1 33  PHE 33  92  92  PHE PHE A . n 
A 1 34  PHE 34  93  93  PHE PHE A . n 
A 1 35  VAL 35  94  94  VAL VAL A . n 
A 1 36  LYS 36  95  95  LYS LYS A . n 
A 1 37  THR 37  96  96  THR THR A . n 
A 1 38  LYS 38  97  97  LYS LYS A . n 
A 1 39  VAL 39  98  98  VAL VAL A . n 
A 1 40  SER 40  99  99  SER SER A . n 
A 1 41  LYS 41  100 100 LYS LYS A . n 
A 1 42  ASN 42  101 101 ASN ASN A . n 
A 1 43  GLU 43  102 102 GLU GLU A . n 
A 1 44  ARG 44  103 103 ARG ARG A . n 
A 1 45  GLU 45  104 104 GLU GLU A . n 
A 1 46  LYS 46  105 105 LYS LYS A . n 
A 1 47  ALA 47  106 106 ALA ALA A . n 
A 1 48  LEU 48  107 107 LEU LEU A . n 
A 1 49  MSE 49  108 108 MSE MSE A . n 
A 1 50  LYS 50  109 109 LYS LYS A . n 
A 1 51  ILE 51  110 110 ILE ILE A . n 
A 1 52  GLY 52  111 111 GLY GLY A . n 
A 1 53  LYS 53  112 112 LYS LYS A . n 
A 1 54  ILE 54  113 113 ILE ILE A . n 
A 1 55  LEU 55  114 114 LEU LEU A . n 
A 1 56  LYS 56  115 115 LYS LYS A . n 
A 1 57  GLU 57  116 116 GLU GLU A . n 
A 1 58  CYS 58  117 117 CYS CYS A . n 
A 1 59  VAL 59  118 118 VAL VAL A . n 
A 1 60  ARG 60  119 119 ARG ARG A . n 
A 1 61  VAL 61  120 120 VAL VAL A . n 
A 1 62  PRO 62  121 121 PRO PRO A . n 
A 1 63  LEU 63  122 122 LEU LEU A . n 
A 1 64  ASP 64  123 123 ASP ASP A . n 
A 1 65  SER 65  124 124 SER SER A . n 
A 1 66  VAL 66  125 125 VAL VAL A . n 
A 1 67  GLY 67  126 126 GLY GLY A . n 
A 1 68  ARG 68  127 127 ARG ARG A . n 
A 1 69  TYR 69  128 128 TYR TYR A . n 
A 1 70  SER 70  129 129 SER SER A . n 
A 1 71  ASP 71  130 130 ASP ASP A . n 
A 1 72  ASP 72  131 131 ASP ASP A . n 
A 1 73  THR 73  132 132 THR THR A . n 
A 1 74  PHE 74  133 133 PHE PHE A . n 
A 1 75  ALA 75  134 134 ALA ALA A . n 
A 1 76  LEU 76  135 135 LEU LEU A . n 
A 1 77  PHE 77  136 136 PHE PHE A . n 
A 1 78  VAL 78  137 137 VAL VAL A . n 
A 1 79  ILE 79  138 138 ILE ILE A . n 
A 1 80  GLY 80  139 139 GLY GLY A . n 
A 1 81  VAL 81  140 140 VAL VAL A . n 
A 1 82  GLY 82  141 141 GLY GLY A . n 
A 1 83  LYS 83  142 142 LYS LYS A . n 
A 1 84  GLU 84  143 143 GLU GLU A . n 
A 1 85  THR 85  144 144 THR THR A . n 
A 1 86  ALA 86  145 145 ALA ALA A . n 
A 1 87  PRO 87  146 146 PRO PRO A . n 
A 1 88  ASN 88  147 147 ASN ASN A . n 
A 1 89  ILE 89  148 148 ILE ILE A . n 
A 1 90  GLU 90  149 149 GLU GLU A . n 
A 1 91  GLU 91  150 150 GLU GLU A . n 
A 1 92  ARG 92  151 151 ARG ARG A . n 
A 1 93  ILE 93  152 152 ILE ILE A . n 
A 1 94  LYS 94  153 153 LYS LYS A . n 
A 1 95  ASN 95  154 154 ASN ASN A . n 
A 1 96  HIS 96  155 155 HIS HIS A . n 
A 1 97  ILE 97  156 156 ILE ILE A . n 
A 1 98  GLU 98  157 157 GLU GLU A . n 
A 1 99  SER 99  158 158 SER SER A . n 
A 1 100 ILE 100 159 159 ILE ILE A . n 
A 1 101 GLY 101 160 160 GLY GLY A . n 
A 1 102 GLY 102 161 161 GLY GLY A . n 
A 1 103 ILE 103 162 162 ILE ILE A . n 
A 1 104 GLU 104 163 163 GLU GLU A . n 
A 1 105 TYR 105 164 164 TYR TYR A . n 
A 1 106 SER 106 165 165 SER SER A . n 
A 1 107 ILE 107 166 166 ILE ILE A . n 
A 1 108 ALA 108 167 167 ALA ALA A . n 
A 1 109 TYR 109 168 168 TYR TYR A . n 
A 1 110 LYS 110 169 169 LYS LYS A . n 
A 1 111 SER 111 170 170 SER SER A . n 
A 1 112 TYR 112 171 171 TYR TYR A . n 
A 1 113 PRO 113 172 172 PRO PRO A . n 
A 1 114 GLU 114 173 173 GLU GLU A . n 
A 1 115 ASP 115 174 174 ASP ASP A . n 
A 1 116 PHE 116 175 175 PHE PHE A . n 
A 1 117 MSE 117 176 176 MSE MSE A . n 
A 1 118 ASP 118 177 177 ASP ASP A . n 
A 1 119 LEU 119 178 178 LEU LEU A . n 
A 1 120 GLU 120 179 179 GLU GLU A . n 
A 1 121 LYS 121 180 180 LYS LYS A . n 
A 1 122 ALA 122 181 181 ALA ALA A . n 
A 1 123 ILE 123 182 182 ILE ILE A . n 
A 1 124 LEU 124 183 183 LEU LEU A . n 
A 1 125 ASP 125 184 184 ASP ASP A . n 
A 1 126 LEU 126 185 185 LEU LEU A . n 
A 1 127 GLU 127 186 186 GLU GLU A . n 
A 1 128 LYS 128 187 187 LYS LYS A . n 
A 1 129 ALA 129 188 188 ALA ALA A . n 
A 1 130 VAL 130 189 189 VAL VAL A . n 
A 1 131 ALA 131 190 190 ALA ALA A . n 
# 
loop_
_pdbx_nonpoly_scheme.asym_id 
_pdbx_nonpoly_scheme.entity_id 
_pdbx_nonpoly_scheme.mon_id 
_pdbx_nonpoly_scheme.ndb_seq_num 
_pdbx_nonpoly_scheme.pdb_seq_num 
_pdbx_nonpoly_scheme.auth_seq_num 
_pdbx_nonpoly_scheme.pdb_mon_id 
_pdbx_nonpoly_scheme.auth_mon_id 
_pdbx_nonpoly_scheme.pdb_strand_id 
_pdbx_nonpoly_scheme.pdb_ins_code 
B 2 ZN  1  201 201 ZN  ZN  A . 
C 2 ZN  1  202 202 ZN  ZN  A . 
D 3 HOH 1  301 71  HOH HOH A . 
D 3 HOH 2  302 72  HOH HOH A . 
D 3 HOH 3  303 29  HOH HOH A . 
D 3 HOH 4  304 65  HOH HOH A . 
D 3 HOH 5  305 46  HOH HOH A . 
D 3 HOH 6  306 66  HOH HOH A . 
D 3 HOH 7  307 81  HOH HOH A . 
D 3 HOH 8  308 75  HOH HOH A . 
D 3 HOH 9  309 84  HOH HOH A . 
D 3 HOH 10 310 41  HOH HOH A . 
D 3 HOH 11 311 37  HOH HOH A . 
D 3 HOH 12 312 26  HOH HOH A . 
D 3 HOH 13 313 13  HOH HOH A . 
D 3 HOH 14 314 22  HOH HOH A . 
D 3 HOH 15 315 50  HOH HOH A . 
D 3 HOH 16 316 92  HOH HOH A . 
D 3 HOH 17 317 42  HOH HOH A . 
D 3 HOH 18 318 58  HOH HOH A . 
D 3 HOH 19 319 45  HOH HOH A . 
D 3 HOH 20 320 5   HOH HOH A . 
D 3 HOH 21 321 85  HOH HOH A . 
D 3 HOH 22 322 12  HOH HOH A . 
D 3 HOH 23 323 6   HOH HOH A . 
D 3 HOH 24 324 23  HOH HOH A . 
D 3 HOH 25 325 53  HOH HOH A . 
D 3 HOH 26 326 11  HOH HOH A . 
D 3 HOH 27 327 82  HOH HOH A . 
D 3 HOH 28 328 33  HOH HOH A . 
D 3 HOH 29 329 40  HOH HOH A . 
D 3 HOH 30 330 31  HOH HOH A . 
D 3 HOH 31 331 39  HOH HOH A . 
D 3 HOH 32 332 64  HOH HOH A . 
D 3 HOH 33 333 56  HOH HOH A . 
D 3 HOH 34 334 44  HOH HOH A . 
D 3 HOH 35 335 79  HOH HOH A . 
D 3 HOH 36 336 8   HOH HOH A . 
D 3 HOH 37 337 61  HOH HOH A . 
D 3 HOH 38 338 20  HOH HOH A . 
D 3 HOH 39 339 28  HOH HOH A . 
D 3 HOH 40 340 17  HOH HOH A . 
D 3 HOH 41 341 4   HOH HOH A . 
D 3 HOH 42 342 18  HOH HOH A . 
D 3 HOH 43 343 35  HOH HOH A . 
D 3 HOH 44 344 19  HOH HOH A . 
D 3 HOH 45 345 7   HOH HOH A . 
D 3 HOH 46 346 55  HOH HOH A . 
D 3 HOH 47 347 24  HOH HOH A . 
D 3 HOH 48 348 15  HOH HOH A . 
D 3 HOH 49 349 30  HOH HOH A . 
D 3 HOH 50 350 51  HOH HOH A . 
D 3 HOH 51 351 57  HOH HOH A . 
D 3 HOH 52 352 48  HOH HOH A . 
D 3 HOH 53 353 10  HOH HOH A . 
D 3 HOH 54 354 91  HOH HOH A . 
D 3 HOH 55 355 87  HOH HOH A . 
D 3 HOH 56 356 14  HOH HOH A . 
D 3 HOH 57 357 60  HOH HOH A . 
D 3 HOH 58 358 16  HOH HOH A . 
D 3 HOH 59 359 9   HOH HOH A . 
D 3 HOH 60 360 47  HOH HOH A . 
D 3 HOH 61 361 89  HOH HOH A . 
D 3 HOH 62 362 25  HOH HOH A . 
D 3 HOH 63 363 36  HOH HOH A . 
D 3 HOH 64 364 86  HOH HOH A . 
D 3 HOH 65 365 62  HOH HOH A . 
D 3 HOH 66 366 80  HOH HOH A . 
D 3 HOH 67 367 1   HOH HOH A . 
D 3 HOH 68 368 34  HOH HOH A . 
D 3 HOH 69 369 70  HOH HOH A . 
D 3 HOH 70 370 78  HOH HOH A . 
D 3 HOH 71 371 54  HOH HOH A . 
D 3 HOH 72 372 76  HOH HOH A . 
D 3 HOH 73 373 93  HOH HOH A . 
D 3 HOH 74 374 38  HOH HOH A . 
D 3 HOH 75 375 3   HOH HOH A . 
D 3 HOH 76 376 27  HOH HOH A . 
D 3 HOH 77 377 68  HOH HOH A . 
D 3 HOH 78 378 43  HOH HOH A . 
D 3 HOH 79 379 69  HOH HOH A . 
D 3 HOH 80 380 77  HOH HOH A . 
D 3 HOH 81 381 74  HOH HOH A . 
D 3 HOH 82 382 21  HOH HOH A . 
D 3 HOH 83 383 63  HOH HOH A . 
D 3 HOH 84 384 83  HOH HOH A . 
D 3 HOH 85 385 49  HOH HOH A . 
D 3 HOH 86 386 67  HOH HOH A . 
D 3 HOH 87 387 90  HOH HOH A . 
D 3 HOH 88 388 32  HOH HOH A . 
# 
loop_
_software.citation_id 
_software.classification 
_software.compiler_name 
_software.compiler_version 
_software.contact_author 
_software.contact_author_email 
_software.date 
_software.description 
_software.dependencies 
_software.hardware 
_software.language 
_software.location 
_software.mods 
_software.name 
_software.os 
_software.os_version 
_software.type 
_software.version 
_software.pdbx_ordinal 
? 'data scaling'    ? ? ? ? ? ? ? ? ? ? ? HKL-2000    ? ? ? .         1 
? refinement        ? ? ? ? ? ? ? ? ? ? ? PHENIX      ? ? ? 1.12_2829 2 
? 'data extraction' ? ? ? ? ? ? ? ? ? ? ? PDB_EXTRACT ? ? ? 3.25      3 
? 'data reduction'  ? ? ? ? ? ? ? ? ? ? ? HKL-2000    ? ? ? .         4 
? phasing           ? ? ? ? ? ? ? ? ? ? ? SOLVE       ? ? ? .         5 
# 
_cell.angle_alpha                  90.000 
_cell.angle_alpha_esd              ? 
_cell.angle_beta                   90.000 
_cell.angle_beta_esd               ? 
_cell.angle_gamma                  90.000 
_cell.angle_gamma_esd              ? 
_cell.entry_id                     6KHU 
_cell.details                      ? 
_cell.formula_units_Z              ? 
_cell.length_a                     61.303 
_cell.length_a_esd                 ? 
_cell.length_b                     61.303 
_cell.length_b_esd                 ? 
_cell.length_c                     101.143 
_cell.length_c_esd                 ? 
_cell.volume                       ? 
_cell.volume_esd                   ? 
_cell.Z_PDB                        8 
_cell.reciprocal_angle_alpha       ? 
_cell.reciprocal_angle_beta        ? 
_cell.reciprocal_angle_gamma       ? 
_cell.reciprocal_angle_alpha_esd   ? 
_cell.reciprocal_angle_beta_esd    ? 
_cell.reciprocal_angle_gamma_esd   ? 
_cell.reciprocal_length_a          ? 
_cell.reciprocal_length_b          ? 
_cell.reciprocal_length_c          ? 
_cell.reciprocal_length_a_esd      ? 
_cell.reciprocal_length_b_esd      ? 
_cell.reciprocal_length_c_esd      ? 
_cell.pdbx_unique_axis             ? 
# 
_symmetry.entry_id                         6KHU 
_symmetry.cell_setting                     ? 
_symmetry.Int_Tables_number                96 
_symmetry.space_group_name_Hall            ? 
_symmetry.space_group_name_H-M             'P 43 21 2' 
_symmetry.pdbx_full_space_group_name_H-M   ? 
# 
_exptl.absorpt_coefficient_mu     ? 
_exptl.absorpt_correction_T_max   ? 
_exptl.absorpt_correction_T_min   ? 
_exptl.absorpt_correction_type    ? 
_exptl.absorpt_process_details    ? 
_exptl.entry_id                   6KHU 
_exptl.crystals_number            1 
_exptl.details                    ? 
_exptl.method                     'X-RAY DIFFRACTION' 
_exptl.method_details             ? 
# 
_exptl_crystal.colour                      ? 
_exptl_crystal.density_diffrn              ? 
_exptl_crystal.density_Matthews            3.14 
_exptl_crystal.density_method              ? 
_exptl_crystal.density_percent_sol         60.84 
_exptl_crystal.description                 ? 
_exptl_crystal.F_000                       ? 
_exptl_crystal.id                          1 
_exptl_crystal.preparation                 ? 
_exptl_crystal.size_max                    ? 
_exptl_crystal.size_mid                    ? 
_exptl_crystal.size_min                    ? 
_exptl_crystal.size_rad                    ? 
_exptl_crystal.colour_lustre               ? 
_exptl_crystal.colour_modifier             ? 
_exptl_crystal.colour_primary              ? 
_exptl_crystal.density_meas                ? 
_exptl_crystal.density_meas_esd            ? 
_exptl_crystal.density_meas_gt             ? 
_exptl_crystal.density_meas_lt             ? 
_exptl_crystal.density_meas_temp           ? 
_exptl_crystal.density_meas_temp_esd       ? 
_exptl_crystal.density_meas_temp_gt        ? 
_exptl_crystal.density_meas_temp_lt        ? 
_exptl_crystal.pdbx_crystal_image_url      ? 
_exptl_crystal.pdbx_crystal_image_format   ? 
_exptl_crystal.pdbx_mosaicity              ? 
_exptl_crystal.pdbx_mosaicity_esd          ? 
# 
_exptl_crystal_grow.apparatus       ? 
_exptl_crystal_grow.atmosphere      ? 
_exptl_crystal_grow.crystal_id      1 
_exptl_crystal_grow.details         ? 
_exptl_crystal_grow.method          'VAPOR DIFFUSION, SITTING DROP' 
_exptl_crystal_grow.method_ref      ? 
_exptl_crystal_grow.pH              5.0 
_exptl_crystal_grow.pressure        ? 
_exptl_crystal_grow.pressure_esd    ? 
_exptl_crystal_grow.seeding         ? 
_exptl_crystal_grow.seeding_ref     ? 
_exptl_crystal_grow.temp            295 
_exptl_crystal_grow.temp_details    ? 
_exptl_crystal_grow.temp_esd        ? 
_exptl_crystal_grow.time            ? 
_exptl_crystal_grow.pdbx_details    'PEG 3000, trisodium citrate, Zinc acetate' 
_exptl_crystal_grow.pdbx_pH_range   ? 
# 
_diffrn.ambient_environment              ? 
_diffrn.ambient_temp                     100 
_diffrn.ambient_temp_details             ? 
_diffrn.ambient_temp_esd                 ? 
_diffrn.crystal_id                       1 
_diffrn.crystal_support                  ? 
_diffrn.crystal_treatment                ? 
_diffrn.details                          ? 
_diffrn.id                               1 
_diffrn.ambient_pressure                 ? 
_diffrn.ambient_pressure_esd             ? 
_diffrn.ambient_pressure_gt              ? 
_diffrn.ambient_pressure_lt              ? 
_diffrn.ambient_temp_gt                  ? 
_diffrn.ambient_temp_lt                  ? 
_diffrn.pdbx_serial_crystal_experiment   N 
# 
_diffrn_detector.details                      ? 
_diffrn_detector.detector                     CCD 
_diffrn_detector.diffrn_id                    1 
_diffrn_detector.type                         'BRUKER SMART 6500' 
_diffrn_detector.area_resol_mean              ? 
_diffrn_detector.dtime                        ? 
_diffrn_detector.pdbx_frames_total            ? 
_diffrn_detector.pdbx_collection_time_total   ? 
_diffrn_detector.pdbx_collection_date         2012-11-16 
_diffrn_detector.pdbx_frequency               ? 
# 
_diffrn_radiation.collimation                      ? 
_diffrn_radiation.diffrn_id                        1 
_diffrn_radiation.filter_edge                      ? 
_diffrn_radiation.inhomogeneity                    ? 
_diffrn_radiation.monochromator                    ? 
_diffrn_radiation.polarisn_norm                    ? 
_diffrn_radiation.polarisn_ratio                   ? 
_diffrn_radiation.probe                            ? 
_diffrn_radiation.type                             ? 
_diffrn_radiation.xray_symbol                      ? 
_diffrn_radiation.wavelength_id                    1 
_diffrn_radiation.pdbx_monochromatic_or_laue_m_l   M 
_diffrn_radiation.pdbx_wavelength_list             ? 
_diffrn_radiation.pdbx_wavelength                  ? 
_diffrn_radiation.pdbx_diffrn_protocol             'SINGLE WAVELENGTH' 
_diffrn_radiation.pdbx_analyzer                    ? 
_diffrn_radiation.pdbx_scattering_type             x-ray 
# 
_diffrn_radiation_wavelength.id           1 
_diffrn_radiation_wavelength.wavelength   0.9789 
_diffrn_radiation_wavelength.wt           1.0 
# 
_diffrn_source.current                     ? 
_diffrn_source.details                     ? 
_diffrn_source.diffrn_id                   1 
_diffrn_source.power                       ? 
_diffrn_source.size                        ? 
_diffrn_source.source                      SYNCHROTRON 
_diffrn_source.target                      ? 
_diffrn_source.type                        'SPRING-8 BEAMLINE BL44XU' 
_diffrn_source.voltage                     ? 
_diffrn_source.take-off_angle              ? 
_diffrn_source.pdbx_wavelength_list        0.9789 
_diffrn_source.pdbx_wavelength             ? 
_diffrn_source.pdbx_synchrotron_beamline   BL44XU 
_diffrn_source.pdbx_synchrotron_site       SPring-8 
# 
_reflns.B_iso_Wilson_estimate            19.350 
_reflns.entry_id                         6KHU 
_reflns.data_reduction_details           ? 
_reflns.data_reduction_method            ? 
_reflns.d_resolution_high                2.0980 
_reflns.d_resolution_low                 30.000 
_reflns.details                          ? 
_reflns.limit_h_max                      ? 
_reflns.limit_h_min                      ? 
_reflns.limit_k_max                      ? 
_reflns.limit_k_min                      ? 
_reflns.limit_l_max                      ? 
_reflns.limit_l_min                      ? 
_reflns.number_all                       ? 
_reflns.number_obs                       21596 
_reflns.observed_criterion               ? 
_reflns.observed_criterion_F_max         ? 
_reflns.observed_criterion_F_min         ? 
_reflns.observed_criterion_I_max         ? 
_reflns.observed_criterion_I_min         ? 
_reflns.observed_criterion_sigma_F       ? 
_reflns.observed_criterion_sigma_I       ? 
_reflns.percent_possible_obs             99.900 
_reflns.R_free_details                   ? 
_reflns.Rmerge_F_all                     ? 
_reflns.Rmerge_F_obs                     ? 
_reflns.Friedel_coverage                 ? 
_reflns.number_gt                        ? 
_reflns.threshold_expression             ? 
_reflns.pdbx_redundancy                  14.500 
_reflns.pdbx_Rmerge_I_obs                0.102 
_reflns.pdbx_Rmerge_I_all                ? 
_reflns.pdbx_Rsym_value                  ? 
_reflns.pdbx_netI_over_av_sigmaI         ? 
_reflns.pdbx_netI_over_sigmaI            10.600 
_reflns.pdbx_res_netI_over_av_sigmaI_2   ? 
_reflns.pdbx_res_netI_over_sigmaI_2      ? 
_reflns.pdbx_chi_squared                 1.783 
_reflns.pdbx_scaling_rejects             ? 
_reflns.pdbx_d_res_high_opt              ? 
_reflns.pdbx_d_res_low_opt               ? 
_reflns.pdbx_d_res_opt_method            ? 
_reflns.phase_calculation_details        ? 
_reflns.pdbx_Rrim_I_all                  ? 
_reflns.pdbx_Rpim_I_all                  ? 
_reflns.pdbx_d_opt                       ? 
_reflns.pdbx_number_measured_all         ? 
_reflns.pdbx_diffrn_id                   1 
_reflns.pdbx_ordinal                     1 
_reflns.pdbx_CC_half                     ? 
_reflns.pdbx_R_split                     ? 
# 
loop_
_reflns_shell.d_res_high 
_reflns_shell.d_res_low 
_reflns_shell.meanI_over_sigI_all 
_reflns_shell.meanI_over_sigI_obs 
_reflns_shell.number_measured_all 
_reflns_shell.number_measured_obs 
_reflns_shell.number_possible 
_reflns_shell.number_unique_all 
_reflns_shell.number_unique_obs 
_reflns_shell.percent_possible_all 
_reflns_shell.percent_possible_obs 
_reflns_shell.Rmerge_F_all 
_reflns_shell.Rmerge_F_obs 
_reflns_shell.Rmerge_I_all 
_reflns_shell.Rmerge_I_obs 
_reflns_shell.meanI_over_sigI_gt 
_reflns_shell.meanI_over_uI_all 
_reflns_shell.meanI_over_uI_gt 
_reflns_shell.number_measured_gt 
_reflns_shell.number_unique_gt 
_reflns_shell.percent_possible_gt 
_reflns_shell.Rmerge_F_gt 
_reflns_shell.Rmerge_I_gt 
_reflns_shell.pdbx_redundancy 
_reflns_shell.pdbx_Rsym_value 
_reflns_shell.pdbx_chi_squared 
_reflns_shell.pdbx_netI_over_sigmaI_all 
_reflns_shell.pdbx_netI_over_sigmaI_obs 
_reflns_shell.pdbx_Rrim_I_all 
_reflns_shell.pdbx_Rpim_I_all 
_reflns_shell.pdbx_rejects 
_reflns_shell.pdbx_ordinal 
_reflns_shell.pdbx_diffrn_id 
_reflns_shell.pdbx_CC_half 
_reflns_shell.pdbx_R_split 
2.100 2.140  ? ? ? ? ? ? 1087 99.900  ? ? ? ? 0.454 ? ? ? ? ? ? ? ? 14.700 ? 1.542 ? ? ? ? ? 1  1 ? ? 
2.140 2.180  ? ? ? ? ? ? 1081 99.900  ? ? ? ? 0.431 ? ? ? ? ? ? ? ? 14.700 ? 1.664 ? ? ? ? ? 2  1 ? ? 
2.180 2.220  ? ? ? ? ? ? 1086 99.900  ? ? ? ? 0.495 ? ? ? ? ? ? ? ? 14.600 ? 1.840 ? ? ? ? ? 3  1 ? ? 
2.220 2.260  ? ? ? ? ? ? 1067 99.900  ? ? ? ? 0.302 ? ? ? ? ? ? ? ? 14.500 ? 2.463 ? ? ? ? ? 4  1 ? ? 
2.260 2.310  ? ? ? ? ? ? 1079 99.900  ? ? ? ? 0.296 ? ? ? ? ? ? ? ? 14.600 ? 1.763 ? ? ? ? ? 5  1 ? ? 
2.310 2.370  ? ? ? ? ? ? 1104 100.000 ? ? ? ? 0.305 ? ? ? ? ? ? ? ? 14.700 ? 1.766 ? ? ? ? ? 6  1 ? ? 
2.370 2.420  ? ? ? ? ? ? 1055 100.000 ? ? ? ? 0.199 ? ? ? ? ? ? ? ? 14.700 ? 1.407 ? ? ? ? ? 7  1 ? ? 
2.420 2.490  ? ? ? ? ? ? 1073 100.000 ? ? ? ? 0.179 ? ? ? ? ? ? ? ? 14.800 ? 1.386 ? ? ? ? ? 8  1 ? ? 
2.490 2.560  ? ? ? ? ? ? 1100 100.000 ? ? ? ? 0.160 ? ? ? ? ? ? ? ? 14.800 ? 1.404 ? ? ? ? ? 9  1 ? ? 
2.560 2.650  ? ? ? ? ? ? 1065 100.000 ? ? ? ? 0.148 ? ? ? ? ? ? ? ? 14.800 ? 1.395 ? ? ? ? ? 10 1 ? ? 
2.650 2.740  ? ? ? ? ? ? 1081 100.000 ? ? ? ? 0.119 ? ? ? ? ? ? ? ? 14.800 ? 1.426 ? ? ? ? ? 11 1 ? ? 
2.740 2.850  ? ? ? ? ? ? 1069 100.000 ? ? ? ? 0.110 ? ? ? ? ? ? ? ? 14.800 ? 1.419 ? ? ? ? ? 12 1 ? ? 
2.850 2.980  ? ? ? ? ? ? 1087 100.000 ? ? ? ? 0.089 ? ? ? ? ? ? ? ? 14.800 ? 1.446 ? ? ? ? ? 13 1 ? ? 
2.980 3.140  ? ? ? ? ? ? 1074 100.000 ? ? ? ? 0.076 ? ? ? ? ? ? ? ? 14.900 ? 1.523 ? ? ? ? ? 14 1 ? ? 
3.140 3.330  ? ? ? ? ? ? 1087 100.000 ? ? ? ? 0.070 ? ? ? ? ? ? ? ? 14.800 ? 1.717 ? ? ? ? ? 15 1 ? ? 
3.330 3.590  ? ? ? ? ? ? 1086 100.000 ? ? ? ? 0.082 ? ? ? ? ? ? ? ? 14.400 ? 2.669 ? ? ? ? ? 16 1 ? ? 
3.590 3.950  ? ? ? ? ? ? 1084 100.000 ? ? ? ? 0.077 ? ? ? ? ? ? ? ? 13.400 ? 2.941 ? ? ? ? ? 17 1 ? ? 
3.950 4.520  ? ? ? ? ? ? 1061 100.000 ? ? ? ? 0.060 ? ? ? ? ? ? ? ? 13.200 ? 2.948 ? ? ? ? ? 18 1 ? ? 
4.520 5.690  ? ? ? ? ? ? 1095 99.800  ? ? ? ? 0.046 ? ? ? ? ? ? ? ? 14.600 ? 1.884 ? ? ? ? ? 19 1 ? ? 
5.690 30.000 ? ? ? ? ? ? 1075 98.400  ? ? ? ? 0.030 ? ? ? ? ? ? ? ? 14.300 ? 1.339 ? ? ? ? ? 20 1 ? ? 
# 
_refine.aniso_B[1][1]                            ? 
_refine.aniso_B[1][2]                            ? 
_refine.aniso_B[1][3]                            ? 
_refine.aniso_B[2][2]                            ? 
_refine.aniso_B[2][3]                            ? 
_refine.aniso_B[3][3]                            ? 
_refine.B_iso_max                                68.720 
_refine.B_iso_mean                               23.4768 
_refine.B_iso_min                                1.310 
_refine.correlation_coeff_Fo_to_Fc               ? 
_refine.correlation_coeff_Fo_to_Fc_free          ? 
_refine.details                                  'The structure factor file contains friedel pairs in I_PLUS/MINUS columns' 
_refine.diff_density_max                         ? 
_refine.diff_density_max_esd                     ? 
_refine.diff_density_min                         ? 
_refine.diff_density_min_esd                     ? 
_refine.diff_density_rms                         ? 
_refine.diff_density_rms_esd                     ? 
_refine.entry_id                                 6KHU 
_refine.pdbx_refine_id                           'X-RAY DIFFRACTION' 
_refine.ls_abs_structure_details                 ? 
_refine.ls_abs_structure_Flack                   ? 
_refine.ls_abs_structure_Flack_esd               ? 
_refine.ls_abs_structure_Rogers                  ? 
_refine.ls_abs_structure_Rogers_esd              ? 
_refine.ls_d_res_high                            2.0980 
_refine.ls_d_res_low                             29.5420 
_refine.ls_extinction_coef                       ? 
_refine.ls_extinction_coef_esd                   ? 
_refine.ls_extinction_expression                 ? 
_refine.ls_extinction_method                     ? 
_refine.ls_goodness_of_fit_all                   ? 
_refine.ls_goodness_of_fit_all_esd               ? 
_refine.ls_goodness_of_fit_obs                   ? 
_refine.ls_goodness_of_fit_obs_esd               ? 
_refine.ls_hydrogen_treatment                    ? 
_refine.ls_matrix_type                           ? 
_refine.ls_number_constraints                    ? 
_refine.ls_number_parameters                     ? 
_refine.ls_number_reflns_all                     ? 
_refine.ls_number_reflns_obs                     21394 
_refine.ls_number_reflns_R_free                  2152 
_refine.ls_number_reflns_R_work                  ? 
_refine.ls_number_restraints                     ? 
_refine.ls_percent_reflns_obs                    99.1700 
_refine.ls_percent_reflns_R_free                 10.0600 
_refine.ls_R_factor_all                          ? 
_refine.ls_R_factor_obs                          0.2001 
_refine.ls_R_factor_R_free                       0.2376 
_refine.ls_R_factor_R_free_error                 ? 
_refine.ls_R_factor_R_free_error_details         ? 
_refine.ls_R_factor_R_work                       0.1958 
_refine.ls_R_Fsqd_factor_obs                     ? 
_refine.ls_R_I_factor_obs                        ? 
_refine.ls_redundancy_reflns_all                 ? 
_refine.ls_redundancy_reflns_obs                 ? 
_refine.ls_restrained_S_all                      ? 
_refine.ls_restrained_S_obs                      ? 
_refine.ls_shift_over_esd_max                    ? 
_refine.ls_shift_over_esd_mean                   ? 
_refine.ls_structure_factor_coef                 ? 
_refine.ls_weighting_details                     ? 
_refine.ls_weighting_scheme                      ? 
_refine.ls_wR_factor_all                         ? 
_refine.ls_wR_factor_obs                         ? 
_refine.ls_wR_factor_R_free                      ? 
_refine.ls_wR_factor_R_work                      ? 
_refine.occupancy_max                            ? 
_refine.occupancy_min                            ? 
_refine.solvent_model_details                    ? 
_refine.solvent_model_param_bsol                 ? 
_refine.solvent_model_param_ksol                 ? 
_refine.ls_R_factor_gt                           ? 
_refine.ls_goodness_of_fit_gt                    ? 
_refine.ls_goodness_of_fit_ref                   ? 
_refine.ls_shift_over_su_max                     ? 
_refine.ls_shift_over_su_max_lt                  ? 
_refine.ls_shift_over_su_mean                    ? 
_refine.ls_shift_over_su_mean_lt                 ? 
_refine.pdbx_ls_sigma_I                          ? 
_refine.pdbx_ls_sigma_F                          1.340 
_refine.pdbx_ls_sigma_Fsqd                       ? 
_refine.pdbx_data_cutoff_high_absF               ? 
_refine.pdbx_data_cutoff_high_rms_absF           ? 
_refine.pdbx_data_cutoff_low_absF                ? 
_refine.pdbx_isotropic_thermal_model             ? 
_refine.pdbx_ls_cross_valid_method               THROUGHOUT 
_refine.pdbx_method_to_determine_struct          SAD 
_refine.pdbx_starting_model                      ? 
_refine.pdbx_stereochemistry_target_values       ? 
_refine.pdbx_R_Free_selection_details            ? 
_refine.pdbx_stereochem_target_val_spec_case     ? 
_refine.pdbx_overall_ESU_R                       ? 
_refine.pdbx_overall_ESU_R_Free                  ? 
_refine.pdbx_solvent_vdw_probe_radii             1.1100 
_refine.pdbx_solvent_ion_probe_radii             ? 
_refine.pdbx_solvent_shrinkage_radii             0.9000 
_refine.pdbx_real_space_R                        ? 
_refine.pdbx_density_correlation                 ? 
_refine.pdbx_pd_number_of_powder_patterns        ? 
_refine.pdbx_pd_number_of_points                 ? 
_refine.pdbx_pd_meas_number_of_points            ? 
_refine.pdbx_pd_proc_ls_prof_R_factor            ? 
_refine.pdbx_pd_proc_ls_prof_wR_factor           ? 
_refine.pdbx_pd_Marquardt_correlation_coeff      ? 
_refine.pdbx_pd_Fsqrd_R_factor                   ? 
_refine.pdbx_pd_ls_matrix_band_width             ? 
_refine.pdbx_overall_phase_error                 22.4100 
_refine.pdbx_overall_SU_R_free_Cruickshank_DPI   ? 
_refine.pdbx_overall_SU_R_free_Blow_DPI          ? 
_refine.pdbx_overall_SU_R_Blow_DPI               ? 
_refine.pdbx_TLS_residual_ADP_flag               ? 
_refine.pdbx_diffrn_id                           1 
_refine.overall_SU_B                             ? 
_refine.overall_SU_ML                            0.2000 
_refine.overall_SU_R_Cruickshank_DPI             ? 
_refine.overall_SU_R_free                        ? 
_refine.overall_FOM_free_R_set                   ? 
_refine.overall_FOM_work_R_set                   ? 
_refine.pdbx_average_fsc_overall                 ? 
_refine.pdbx_average_fsc_work                    ? 
_refine.pdbx_average_fsc_free                    ? 
# 
_refine_hist.pdbx_refine_id                   'X-RAY DIFFRACTION' 
_refine_hist.cycle_id                         final 
_refine_hist.details                          ? 
_refine_hist.d_res_high                       2.0980 
_refine_hist.d_res_low                        29.5420 
_refine_hist.number_atoms_solvent             88 
_refine_hist.number_atoms_total               1155 
_refine_hist.number_reflns_all                ? 
_refine_hist.number_reflns_obs                ? 
_refine_hist.number_reflns_R_free             ? 
_refine_hist.number_reflns_R_work             ? 
_refine_hist.R_factor_all                     ? 
_refine_hist.R_factor_obs                     ? 
_refine_hist.R_factor_R_free                  ? 
_refine_hist.R_factor_R_work                  ? 
_refine_hist.pdbx_number_residues_total       131 
_refine_hist.pdbx_B_iso_mean_ligand           18.22 
_refine_hist.pdbx_B_iso_mean_solvent          27.09 
_refine_hist.pdbx_number_atoms_protein        1065 
_refine_hist.pdbx_number_atoms_nucleic_acid   0 
_refine_hist.pdbx_number_atoms_ligand         2 
_refine_hist.pdbx_number_atoms_lipid          ? 
_refine_hist.pdbx_number_atoms_carb           ? 
_refine_hist.pdbx_pseudo_atom_details         ? 
# 
loop_
_refine_ls_restr.pdbx_refine_id 
_refine_ls_restr.criterion 
_refine_ls_restr.dev_ideal 
_refine_ls_restr.dev_ideal_target 
_refine_ls_restr.number 
_refine_ls_restr.rejects 
_refine_ls_restr.type 
_refine_ls_restr.weight 
_refine_ls_restr.pdbx_restraint_function 
'X-RAY DIFFRACTION' ? 0.007 ? 1086 ? f_bond_d           ? ? 
'X-RAY DIFFRACTION' ? 0.847 ? 1462 ? f_angle_d          ? ? 
'X-RAY DIFFRACTION' ? 0.056 ? 162  ? f_chiral_restr     ? ? 
'X-RAY DIFFRACTION' ? 0.005 ? 186  ? f_plane_restr      ? ? 
'X-RAY DIFFRACTION' ? 7.532 ? 665  ? f_dihedral_angle_d ? ? 
# 
loop_
_refine_ls_shell.pdbx_refine_id 
_refine_ls_shell.d_res_high 
_refine_ls_shell.d_res_low 
_refine_ls_shell.number_reflns_all 
_refine_ls_shell.number_reflns_obs 
_refine_ls_shell.number_reflns_R_free 
_refine_ls_shell.number_reflns_R_work 
_refine_ls_shell.percent_reflns_obs 
_refine_ls_shell.percent_reflns_R_free 
_refine_ls_shell.R_factor_all 
_refine_ls_shell.R_factor_obs 
_refine_ls_shell.R_factor_R_free 
_refine_ls_shell.R_factor_R_free_error 
_refine_ls_shell.R_factor_R_work 
_refine_ls_shell.redundancy_reflns_all 
_refine_ls_shell.redundancy_reflns_obs 
_refine_ls_shell.wR_factor_all 
_refine_ls_shell.wR_factor_obs 
_refine_ls_shell.wR_factor_R_free 
_refine_ls_shell.wR_factor_R_work 
_refine_ls_shell.pdbx_total_number_of_bins_used 
_refine_ls_shell.pdbx_phase_error 
_refine_ls_shell.pdbx_fsc_work 
_refine_ls_shell.pdbx_fsc_free 
'X-RAY DIFFRACTION' 2.0980 2.1467  . . 142 1315 100.0000 . . . 0.2363 0.0000 0.2018 . . . . . . . . . . 
'X-RAY DIFFRACTION' 2.1467 2.2003  . . 135 1234 96.0000  . . . 0.2883 0.0000 0.2137 . . . . . . . . . . 
'X-RAY DIFFRACTION' 2.2003 2.2598  . . 145 1289 100.0000 . . . 0.3097 0.0000 0.2418 . . . . . . . . . . 
'X-RAY DIFFRACTION' 2.2598 2.3263  . . 139 1254 97.0000  . . . 0.2500 0.0000 0.2074 . . . . . . . . . . 
'X-RAY DIFFRACTION' 2.3263 2.4013  . . 139 1287 99.0000  . . . 0.2892 0.0000 0.2118 . . . . . . . . . . 
'X-RAY DIFFRACTION' 2.4013 2.4871  . . 145 1279 100.0000 . . . 0.2457 0.0000 0.1919 . . . . . . . . . . 
'X-RAY DIFFRACTION' 2.4871 2.5866  . . 148 1297 100.0000 . . . 0.2137 0.0000 0.1989 . . . . . . . . . . 
'X-RAY DIFFRACTION' 2.5866 2.7043  . . 140 1299 100.0000 . . . 0.2291 0.0000 0.1897 . . . . . . . . . . 
'X-RAY DIFFRACTION' 2.7043 2.8467  . . 144 1282 100.0000 . . . 0.2438 0.0000 0.1995 . . . . . . . . . . 
'X-RAY DIFFRACTION' 2.8467 3.0249  . . 145 1295 100.0000 . . . 0.2559 0.0000 0.2043 . . . . . . . . . . 
'X-RAY DIFFRACTION' 3.0249 3.2582  . . 150 1298 100.0000 . . . 0.2450 0.0000 0.1973 . . . . . . . . . . 
'X-RAY DIFFRACTION' 3.2582 3.5856  . . 142 1274 98.0000  . . . 0.2520 0.0000 0.2016 . . . . . . . . . . 
'X-RAY DIFFRACTION' 3.5856 4.1033  . . 148 1266 99.0000  . . . 0.2086 0.0000 0.1755 . . . . . . . . . . 
'X-RAY DIFFRACTION' 4.1033 5.1652  . . 146 1298 100.0000 . . . 0.2018 0.0000 0.1577 . . . . . . . . . . 
'X-RAY DIFFRACTION' 5.1652 29.5444 . . 144 1275 98.0000  . . . 0.2173 0.0000 0.2062 . . . . . . . . . . 
# 
_struct.entry_id                     6KHU 
_struct.title                        'The crystal structure of a DGC protein from Thermotoga maritima' 
_struct.pdbx_model_details           ? 
_struct.pdbx_formula_weight          ? 
_struct.pdbx_formula_weight_method   ? 
_struct.pdbx_model_type_details      ? 
_struct.pdbx_CASP_flag               N 
# 
_struct_keywords.entry_id        6KHU 
_struct_keywords.text            'Putative diguanylate cyclase, CYTOSOLIC PROTEIN' 
_struct_keywords.pdbx_keywords   'CYTOSOLIC PROTEIN' 
# 
loop_
_struct_asym.id 
_struct_asym.pdbx_blank_PDB_chainid_flag 
_struct_asym.pdbx_modified 
_struct_asym.entity_id 
_struct_asym.details 
A N N 1 ? 
B N N 2 ? 
C N N 2 ? 
D N N 3 ? 
# 
_struct_ref.id                         1 
_struct_ref.db_name                    UNP 
_struct_ref.db_code                    R4NMR2_THEMA 
_struct_ref.pdbx_db_accession          R4NMR2 
_struct_ref.pdbx_db_isoform            ? 
_struct_ref.entity_id                  1 
_struct_ref.pdbx_seq_one_letter_code   
;DPLTRVYAKDHFLRLLSYQHQRAFEENTPYTIFFVKTKVSKNEREKALMKIGKILKECVRVPLDSVGRYSDDTFALFVIG
VGKETAPNIEERIKNHIESIGGIEYSIAYKSYPEDFMDLEKAILDLEKAVA
;
_struct_ref.pdbx_align_begin           60 
# 
_struct_ref_seq.align_id                      1 
_struct_ref_seq.ref_id                        1 
_struct_ref_seq.pdbx_PDB_id_code              6KHU 
_struct_ref_seq.pdbx_strand_id                A 
_struct_ref_seq.seq_align_beg                 1 
_struct_ref_seq.pdbx_seq_align_beg_ins_code   ? 
_struct_ref_seq.seq_align_end                 131 
_struct_ref_seq.pdbx_seq_align_end_ins_code   ? 
_struct_ref_seq.pdbx_db_accession             R4NMR2 
_struct_ref_seq.db_align_beg                  60 
_struct_ref_seq.pdbx_db_align_beg_ins_code    ? 
_struct_ref_seq.db_align_end                  190 
_struct_ref_seq.pdbx_db_align_end_ins_code    ? 
_struct_ref_seq.pdbx_auth_seq_align_beg       60 
_struct_ref_seq.pdbx_auth_seq_align_end       190 
# 
_pdbx_struct_assembly.id                   1 
_pdbx_struct_assembly.details              author_and_software_defined_assembly 
_pdbx_struct_assembly.method_details       PISA 
_pdbx_struct_assembly.oligomeric_details   monomeric 
_pdbx_struct_assembly.oligomeric_count     1 
# 
loop_
_pdbx_struct_assembly_prop.biol_id 
_pdbx_struct_assembly_prop.type 
_pdbx_struct_assembly_prop.value 
_pdbx_struct_assembly_prop.details 
1 'ABSA (A^2)' 70   ? 
1 MORE         -20  ? 
1 'SSA (A^2)'  7400 ? 
# 
_pdbx_struct_assembly_gen.assembly_id       1 
_pdbx_struct_assembly_gen.oper_expression   1 
_pdbx_struct_assembly_gen.asym_id_list      A,B,C,D 
# 
_pdbx_struct_assembly_auth_evidence.id                     1 
_pdbx_struct_assembly_auth_evidence.assembly_id            1 
_pdbx_struct_assembly_auth_evidence.experimental_support   none 
_pdbx_struct_assembly_auth_evidence.details                ? 
# 
_pdbx_struct_oper_list.id                   1 
_pdbx_struct_oper_list.type                 'identity operation' 
_pdbx_struct_oper_list.name                 1_555 
_pdbx_struct_oper_list.symmetry_operation   x,y,z 
_pdbx_struct_oper_list.matrix[1][1]         1.0000000000 
_pdbx_struct_oper_list.matrix[1][2]         0.0000000000 
_pdbx_struct_oper_list.matrix[1][3]         0.0000000000 
_pdbx_struct_oper_list.vector[1]            0.0000000000 
_pdbx_struct_oper_list.matrix[2][1]         0.0000000000 
_pdbx_struct_oper_list.matrix[2][2]         1.0000000000 
_pdbx_struct_oper_list.matrix[2][3]         0.0000000000 
_pdbx_struct_oper_list.vector[2]            0.0000000000 
_pdbx_struct_oper_list.matrix[3][1]         0.0000000000 
_pdbx_struct_oper_list.matrix[3][2]         0.0000000000 
_pdbx_struct_oper_list.matrix[3][3]         1.0000000000 
_pdbx_struct_oper_list.vector[3]            0.0000000000 
# 
loop_
_struct_conf.conf_type_id 
_struct_conf.id 
_struct_conf.pdbx_PDB_helix_id 
_struct_conf.beg_label_comp_id 
_struct_conf.beg_label_asym_id 
_struct_conf.beg_label_seq_id 
_struct_conf.pdbx_beg_PDB_ins_code 
_struct_conf.end_label_comp_id 
_struct_conf.end_label_asym_id 
_struct_conf.end_label_seq_id 
_struct_conf.pdbx_end_PDB_ins_code 
_struct_conf.beg_auth_comp_id 
_struct_conf.beg_auth_asym_id 
_struct_conf.beg_auth_seq_id 
_struct_conf.end_auth_comp_id 
_struct_conf.end_auth_asym_id 
_struct_conf.end_auth_seq_id 
_struct_conf.pdbx_PDB_helix_class 
_struct_conf.details 
_struct_conf.pdbx_PDB_helix_length 
HELX_P HELX_P1 AA1 ASP A 1   ? ARG A 5   ? ASP A 60  ARG A 64  5 ? 5  
HELX_P HELX_P2 AA2 LYS A 9   ? ASN A 27  ? LYS A 68  ASN A 86  1 ? 19 
HELX_P HELX_P3 AA3 SER A 40  ? CYS A 58  ? SER A 99  CYS A 117 1 ? 19 
HELX_P HELX_P4 AA4 THR A 85  ? GLY A 101 ? THR A 144 GLY A 160 1 ? 17 
HELX_P HELX_P5 AA5 ASP A 118 ? ALA A 131 ? ASP A 177 ALA A 190 1 ? 14 
# 
_struct_conf_type.id          HELX_P 
_struct_conf_type.criteria    ? 
_struct_conf_type.reference   ? 
# 
loop_
_struct_conn.id 
_struct_conn.conn_type_id 
_struct_conn.pdbx_leaving_atom_flag 
_struct_conn.pdbx_PDB_id 
_struct_conn.ptnr1_label_asym_id 
_struct_conn.ptnr1_label_comp_id 
_struct_conn.ptnr1_label_seq_id 
_struct_conn.ptnr1_label_atom_id 
_struct_conn.pdbx_ptnr1_label_alt_id 
_struct_conn.pdbx_ptnr1_PDB_ins_code 
_struct_conn.pdbx_ptnr1_standard_comp_id 
_struct_conn.ptnr1_symmetry 
_struct_conn.ptnr2_label_asym_id 
_struct_conn.ptnr2_label_comp_id 
_struct_conn.ptnr2_label_seq_id 
_struct_conn.ptnr2_label_atom_id 
_struct_conn.pdbx_ptnr2_label_alt_id 
_struct_conn.pdbx_ptnr2_PDB_ins_code 
_struct_conn.ptnr1_auth_asym_id 
_struct_conn.ptnr1_auth_comp_id 
_struct_conn.ptnr1_auth_seq_id 
_struct_conn.ptnr2_auth_asym_id 
_struct_conn.ptnr2_auth_comp_id 
_struct_conn.ptnr2_auth_seq_id 
_struct_conn.ptnr2_symmetry 
_struct_conn.pdbx_ptnr3_label_atom_id 
_struct_conn.pdbx_ptnr3_label_seq_id 
_struct_conn.pdbx_ptnr3_label_comp_id 
_struct_conn.pdbx_ptnr3_label_asym_id 
_struct_conn.pdbx_ptnr3_label_alt_id 
_struct_conn.pdbx_ptnr3_PDB_ins_code 
_struct_conn.details 
_struct_conn.pdbx_dist_value 
_struct_conn.pdbx_value_order 
_struct_conn.pdbx_role 
covale1 covale both ? A LEU 48  C   ? ? ? 1_555 A MSE 49  N  ? ? A LEU 107 A MSE 108 1_555 ? ? ? ? ? ? ? 1.328 ? ? 
covale2 covale both ? A MSE 49  C   ? ? ? 1_555 A LYS 50  N  ? ? A MSE 108 A LYS 109 1_555 ? ? ? ? ? ? ? 1.340 ? ? 
covale3 covale both ? A PHE 116 C   ? ? ? 1_555 A MSE 117 N  ? ? A PHE 175 A MSE 176 1_555 ? ? ? ? ? ? ? 1.326 ? ? 
covale4 covale both ? A MSE 117 C   ? ? ? 1_555 A ASP 118 N  ? ? A MSE 176 A ASP 177 1_555 ? ? ? ? ? ? ? 1.330 ? ? 
metalc1 metalc ?    ? A HIS 11  ND1 ? ? ? 1_555 B ZN  .   ZN ? ? A HIS 70  A ZN  201 4_545 ? ? ? ? ? ? ? 2.139 ? ? 
metalc2 metalc ?    ? A GLU 25  OE1 ? ? ? 1_555 C ZN  .   ZN ? ? A GLU 84  A ZN  202 6_445 ? ? ? ? ? ? ? 1.993 ? ? 
metalc3 metalc ?    ? A GLU 57  OE1 ? ? ? 1_555 C ZN  .   ZN ? ? A GLU 116 A ZN  202 1_555 ? ? ? ? ? ? ? 2.020 ? ? 
metalc4 metalc ?    ? A HIS 96  NE2 ? ? ? 1_555 C ZN  .   ZN ? ? A HIS 155 A ZN  202 1_555 ? ? ? ? ? ? ? 2.026 ? ? 
metalc5 metalc ?    ? A ASP 118 OD2 ? ? ? 1_555 B ZN  .   ZN ? ? A ASP 177 A ZN  201 1_555 ? ? ? ? ? ? ? 1.947 ? ? 
metalc6 metalc ?    ? B ZN  .   ZN  ? ? ? 1_555 D HOH .   O  ? ? A ZN  201 A HOH 361 3_444 ? ? ? ? ? ? ? 2.143 ? ? 
metalc7 metalc ?    ? B ZN  .   ZN  ? ? ? 1_555 D HOH .   O  ? ? A ZN  201 A HOH 371 1_555 ? ? ? ? ? ? ? 2.269 ? ? 
metalc8 metalc ?    ? C ZN  .   ZN  ? ? ? 1_555 D HOH .   O  ? ? A ZN  202 A HOH 354 6_545 ? ? ? ? ? ? ? 2.125 ? ? 
# 
loop_
_struct_conn_type.id 
_struct_conn_type.criteria 
_struct_conn_type.reference 
covale ? ? 
metalc ? ? 
# 
loop_
_pdbx_struct_conn_angle.id 
_pdbx_struct_conn_angle.ptnr1_label_atom_id 
_pdbx_struct_conn_angle.ptnr1_label_alt_id 
_pdbx_struct_conn_angle.ptnr1_label_asym_id 
_pdbx_struct_conn_angle.ptnr1_label_comp_id 
_pdbx_struct_conn_angle.ptnr1_label_seq_id 
_pdbx_struct_conn_angle.ptnr1_auth_atom_id 
_pdbx_struct_conn_angle.ptnr1_auth_asym_id 
_pdbx_struct_conn_angle.ptnr1_auth_comp_id 
_pdbx_struct_conn_angle.ptnr1_auth_seq_id 
_pdbx_struct_conn_angle.ptnr1_PDB_ins_code 
_pdbx_struct_conn_angle.ptnr1_symmetry 
_pdbx_struct_conn_angle.ptnr2_label_atom_id 
_pdbx_struct_conn_angle.ptnr2_label_alt_id 
_pdbx_struct_conn_angle.ptnr2_label_asym_id 
_pdbx_struct_conn_angle.ptnr2_label_comp_id 
_pdbx_struct_conn_angle.ptnr2_label_seq_id 
_pdbx_struct_conn_angle.ptnr2_auth_atom_id 
_pdbx_struct_conn_angle.ptnr2_auth_asym_id 
_pdbx_struct_conn_angle.ptnr2_auth_comp_id 
_pdbx_struct_conn_angle.ptnr2_auth_seq_id 
_pdbx_struct_conn_angle.ptnr2_PDB_ins_code 
_pdbx_struct_conn_angle.ptnr2_symmetry 
_pdbx_struct_conn_angle.ptnr3_label_atom_id 
_pdbx_struct_conn_angle.ptnr3_label_alt_id 
_pdbx_struct_conn_angle.ptnr3_label_asym_id 
_pdbx_struct_conn_angle.ptnr3_label_comp_id 
_pdbx_struct_conn_angle.ptnr3_label_seq_id 
_pdbx_struct_conn_angle.ptnr3_auth_atom_id 
_pdbx_struct_conn_angle.ptnr3_auth_asym_id 
_pdbx_struct_conn_angle.ptnr3_auth_comp_id 
_pdbx_struct_conn_angle.ptnr3_auth_seq_id 
_pdbx_struct_conn_angle.ptnr3_PDB_ins_code 
_pdbx_struct_conn_angle.ptnr3_symmetry 
_pdbx_struct_conn_angle.value 
_pdbx_struct_conn_angle.value_esd 
1  ND1 ? A HIS 11  ? A HIS 70  ? 1_555 ZN ? B ZN . ? A ZN 201 ? 4_545 OD2 ? A ASP 118 ? A ASP 177 ? 1_555 42.7 ? 
2  ND1 ? A HIS 11  ? A HIS 70  ? 1_555 ZN ? B ZN . ? A ZN 201 ? 4_545 O   ? D HOH .   ? A HOH 361 ? 3_444 44.4 ? 
3  OD2 ? A ASP 118 ? A ASP 177 ? 1_555 ZN ? B ZN . ? A ZN 201 ? 4_545 O   ? D HOH .   ? A HOH 361 ? 3_444 6.2  ? 
4  ND1 ? A HIS 11  ? A HIS 70  ? 1_555 ZN ? B ZN . ? A ZN 201 ? 4_545 O   ? D HOH .   ? A HOH 371 ? 1_555 50.2 ? 
5  OD2 ? A ASP 118 ? A ASP 177 ? 1_555 ZN ? B ZN . ? A ZN 201 ? 4_545 O   ? D HOH .   ? A HOH 371 ? 1_555 7.5  ? 
6  O   ? D HOH .   ? A HOH 361 ? 3_444 ZN ? B ZN . ? A ZN 201 ? 4_545 O   ? D HOH .   ? A HOH 371 ? 1_555 8.4  ? 
7  OE1 ? A GLU 25  ? A GLU 84  ? 1_555 ZN ? C ZN . ? A ZN 202 ? 6_445 OE1 ? A GLU 57  ? A GLU 116 ? 1_555 76.7 ? 
8  OE1 ? A GLU 25  ? A GLU 84  ? 1_555 ZN ? C ZN . ? A ZN 202 ? 6_445 NE2 ? A HIS 96  ? A HIS 155 ? 1_555 74.2 ? 
9  OE1 ? A GLU 57  ? A GLU 116 ? 1_555 ZN ? C ZN . ? A ZN 202 ? 6_445 NE2 ? A HIS 96  ? A HIS 155 ? 1_555 4.7  ? 
10 OE1 ? A GLU 25  ? A GLU 84  ? 1_555 ZN ? C ZN . ? A ZN 202 ? 6_445 O   ? D HOH .   ? A HOH 354 ? 6_545 73.5 ? 
11 OE1 ? A GLU 57  ? A GLU 116 ? 1_555 ZN ? C ZN . ? A ZN 202 ? 6_445 O   ? D HOH .   ? A HOH 354 ? 6_545 3.6  ? 
12 NE2 ? A HIS 96  ? A HIS 155 ? 1_555 ZN ? C ZN . ? A ZN 202 ? 6_445 O   ? D HOH .   ? A HOH 354 ? 6_545 5.7  ? 
# 
loop_
_pdbx_modification_feature.ordinal 
_pdbx_modification_feature.label_comp_id 
_pdbx_modification_feature.label_asym_id 
_pdbx_modification_feature.label_seq_id 
_pdbx_modification_feature.label_alt_id 
_pdbx_modification_feature.modified_residue_label_comp_id 
_pdbx_modification_feature.modified_residue_label_asym_id 
_pdbx_modification_feature.modified_residue_label_seq_id 
_pdbx_modification_feature.modified_residue_label_alt_id 
_pdbx_modification_feature.auth_comp_id 
_pdbx_modification_feature.auth_asym_id 
_pdbx_modification_feature.auth_seq_id 
_pdbx_modification_feature.PDB_ins_code 
_pdbx_modification_feature.symmetry 
_pdbx_modification_feature.modified_residue_auth_comp_id 
_pdbx_modification_feature.modified_residue_auth_asym_id 
_pdbx_modification_feature.modified_residue_auth_seq_id 
_pdbx_modification_feature.modified_residue_PDB_ins_code 
_pdbx_modification_feature.modified_residue_symmetry 
_pdbx_modification_feature.comp_id_linking_atom 
_pdbx_modification_feature.modified_residue_id_linking_atom 
_pdbx_modification_feature.modified_residue_id 
_pdbx_modification_feature.ref_pcm_id 
_pdbx_modification_feature.ref_comp_id 
_pdbx_modification_feature.type 
_pdbx_modification_feature.category 
1 MSE A 49  ? . . . . MSE A 108 ? 1_555 . . . . . . . MET 1 MSE Selenomethionine 'Named protein modification' 
2 MSE A 117 ? . . . . MSE A 176 ? 1_555 . . . . . . . MET 1 MSE Selenomethionine 'Named protein modification' 
# 
_struct_mon_prot_cis.pdbx_id                1 
_struct_mon_prot_cis.label_comp_id          TYR 
_struct_mon_prot_cis.label_seq_id           112 
_struct_mon_prot_cis.label_asym_id          A 
_struct_mon_prot_cis.label_alt_id           . 
_struct_mon_prot_cis.pdbx_PDB_ins_code      ? 
_struct_mon_prot_cis.auth_comp_id           TYR 
_struct_mon_prot_cis.auth_seq_id            171 
_struct_mon_prot_cis.auth_asym_id           A 
_struct_mon_prot_cis.pdbx_label_comp_id_2   PRO 
_struct_mon_prot_cis.pdbx_label_seq_id_2    113 
_struct_mon_prot_cis.pdbx_label_asym_id_2   A 
_struct_mon_prot_cis.pdbx_PDB_ins_code_2    ? 
_struct_mon_prot_cis.pdbx_auth_comp_id_2    PRO 
_struct_mon_prot_cis.pdbx_auth_seq_id_2     172 
_struct_mon_prot_cis.pdbx_auth_asym_id_2    A 
_struct_mon_prot_cis.pdbx_PDB_model_num     1 
_struct_mon_prot_cis.pdbx_omega_angle       2.12 
# 
_struct_sheet.id               AA1 
_struct_sheet.type             ? 
_struct_sheet.number_strands   5 
_struct_sheet.details          ? 
# 
loop_
_struct_sheet_order.sheet_id 
_struct_sheet_order.range_id_1 
_struct_sheet_order.range_id_2 
_struct_sheet_order.offset 
_struct_sheet_order.sense 
AA1 1 2 ? parallel      
AA1 2 3 ? anti-parallel 
AA1 3 4 ? anti-parallel 
AA1 4 5 ? anti-parallel 
# 
loop_
_struct_sheet_range.sheet_id 
_struct_sheet_range.id 
_struct_sheet_range.beg_label_comp_id 
_struct_sheet_range.beg_label_asym_id 
_struct_sheet_range.beg_label_seq_id 
_struct_sheet_range.pdbx_beg_PDB_ins_code 
_struct_sheet_range.end_label_comp_id 
_struct_sheet_range.end_label_asym_id 
_struct_sheet_range.end_label_seq_id 
_struct_sheet_range.pdbx_end_PDB_ins_code 
_struct_sheet_range.beg_auth_comp_id 
_struct_sheet_range.beg_auth_asym_id 
_struct_sheet_range.beg_auth_seq_id 
_struct_sheet_range.end_auth_comp_id 
_struct_sheet_range.end_auth_asym_id 
_struct_sheet_range.end_auth_seq_id 
AA1 1 TYR A 7   ? ALA A 8   ? TYR A 66  ALA A 67  
AA1 2 SER A 65  ? ARG A 68  ? SER A 124 ARG A 127 
AA1 3 THR A 73  ? ILE A 79  ? THR A 132 ILE A 138 
AA1 4 TYR A 30  ? THR A 37  ? TYR A 89  THR A 96  
AA1 5 TYR A 105 ? TYR A 112 ? TYR A 164 TYR A 171 
# 
loop_
_pdbx_struct_sheet_hbond.sheet_id 
_pdbx_struct_sheet_hbond.range_id_1 
_pdbx_struct_sheet_hbond.range_id_2 
_pdbx_struct_sheet_hbond.range_1_label_atom_id 
_pdbx_struct_sheet_hbond.range_1_label_comp_id 
_pdbx_struct_sheet_hbond.range_1_label_asym_id 
_pdbx_struct_sheet_hbond.range_1_label_seq_id 
_pdbx_struct_sheet_hbond.range_1_PDB_ins_code 
_pdbx_struct_sheet_hbond.range_1_auth_atom_id 
_pdbx_struct_sheet_hbond.range_1_auth_comp_id 
_pdbx_struct_sheet_hbond.range_1_auth_asym_id 
_pdbx_struct_sheet_hbond.range_1_auth_seq_id 
_pdbx_struct_sheet_hbond.range_2_label_atom_id 
_pdbx_struct_sheet_hbond.range_2_label_comp_id 
_pdbx_struct_sheet_hbond.range_2_label_asym_id 
_pdbx_struct_sheet_hbond.range_2_label_seq_id 
_pdbx_struct_sheet_hbond.range_2_PDB_ins_code 
_pdbx_struct_sheet_hbond.range_2_auth_atom_id 
_pdbx_struct_sheet_hbond.range_2_auth_comp_id 
_pdbx_struct_sheet_hbond.range_2_auth_asym_id 
_pdbx_struct_sheet_hbond.range_2_auth_seq_id 
AA1 1 2 N TYR A 7  ? N TYR A 66  O ARG A 68  ? O ARG A 127 
AA1 2 3 N GLY A 67 ? N GLY A 126 O ALA A 75  ? O ALA A 134 
AA1 3 4 O LEU A 76 ? O LEU A 135 N PHE A 33  ? N PHE A 92  
AA1 4 5 N TYR A 30 ? N TYR A 89  O TYR A 112 ? O TYR A 171 
# 
loop_
_struct_site.id 
_struct_site.pdbx_evidence_code 
_struct_site.pdbx_auth_asym_id 
_struct_site.pdbx_auth_comp_id 
_struct_site.pdbx_auth_seq_id 
_struct_site.pdbx_auth_ins_code 
_struct_site.pdbx_num_residues 
_struct_site.details 
AC1 Software A ZN 201 ? 4 'binding site for residue ZN A 201' 
AC2 Software A ZN 202 ? 4 'binding site for residue ZN A 202' 
# 
loop_
_struct_site_gen.id 
_struct_site_gen.site_id 
_struct_site_gen.pdbx_num_res 
_struct_site_gen.label_comp_id 
_struct_site_gen.label_asym_id 
_struct_site_gen.label_seq_id 
_struct_site_gen.pdbx_auth_ins_code 
_struct_site_gen.auth_comp_id 
_struct_site_gen.auth_asym_id 
_struct_site_gen.auth_seq_id 
_struct_site_gen.label_atom_id 
_struct_site_gen.label_alt_id 
_struct_site_gen.symmetry 
_struct_site_gen.details 
1 AC1 4 HIS A 11  ? HIS A 70  . ? 3_444 ? 
2 AC1 4 ASP A 118 ? ASP A 177 . ? 1_555 ? 
3 AC1 4 HOH D .   ? HOH A 361 . ? 3_444 ? 
4 AC1 4 HOH D .   ? HOH A 371 . ? 1_555 ? 
5 AC2 4 GLU A 25  ? GLU A 84  . ? 6_545 ? 
6 AC2 4 GLU A 57  ? GLU A 116 . ? 1_555 ? 
7 AC2 4 HIS A 96  ? HIS A 155 . ? 1_555 ? 
8 AC2 4 HOH D .   ? HOH A 354 . ? 6_545 ? 
# 
_pdbx_entry_details.entry_id                   6KHU 
_pdbx_entry_details.has_ligand_of_interest     N 
_pdbx_entry_details.compound_details           ? 
_pdbx_entry_details.source_details             ? 
_pdbx_entry_details.nonpolymer_details         ? 
_pdbx_entry_details.sequence_details           ? 
_pdbx_entry_details.has_protein_modification   Y 
# 
loop_
_pdbx_validate_close_contact.id 
_pdbx_validate_close_contact.PDB_model_num 
_pdbx_validate_close_contact.auth_atom_id_1 
_pdbx_validate_close_contact.auth_asym_id_1 
_pdbx_validate_close_contact.auth_comp_id_1 
_pdbx_validate_close_contact.auth_seq_id_1 
_pdbx_validate_close_contact.PDB_ins_code_1 
_pdbx_validate_close_contact.label_alt_id_1 
_pdbx_validate_close_contact.auth_atom_id_2 
_pdbx_validate_close_contact.auth_asym_id_2 
_pdbx_validate_close_contact.auth_comp_id_2 
_pdbx_validate_close_contact.auth_seq_id_2 
_pdbx_validate_close_contact.PDB_ins_code_2 
_pdbx_validate_close_contact.label_alt_id_2 
_pdbx_validate_close_contact.dist 
1 1 SG  A CYS 117 ? ? O A HOH 375 ? ? 2.13 
2 1 NH1 A ARG 119 ? ? O A HOH 301 ? ? 2.17 
# 
loop_
_pdbx_struct_mod_residue.id 
_pdbx_struct_mod_residue.label_asym_id 
_pdbx_struct_mod_residue.label_comp_id 
_pdbx_struct_mod_residue.label_seq_id 
_pdbx_struct_mod_residue.auth_asym_id 
_pdbx_struct_mod_residue.auth_comp_id 
_pdbx_struct_mod_residue.auth_seq_id 
_pdbx_struct_mod_residue.PDB_ins_code 
_pdbx_struct_mod_residue.parent_comp_id 
_pdbx_struct_mod_residue.details 
1 A MSE 49  A MSE 108 ? MET 'modified residue' 
2 A MSE 117 A MSE 176 ? MET 'modified residue' 
# 
loop_
_chem_comp_atom.comp_id 
_chem_comp_atom.atom_id 
_chem_comp_atom.type_symbol 
_chem_comp_atom.pdbx_aromatic_flag 
_chem_comp_atom.pdbx_stereo_config 
_chem_comp_atom.pdbx_ordinal 
ALA N    N  N N 1   
ALA CA   C  N S 2   
ALA C    C  N N 3   
ALA O    O  N N 4   
ALA CB   C  N N 5   
ALA OXT  O  N N 6   
ALA H    H  N N 7   
ALA H2   H  N N 8   
ALA HA   H  N N 9   
ALA HB1  H  N N 10  
ALA HB2  H  N N 11  
ALA HB3  H  N N 12  
ALA HXT  H  N N 13  
ARG N    N  N N 14  
ARG CA   C  N S 15  
ARG C    C  N N 16  
ARG O    O  N N 17  
ARG CB   C  N N 18  
ARG CG   C  N N 19  
ARG CD   C  N N 20  
ARG NE   N  N N 21  
ARG CZ   C  N N 22  
ARG NH1  N  N N 23  
ARG NH2  N  N N 24  
ARG OXT  O  N N 25  
ARG H    H  N N 26  
ARG H2   H  N N 27  
ARG HA   H  N N 28  
ARG HB2  H  N N 29  
ARG HB3  H  N N 30  
ARG HG2  H  N N 31  
ARG HG3  H  N N 32  
ARG HD2  H  N N 33  
ARG HD3  H  N N 34  
ARG HE   H  N N 35  
ARG HH11 H  N N 36  
ARG HH12 H  N N 37  
ARG HH21 H  N N 38  
ARG HH22 H  N N 39  
ARG HXT  H  N N 40  
ASN N    N  N N 41  
ASN CA   C  N S 42  
ASN C    C  N N 43  
ASN O    O  N N 44  
ASN CB   C  N N 45  
ASN CG   C  N N 46  
ASN OD1  O  N N 47  
ASN ND2  N  N N 48  
ASN OXT  O  N N 49  
ASN H    H  N N 50  
ASN H2   H  N N 51  
ASN HA   H  N N 52  
ASN HB2  H  N N 53  
ASN HB3  H  N N 54  
ASN HD21 H  N N 55  
ASN HD22 H  N N 56  
ASN HXT  H  N N 57  
ASP N    N  N N 58  
ASP CA   C  N S 59  
ASP C    C  N N 60  
ASP O    O  N N 61  
ASP CB   C  N N 62  
ASP CG   C  N N 63  
ASP OD1  O  N N 64  
ASP OD2  O  N N 65  
ASP OXT  O  N N 66  
ASP H    H  N N 67  
ASP H2   H  N N 68  
ASP HA   H  N N 69  
ASP HB2  H  N N 70  
ASP HB3  H  N N 71  
ASP HD2  H  N N 72  
ASP HXT  H  N N 73  
CYS N    N  N N 74  
CYS CA   C  N R 75  
CYS C    C  N N 76  
CYS O    O  N N 77  
CYS CB   C  N N 78  
CYS SG   S  N N 79  
CYS OXT  O  N N 80  
CYS H    H  N N 81  
CYS H2   H  N N 82  
CYS HA   H  N N 83  
CYS HB2  H  N N 84  
CYS HB3  H  N N 85  
CYS HG   H  N N 86  
CYS HXT  H  N N 87  
GLN N    N  N N 88  
GLN CA   C  N S 89  
GLN C    C  N N 90  
GLN O    O  N N 91  
GLN CB   C  N N 92  
GLN CG   C  N N 93  
GLN CD   C  N N 94  
GLN OE1  O  N N 95  
GLN NE2  N  N N 96  
GLN OXT  O  N N 97  
GLN H    H  N N 98  
GLN H2   H  N N 99  
GLN HA   H  N N 100 
GLN HB2  H  N N 101 
GLN HB3  H  N N 102 
GLN HG2  H  N N 103 
GLN HG3  H  N N 104 
GLN HE21 H  N N 105 
GLN HE22 H  N N 106 
GLN HXT  H  N N 107 
GLU N    N  N N 108 
GLU CA   C  N S 109 
GLU C    C  N N 110 
GLU O    O  N N 111 
GLU CB   C  N N 112 
GLU CG   C  N N 113 
GLU CD   C  N N 114 
GLU OE1  O  N N 115 
GLU OE2  O  N N 116 
GLU OXT  O  N N 117 
GLU H    H  N N 118 
GLU H2   H  N N 119 
GLU HA   H  N N 120 
GLU HB2  H  N N 121 
GLU HB3  H  N N 122 
GLU HG2  H  N N 123 
GLU HG3  H  N N 124 
GLU HE2  H  N N 125 
GLU HXT  H  N N 126 
GLY N    N  N N 127 
GLY CA   C  N N 128 
GLY C    C  N N 129 
GLY O    O  N N 130 
GLY OXT  O  N N 131 
GLY H    H  N N 132 
GLY H2   H  N N 133 
GLY HA2  H  N N 134 
GLY HA3  H  N N 135 
GLY HXT  H  N N 136 
HIS N    N  N N 137 
HIS CA   C  N S 138 
HIS C    C  N N 139 
HIS O    O  N N 140 
HIS CB   C  N N 141 
HIS CG   C  Y N 142 
HIS ND1  N  Y N 143 
HIS CD2  C  Y N 144 
HIS CE1  C  Y N 145 
HIS NE2  N  Y N 146 
HIS OXT  O  N N 147 
HIS H    H  N N 148 
HIS H2   H  N N 149 
HIS HA   H  N N 150 
HIS HB2  H  N N 151 
HIS HB3  H  N N 152 
HIS HD1  H  N N 153 
HIS HD2  H  N N 154 
HIS HE1  H  N N 155 
HIS HE2  H  N N 156 
HIS HXT  H  N N 157 
HOH O    O  N N 158 
HOH H1   H  N N 159 
HOH H2   H  N N 160 
ILE N    N  N N 161 
ILE CA   C  N S 162 
ILE C    C  N N 163 
ILE O    O  N N 164 
ILE CB   C  N S 165 
ILE CG1  C  N N 166 
ILE CG2  C  N N 167 
ILE CD1  C  N N 168 
ILE OXT  O  N N 169 
ILE H    H  N N 170 
ILE H2   H  N N 171 
ILE HA   H  N N 172 
ILE HB   H  N N 173 
ILE HG12 H  N N 174 
ILE HG13 H  N N 175 
ILE HG21 H  N N 176 
ILE HG22 H  N N 177 
ILE HG23 H  N N 178 
ILE HD11 H  N N 179 
ILE HD12 H  N N 180 
ILE HD13 H  N N 181 
ILE HXT  H  N N 182 
LEU N    N  N N 183 
LEU CA   C  N S 184 
LEU C    C  N N 185 
LEU O    O  N N 186 
LEU CB   C  N N 187 
LEU CG   C  N N 188 
LEU CD1  C  N N 189 
LEU CD2  C  N N 190 
LEU OXT  O  N N 191 
LEU H    H  N N 192 
LEU H2   H  N N 193 
LEU HA   H  N N 194 
LEU HB2  H  N N 195 
LEU HB3  H  N N 196 
LEU HG   H  N N 197 
LEU HD11 H  N N 198 
LEU HD12 H  N N 199 
LEU HD13 H  N N 200 
LEU HD21 H  N N 201 
LEU HD22 H  N N 202 
LEU HD23 H  N N 203 
LEU HXT  H  N N 204 
LYS N    N  N N 205 
LYS CA   C  N S 206 
LYS C    C  N N 207 
LYS O    O  N N 208 
LYS CB   C  N N 209 
LYS CG   C  N N 210 
LYS CD   C  N N 211 
LYS CE   C  N N 212 
LYS NZ   N  N N 213 
LYS OXT  O  N N 214 
LYS H    H  N N 215 
LYS H2   H  N N 216 
LYS HA   H  N N 217 
LYS HB2  H  N N 218 
LYS HB3  H  N N 219 
LYS HG2  H  N N 220 
LYS HG3  H  N N 221 
LYS HD2  H  N N 222 
LYS HD3  H  N N 223 
LYS HE2  H  N N 224 
LYS HE3  H  N N 225 
LYS HZ1  H  N N 226 
LYS HZ2  H  N N 227 
LYS HZ3  H  N N 228 
LYS HXT  H  N N 229 
MSE N    N  N N 230 
MSE CA   C  N S 231 
MSE C    C  N N 232 
MSE O    O  N N 233 
MSE OXT  O  N N 234 
MSE CB   C  N N 235 
MSE CG   C  N N 236 
MSE SE   SE N N 237 
MSE CE   C  N N 238 
MSE H    H  N N 239 
MSE H2   H  N N 240 
MSE HA   H  N N 241 
MSE HXT  H  N N 242 
MSE HB2  H  N N 243 
MSE HB3  H  N N 244 
MSE HG2  H  N N 245 
MSE HG3  H  N N 246 
MSE HE1  H  N N 247 
MSE HE2  H  N N 248 
MSE HE3  H  N N 249 
PHE N    N  N N 250 
PHE CA   C  N S 251 
PHE C    C  N N 252 
PHE O    O  N N 253 
PHE CB   C  N N 254 
PHE CG   C  Y N 255 
PHE CD1  C  Y N 256 
PHE CD2  C  Y N 257 
PHE CE1  C  Y N 258 
PHE CE2  C  Y N 259 
PHE CZ   C  Y N 260 
PHE OXT  O  N N 261 
PHE H    H  N N 262 
PHE H2   H  N N 263 
PHE HA   H  N N 264 
PHE HB2  H  N N 265 
PHE HB3  H  N N 266 
PHE HD1  H  N N 267 
PHE HD2  H  N N 268 
PHE HE1  H  N N 269 
PHE HE2  H  N N 270 
PHE HZ   H  N N 271 
PHE HXT  H  N N 272 
PRO N    N  N N 273 
PRO CA   C  N S 274 
PRO C    C  N N 275 
PRO O    O  N N 276 
PRO CB   C  N N 277 
PRO CG   C  N N 278 
PRO CD   C  N N 279 
PRO OXT  O  N N 280 
PRO H    H  N N 281 
PRO HA   H  N N 282 
PRO HB2  H  N N 283 
PRO HB3  H  N N 284 
PRO HG2  H  N N 285 
PRO HG3  H  N N 286 
PRO HD2  H  N N 287 
PRO HD3  H  N N 288 
PRO HXT  H  N N 289 
SER N    N  N N 290 
SER CA   C  N S 291 
SER C    C  N N 292 
SER O    O  N N 293 
SER CB   C  N N 294 
SER OG   O  N N 295 
SER OXT  O  N N 296 
SER H    H  N N 297 
SER H2   H  N N 298 
SER HA   H  N N 299 
SER HB2  H  N N 300 
SER HB3  H  N N 301 
SER HG   H  N N 302 
SER HXT  H  N N 303 
THR N    N  N N 304 
THR CA   C  N S 305 
THR C    C  N N 306 
THR O    O  N N 307 
THR CB   C  N R 308 
THR OG1  O  N N 309 
THR CG2  C  N N 310 
THR OXT  O  N N 311 
THR H    H  N N 312 
THR H2   H  N N 313 
THR HA   H  N N 314 
THR HB   H  N N 315 
THR HG1  H  N N 316 
THR HG21 H  N N 317 
THR HG22 H  N N 318 
THR HG23 H  N N 319 
THR HXT  H  N N 320 
TYR N    N  N N 321 
TYR CA   C  N S 322 
TYR C    C  N N 323 
TYR O    O  N N 324 
TYR CB   C  N N 325 
TYR CG   C  Y N 326 
TYR CD1  C  Y N 327 
TYR CD2  C  Y N 328 
TYR CE1  C  Y N 329 
TYR CE2  C  Y N 330 
TYR CZ   C  Y N 331 
TYR OH   O  N N 332 
TYR OXT  O  N N 333 
TYR H    H  N N 334 
TYR H2   H  N N 335 
TYR HA   H  N N 336 
TYR HB2  H  N N 337 
TYR HB3  H  N N 338 
TYR HD1  H  N N 339 
TYR HD2  H  N N 340 
TYR HE1  H  N N 341 
TYR HE2  H  N N 342 
TYR HH   H  N N 343 
TYR HXT  H  N N 344 
VAL N    N  N N 345 
VAL CA   C  N S 346 
VAL C    C  N N 347 
VAL O    O  N N 348 
VAL CB   C  N N 349 
VAL CG1  C  N N 350 
VAL CG2  C  N N 351 
VAL OXT  O  N N 352 
VAL H    H  N N 353 
VAL H2   H  N N 354 
VAL HA   H  N N 355 
VAL HB   H  N N 356 
VAL HG11 H  N N 357 
VAL HG12 H  N N 358 
VAL HG13 H  N N 359 
VAL HG21 H  N N 360 
VAL HG22 H  N N 361 
VAL HG23 H  N N 362 
VAL HXT  H  N N 363 
ZN  ZN   ZN N N 364 
# 
loop_
_chem_comp_bond.comp_id 
_chem_comp_bond.atom_id_1 
_chem_comp_bond.atom_id_2 
_chem_comp_bond.value_order 
_chem_comp_bond.pdbx_aromatic_flag 
_chem_comp_bond.pdbx_stereo_config 
_chem_comp_bond.pdbx_ordinal 
ALA N   CA   sing N N 1   
ALA N   H    sing N N 2   
ALA N   H2   sing N N 3   
ALA CA  C    sing N N 4   
ALA CA  CB   sing N N 5   
ALA CA  HA   sing N N 6   
ALA C   O    doub N N 7   
ALA C   OXT  sing N N 8   
ALA CB  HB1  sing N N 9   
ALA CB  HB2  sing N N 10  
ALA CB  HB3  sing N N 11  
ALA OXT HXT  sing N N 12  
ARG N   CA   sing N N 13  
ARG N   H    sing N N 14  
ARG N   H2   sing N N 15  
ARG CA  C    sing N N 16  
ARG CA  CB   sing N N 17  
ARG CA  HA   sing N N 18  
ARG C   O    doub N N 19  
ARG C   OXT  sing N N 20  
ARG CB  CG   sing N N 21  
ARG CB  HB2  sing N N 22  
ARG CB  HB3  sing N N 23  
ARG CG  CD   sing N N 24  
ARG CG  HG2  sing N N 25  
ARG CG  HG3  sing N N 26  
ARG CD  NE   sing N N 27  
ARG CD  HD2  sing N N 28  
ARG CD  HD3  sing N N 29  
ARG NE  CZ   sing N N 30  
ARG NE  HE   sing N N 31  
ARG CZ  NH1  sing N N 32  
ARG CZ  NH2  doub N N 33  
ARG NH1 HH11 sing N N 34  
ARG NH1 HH12 sing N N 35  
ARG NH2 HH21 sing N N 36  
ARG NH2 HH22 sing N N 37  
ARG OXT HXT  sing N N 38  
ASN N   CA   sing N N 39  
ASN N   H    sing N N 40  
ASN N   H2   sing N N 41  
ASN CA  C    sing N N 42  
ASN CA  CB   sing N N 43  
ASN CA  HA   sing N N 44  
ASN C   O    doub N N 45  
ASN C   OXT  sing N N 46  
ASN CB  CG   sing N N 47  
ASN CB  HB2  sing N N 48  
ASN CB  HB3  sing N N 49  
ASN CG  OD1  doub N N 50  
ASN CG  ND2  sing N N 51  
ASN ND2 HD21 sing N N 52  
ASN ND2 HD22 sing N N 53  
ASN OXT HXT  sing N N 54  
ASP N   CA   sing N N 55  
ASP N   H    sing N N 56  
ASP N   H2   sing N N 57  
ASP CA  C    sing N N 58  
ASP CA  CB   sing N N 59  
ASP CA  HA   sing N N 60  
ASP C   O    doub N N 61  
ASP C   OXT  sing N N 62  
ASP CB  CG   sing N N 63  
ASP CB  HB2  sing N N 64  
ASP CB  HB3  sing N N 65  
ASP CG  OD1  doub N N 66  
ASP CG  OD2  sing N N 67  
ASP OD2 HD2  sing N N 68  
ASP OXT HXT  sing N N 69  
CYS N   CA   sing N N 70  
CYS N   H    sing N N 71  
CYS N   H2   sing N N 72  
CYS CA  C    sing N N 73  
CYS CA  CB   sing N N 74  
CYS CA  HA   sing N N 75  
CYS C   O    doub N N 76  
CYS C   OXT  sing N N 77  
CYS CB  SG   sing N N 78  
CYS CB  HB2  sing N N 79  
CYS CB  HB3  sing N N 80  
CYS SG  HG   sing N N 81  
CYS OXT HXT  sing N N 82  
GLN N   CA   sing N N 83  
GLN N   H    sing N N 84  
GLN N   H2   sing N N 85  
GLN CA  C    sing N N 86  
GLN CA  CB   sing N N 87  
GLN CA  HA   sing N N 88  
GLN C   O    doub N N 89  
GLN C   OXT  sing N N 90  
GLN CB  CG   sing N N 91  
GLN CB  HB2  sing N N 92  
GLN CB  HB3  sing N N 93  
GLN CG  CD   sing N N 94  
GLN CG  HG2  sing N N 95  
GLN CG  HG3  sing N N 96  
GLN CD  OE1  doub N N 97  
GLN CD  NE2  sing N N 98  
GLN NE2 HE21 sing N N 99  
GLN NE2 HE22 sing N N 100 
GLN OXT HXT  sing N N 101 
GLU N   CA   sing N N 102 
GLU N   H    sing N N 103 
GLU N   H2   sing N N 104 
GLU CA  C    sing N N 105 
GLU CA  CB   sing N N 106 
GLU CA  HA   sing N N 107 
GLU C   O    doub N N 108 
GLU C   OXT  sing N N 109 
GLU CB  CG   sing N N 110 
GLU CB  HB2  sing N N 111 
GLU CB  HB3  sing N N 112 
GLU CG  CD   sing N N 113 
GLU CG  HG2  sing N N 114 
GLU CG  HG3  sing N N 115 
GLU CD  OE1  doub N N 116 
GLU CD  OE2  sing N N 117 
GLU OE2 HE2  sing N N 118 
GLU OXT HXT  sing N N 119 
GLY N   CA   sing N N 120 
GLY N   H    sing N N 121 
GLY N   H2   sing N N 122 
GLY CA  C    sing N N 123 
GLY CA  HA2  sing N N 124 
GLY CA  HA3  sing N N 125 
GLY C   O    doub N N 126 
GLY C   OXT  sing N N 127 
GLY OXT HXT  sing N N 128 
HIS N   CA   sing N N 129 
HIS N   H    sing N N 130 
HIS N   H2   sing N N 131 
HIS CA  C    sing N N 132 
HIS CA  CB   sing N N 133 
HIS CA  HA   sing N N 134 
HIS C   O    doub N N 135 
HIS C   OXT  sing N N 136 
HIS CB  CG   sing N N 137 
HIS CB  HB2  sing N N 138 
HIS CB  HB3  sing N N 139 
HIS CG  ND1  sing Y N 140 
HIS CG  CD2  doub Y N 141 
HIS ND1 CE1  doub Y N 142 
HIS ND1 HD1  sing N N 143 
HIS CD2 NE2  sing Y N 144 
HIS CD2 HD2  sing N N 145 
HIS CE1 NE2  sing Y N 146 
HIS CE1 HE1  sing N N 147 
HIS NE2 HE2  sing N N 148 
HIS OXT HXT  sing N N 149 
HOH O   H1   sing N N 150 
HOH O   H2   sing N N 151 
ILE N   CA   sing N N 152 
ILE N   H    sing N N 153 
ILE N   H2   sing N N 154 
ILE CA  C    sing N N 155 
ILE CA  CB   sing N N 156 
ILE CA  HA   sing N N 157 
ILE C   O    doub N N 158 
ILE C   OXT  sing N N 159 
ILE CB  CG1  sing N N 160 
ILE CB  CG2  sing N N 161 
ILE CB  HB   sing N N 162 
ILE CG1 CD1  sing N N 163 
ILE CG1 HG12 sing N N 164 
ILE CG1 HG13 sing N N 165 
ILE CG2 HG21 sing N N 166 
ILE CG2 HG22 sing N N 167 
ILE CG2 HG23 sing N N 168 
ILE CD1 HD11 sing N N 169 
ILE CD1 HD12 sing N N 170 
ILE CD1 HD13 sing N N 171 
ILE OXT HXT  sing N N 172 
LEU N   CA   sing N N 173 
LEU N   H    sing N N 174 
LEU N   H2   sing N N 175 
LEU CA  C    sing N N 176 
LEU CA  CB   sing N N 177 
LEU CA  HA   sing N N 178 
LEU C   O    doub N N 179 
LEU C   OXT  sing N N 180 
LEU CB  CG   sing N N 181 
LEU CB  HB2  sing N N 182 
LEU CB  HB3  sing N N 183 
LEU CG  CD1  sing N N 184 
LEU CG  CD2  sing N N 185 
LEU CG  HG   sing N N 186 
LEU CD1 HD11 sing N N 187 
LEU CD1 HD12 sing N N 188 
LEU CD1 HD13 sing N N 189 
LEU CD2 HD21 sing N N 190 
LEU CD2 HD22 sing N N 191 
LEU CD2 HD23 sing N N 192 
LEU OXT HXT  sing N N 193 
LYS N   CA   sing N N 194 
LYS N   H    sing N N 195 
LYS N   H2   sing N N 196 
LYS CA  C    sing N N 197 
LYS CA  CB   sing N N 198 
LYS CA  HA   sing N N 199 
LYS C   O    doub N N 200 
LYS C   OXT  sing N N 201 
LYS CB  CG   sing N N 202 
LYS CB  HB2  sing N N 203 
LYS CB  HB3  sing N N 204 
LYS CG  CD   sing N N 205 
LYS CG  HG2  sing N N 206 
LYS CG  HG3  sing N N 207 
LYS CD  CE   sing N N 208 
LYS CD  HD2  sing N N 209 
LYS CD  HD3  sing N N 210 
LYS CE  NZ   sing N N 211 
LYS CE  HE2  sing N N 212 
LYS CE  HE3  sing N N 213 
LYS NZ  HZ1  sing N N 214 
LYS NZ  HZ2  sing N N 215 
LYS NZ  HZ3  sing N N 216 
LYS OXT HXT  sing N N 217 
MSE N   CA   sing N N 218 
MSE N   H    sing N N 219 
MSE N   H2   sing N N 220 
MSE CA  C    sing N N 221 
MSE CA  CB   sing N N 222 
MSE CA  HA   sing N N 223 
MSE C   O    doub N N 224 
MSE C   OXT  sing N N 225 
MSE OXT HXT  sing N N 226 
MSE CB  CG   sing N N 227 
MSE CB  HB2  sing N N 228 
MSE CB  HB3  sing N N 229 
MSE CG  SE   sing N N 230 
MSE CG  HG2  sing N N 231 
MSE CG  HG3  sing N N 232 
MSE SE  CE   sing N N 233 
MSE CE  HE1  sing N N 234 
MSE CE  HE2  sing N N 235 
MSE CE  HE3  sing N N 236 
PHE N   CA   sing N N 237 
PHE N   H    sing N N 238 
PHE N   H2   sing N N 239 
PHE CA  C    sing N N 240 
PHE CA  CB   sing N N 241 
PHE CA  HA   sing N N 242 
PHE C   O    doub N N 243 
PHE C   OXT  sing N N 244 
PHE CB  CG   sing N N 245 
PHE CB  HB2  sing N N 246 
PHE CB  HB3  sing N N 247 
PHE CG  CD1  doub Y N 248 
PHE CG  CD2  sing Y N 249 
PHE CD1 CE1  sing Y N 250 
PHE CD1 HD1  sing N N 251 
PHE CD2 CE2  doub Y N 252 
PHE CD2 HD2  sing N N 253 
PHE CE1 CZ   doub Y N 254 
PHE CE1 HE1  sing N N 255 
PHE CE2 CZ   sing Y N 256 
PHE CE2 HE2  sing N N 257 
PHE CZ  HZ   sing N N 258 
PHE OXT HXT  sing N N 259 
PRO N   CA   sing N N 260 
PRO N   CD   sing N N 261 
PRO N   H    sing N N 262 
PRO CA  C    sing N N 263 
PRO CA  CB   sing N N 264 
PRO CA  HA   sing N N 265 
PRO C   O    doub N N 266 
PRO C   OXT  sing N N 267 
PRO CB  CG   sing N N 268 
PRO CB  HB2  sing N N 269 
PRO CB  HB3  sing N N 270 
PRO CG  CD   sing N N 271 
PRO CG  HG2  sing N N 272 
PRO CG  HG3  sing N N 273 
PRO CD  HD2  sing N N 274 
PRO CD  HD3  sing N N 275 
PRO OXT HXT  sing N N 276 
SER N   CA   sing N N 277 
SER N   H    sing N N 278 
SER N   H2   sing N N 279 
SER CA  C    sing N N 280 
SER CA  CB   sing N N 281 
SER CA  HA   sing N N 282 
SER C   O    doub N N 283 
SER C   OXT  sing N N 284 
SER CB  OG   sing N N 285 
SER CB  HB2  sing N N 286 
SER CB  HB3  sing N N 287 
SER OG  HG   sing N N 288 
SER OXT HXT  sing N N 289 
THR N   CA   sing N N 290 
THR N   H    sing N N 291 
THR N   H2   sing N N 292 
THR CA  C    sing N N 293 
THR CA  CB   sing N N 294 
THR CA  HA   sing N N 295 
THR C   O    doub N N 296 
THR C   OXT  sing N N 297 
THR CB  OG1  sing N N 298 
THR CB  CG2  sing N N 299 
THR CB  HB   sing N N 300 
THR OG1 HG1  sing N N 301 
THR CG2 HG21 sing N N 302 
THR CG2 HG22 sing N N 303 
THR CG2 HG23 sing N N 304 
THR OXT HXT  sing N N 305 
TYR N   CA   sing N N 306 
TYR N   H    sing N N 307 
TYR N   H2   sing N N 308 
TYR CA  C    sing N N 309 
TYR CA  CB   sing N N 310 
TYR CA  HA   sing N N 311 
TYR C   O    doub N N 312 
TYR C   OXT  sing N N 313 
TYR CB  CG   sing N N 314 
TYR CB  HB2  sing N N 315 
TYR CB  HB3  sing N N 316 
TYR CG  CD1  doub Y N 317 
TYR CG  CD2  sing Y N 318 
TYR CD1 CE1  sing Y N 319 
TYR CD1 HD1  sing N N 320 
TYR CD2 CE2  doub Y N 321 
TYR CD2 HD2  sing N N 322 
TYR CE1 CZ   doub Y N 323 
TYR CE1 HE1  sing N N 324 
TYR CE2 CZ   sing Y N 325 
TYR CE2 HE2  sing N N 326 
TYR CZ  OH   sing N N 327 
TYR OH  HH   sing N N 328 
TYR OXT HXT  sing N N 329 
VAL N   CA   sing N N 330 
VAL N   H    sing N N 331 
VAL N   H2   sing N N 332 
VAL CA  C    sing N N 333 
VAL CA  CB   sing N N 334 
VAL CA  HA   sing N N 335 
VAL C   O    doub N N 336 
VAL C   OXT  sing N N 337 
VAL CB  CG1  sing N N 338 
VAL CB  CG2  sing N N 339 
VAL CB  HB   sing N N 340 
VAL CG1 HG11 sing N N 341 
VAL CG1 HG12 sing N N 342 
VAL CG1 HG13 sing N N 343 
VAL CG2 HG21 sing N N 344 
VAL CG2 HG22 sing N N 345 
VAL CG2 HG23 sing N N 346 
VAL OXT HXT  sing N N 347 
# 
_atom_sites.entry_id                    6KHU 
_atom_sites.Cartn_transf_matrix[1][1]   ? 
_atom_sites.Cartn_transf_matrix[1][2]   ? 
_atom_sites.Cartn_transf_matrix[1][3]   ? 
_atom_sites.Cartn_transf_matrix[2][1]   ? 
_atom_sites.Cartn_transf_matrix[2][2]   ? 
_atom_sites.Cartn_transf_matrix[2][3]   ? 
_atom_sites.Cartn_transf_matrix[3][1]   ? 
_atom_sites.Cartn_transf_matrix[3][2]   ? 
_atom_sites.Cartn_transf_matrix[3][3]   ? 
_atom_sites.Cartn_transf_vector[1]      ? 
_atom_sites.Cartn_transf_vector[2]      ? 
_atom_sites.Cartn_transf_vector[3]      ? 
_atom_sites.fract_transf_matrix[1][1]   0.01139560 
_atom_sites.fract_transf_matrix[1][2]   0.00926203 
_atom_sites.fract_transf_matrix[1][3]   0.00710186 
_atom_sites.fract_transf_matrix[2][1]   0.00791136 
_atom_sites.fract_transf_matrix[2][2]   -0.01342720 
_atom_sites.fract_transf_matrix[2][3]   0.00481684 
_atom_sites.fract_transf_matrix[3][1]   0.00520105 
_atom_sites.fract_transf_matrix[3][2]   0.00004811 
_atom_sites.fract_transf_matrix[3][3]   -0.00840830 
_atom_sites.fract_transf_vector[1]      0.189505 
_atom_sites.fract_transf_vector[2]      -0.373889 
_atom_sites.fract_transf_vector[3]      0.089990 
_atom_sites.solution_primary            ? 
_atom_sites.solution_secondary          ? 
_atom_sites.solution_hydrogens          ? 
_atom_sites.special_details             ? 
# 
loop_
_atom_type.symbol 
C  
N  
O  
S  
SE 
ZN 
# 
loop_
_atom_site.group_PDB 
_atom_site.id 
_atom_site.type_symbol 
_atom_site.label_atom_id 
_atom_site.label_alt_id 
_atom_site.label_comp_id 
_atom_site.label_asym_id 
_atom_site.label_entity_id 
_atom_site.label_seq_id 
_atom_site.pdbx_PDB_ins_code 
_atom_site.Cartn_x 
_atom_site.Cartn_y 
_atom_site.Cartn_z 
_atom_site.occupancy 
_atom_site.B_iso_or_equiv 
_atom_site.pdbx_formal_charge 
_atom_site.auth_seq_id 
_atom_site.auth_comp_id 
_atom_site.auth_asym_id 
_atom_site.auth_atom_id 
_atom_site.pdbx_PDB_model_num 
ATOM   1    N  N   . ASP A 1 1   ? 4.969   -4.653  -18.748 1.00 45.72 ? 60  ASP A N   1 
ATOM   2    C  CA  . ASP A 1 1   ? 5.811   -5.453  -17.867 1.00 49.06 ? 60  ASP A CA  1 
ATOM   3    C  C   . ASP A 1 1   ? 5.376   -5.286  -16.416 1.00 51.61 ? 60  ASP A C   1 
ATOM   4    O  O   . ASP A 1 1   ? 5.376   -4.169  -15.895 1.00 43.25 ? 60  ASP A O   1 
ATOM   5    C  CB  . ASP A 1 1   ? 7.286   -5.071  -18.017 1.00 47.22 ? 60  ASP A CB  1 
ATOM   6    C  CG  . ASP A 1 1   ? 8.185   -5.836  -17.063 1.00 55.62 ? 60  ASP A CG  1 
ATOM   7    O  OD1 . ASP A 1 1   ? 8.064   -7.081  -16.991 1.00 61.16 ? 60  ASP A OD1 1 
ATOM   8    O  OD2 . ASP A 1 1   ? 9.010   -5.193  -16.382 1.00 53.01 ? 60  ASP A OD2 1 
ATOM   9    N  N   . PRO A 1 2   ? 5.021   -6.407  -15.771 1.00 52.66 ? 61  PRO A N   1 
ATOM   10   C  CA  . PRO A 1 2   ? 4.490   -6.335  -14.396 1.00 47.56 ? 61  PRO A CA  1 
ATOM   11   C  C   . PRO A 1 2   ? 5.453   -5.723  -13.392 1.00 50.85 ? 61  PRO A C   1 
ATOM   12   O  O   . PRO A 1 2   ? 5.017   -5.021  -12.470 1.00 41.53 ? 61  PRO A O   1 
ATOM   13   C  CB  . PRO A 1 2   ? 4.200   -7.806  -14.060 1.00 53.27 ? 61  PRO A CB  1 
ATOM   14   C  CG  . PRO A 1 2   ? 4.049   -8.487  -15.382 1.00 54.80 ? 61  PRO A CG  1 
ATOM   15   C  CD  . PRO A 1 2   ? 5.000   -7.782  -16.304 1.00 55.91 ? 61  PRO A CD  1 
ATOM   16   N  N   . LEU A 1 3   ? 6.757   -5.973  -13.541 1.00 51.10 ? 62  LEU A N   1 
ATOM   17   C  CA  . LEU A 1 3   ? 7.750   -5.491  -12.586 1.00 48.86 ? 62  LEU A CA  1 
ATOM   18   C  C   . LEU A 1 3   ? 7.829   -3.966  -12.513 1.00 49.13 ? 62  LEU A C   1 
ATOM   19   O  O   . LEU A 1 3   ? 8.454   -3.446  -11.581 1.00 45.11 ? 62  LEU A O   1 
ATOM   20   C  CB  . LEU A 1 3   ? 9.134   -6.083  -12.921 1.00 52.25 ? 62  LEU A CB  1 
ATOM   21   C  CG  . LEU A 1 3   ? 9.493   -7.482  -12.426 1.00 54.86 ? 62  LEU A CG  1 
ATOM   22   C  CD1 . LEU A 1 3   ? 9.856   -7.462  -10.956 1.00 49.26 ? 62  LEU A CD1 1 
ATOM   23   C  CD2 . LEU A 1 3   ? 8.420   -8.536  -12.710 1.00 51.78 ? 62  LEU A CD2 1 
ATOM   24   N  N   . THR A 1 4   ? 7.197   -3.246  -13.445 1.00 38.49 ? 63  THR A N   1 
ATOM   25   C  CA  . THR A 1 4   ? 7.191   -1.788  -13.434 1.00 36.66 ? 63  THR A CA  1 
ATOM   26   C  C   . THR A 1 4   ? 5.798   -1.181  -13.273 1.00 31.94 ? 63  THR A C   1 
ATOM   27   O  O   . THR A 1 4   ? 5.682   0.047   -13.152 1.00 32.76 ? 63  THR A O   1 
ATOM   28   C  CB  . THR A 1 4   ? 7.826   -1.252  -14.729 1.00 38.41 ? 63  THR A CB  1 
ATOM   29   O  OG1 . THR A 1 4   ? 7.263   -1.932  -15.859 1.00 44.33 ? 63  THR A OG1 1 
ATOM   30   C  CG2 . THR A 1 4   ? 9.335   -1.483  -14.716 1.00 41.48 ? 63  THR A CG2 1 
ATOM   31   N  N   . ARG A 1 5   ? 4.751   -2.000  -13.257 1.00 29.41 ? 64  ARG A N   1 
ATOM   32   C  CA  . ARG A 1 5   ? 3.382   -1.522  -13.394 1.00 25.15 ? 64  ARG A CA  1 
ATOM   33   C  C   . ARG A 1 5   ? 2.835   -0.948  -12.087 1.00 23.19 ? 64  ARG A C   1 
ATOM   34   O  O   . ARG A 1 5   ? 2.954   -1.565  -11.026 1.00 20.74 ? 64  ARG A O   1 
ATOM   35   C  CB  . ARG A 1 5   ? 2.487   -2.662  -13.875 1.00 26.31 ? 64  ARG A CB  1 
ATOM   36   C  CG  . ARG A 1 5   ? 1.162   -2.171  -14.354 1.00 27.47 ? 64  ARG A CG  1 
ATOM   37   C  CD  . ARG A 1 5   ? 0.256   -3.258  -14.908 1.00 34.13 ? 64  ARG A CD  1 
ATOM   38   N  NE  . ARG A 1 5   ? 0.916   -4.103  -15.896 1.00 43.27 ? 64  ARG A NE  1 
ATOM   39   C  CZ  . ARG A 1 5   ? 0.940   -5.430  -15.834 1.00 45.38 ? 64  ARG A CZ  1 
ATOM   40   N  NH1 . ARG A 1 5   ? 0.335   -6.057  -14.829 1.00 41.48 ? 64  ARG A NH1 1 
ATOM   41   N  NH2 . ARG A 1 5   ? 1.562   -6.130  -16.777 1.00 46.38 ? 64  ARG A NH2 1 
ATOM   42   N  N   . VAL A 1 6   ? 2.234   0.238   -12.177 1.00 18.11 ? 65  VAL A N   1 
ATOM   43   C  CA  . VAL A 1 6   ? 1.503   0.875   -11.084 1.00 16.75 ? 65  VAL A CA  1 
ATOM   44   C  C   . VAL A 1 6   ? 0.089   1.135   -11.576 1.00 14.22 ? 65  VAL A C   1 
ATOM   45   O  O   . VAL A 1 6   ? -0.096  1.738   -12.638 1.00 17.93 ? 65  VAL A O   1 
ATOM   46   C  CB  . VAL A 1 6   ? 2.166   2.196   -10.633 1.00 19.40 ? 65  VAL A CB  1 
ATOM   47   C  CG1 . VAL A 1 6   ? 1.249   2.971   -9.677  1.00 15.42 ? 65  VAL A CG1 1 
ATOM   48   C  CG2 . VAL A 1 6   ? 3.531   1.952   -9.998  1.00 16.36 ? 65  VAL A CG2 1 
ATOM   49   N  N   . TYR A 1 7   ? -0.903  0.724   -10.794 1.00 12.01 ? 66  TYR A N   1 
ATOM   50   C  CA  . TYR A 1 7   ? -2.298  0.765   -11.221 1.00 13.68 ? 66  TYR A CA  1 
ATOM   51   C  C   . TYR A 1 7   ? -2.992  2.065   -10.819 1.00 15.88 ? 66  TYR A C   1 
ATOM   52   O  O   . TYR A 1 7   ? -2.783  2.588   -9.719  1.00 16.18 ? 66  TYR A O   1 
ATOM   53   C  CB  . TYR A 1 7   ? -3.066  -0.431  -10.637 1.00 13.22 ? 66  TYR A CB  1 
ATOM   54   C  CG  . TYR A 1 7   ? -2.497  -1.788  -11.043 1.00 15.20 ? 66  TYR A CG  1 
ATOM   55   C  CD1 . TYR A 1 7   ? -2.771  -2.339  -12.293 1.00 18.66 ? 66  TYR A CD1 1 
ATOM   56   C  CD2 . TYR A 1 7   ? -1.692  -2.513  -10.175 1.00 14.37 ? 66  TYR A CD2 1 
ATOM   57   C  CE1 . TYR A 1 7   ? -2.258  -3.572  -12.660 1.00 15.66 ? 66  TYR A CE1 1 
ATOM   58   C  CE2 . TYR A 1 7   ? -1.182  -3.738  -10.525 1.00 17.56 ? 66  TYR A CE2 1 
ATOM   59   C  CZ  . TYR A 1 7   ? -1.463  -4.263  -11.767 1.00 17.03 ? 66  TYR A CZ  1 
ATOM   60   O  OH  . TYR A 1 7   ? -0.938  -5.476  -12.098 1.00 19.39 ? 66  TYR A OH  1 
ATOM   61   N  N   . ALA A 1 8   ? -3.826  2.580   -11.725 1.00 12.68 ? 67  ALA A N   1 
ATOM   62   C  CA  . ALA A 1 8   ? -4.717  3.682   -11.394 1.00 15.38 ? 67  ALA A CA  1 
ATOM   63   C  C   . ALA A 1 8   ? -5.675  3.269   -10.279 1.00 16.12 ? 67  ALA A C   1 
ATOM   64   O  O   . ALA A 1 8   ? -5.912  2.082   -10.040 1.00 14.54 ? 67  ALA A O   1 
ATOM   65   C  CB  . ALA A 1 8   ? -5.522  4.112   -12.623 1.00 13.83 ? 67  ALA A CB  1 
ATOM   66   N  N   . LYS A 1 9   ? -6.254  4.272   -9.614  1.00 14.66 ? 68  LYS A N   1 
ATOM   67   C  CA  . LYS A 1 9   ? -7.053  4.028   -8.413  1.00 15.05 ? 68  LYS A CA  1 
ATOM   68   C  C   . LYS A 1 9   ? -8.110  2.947   -8.623  1.00 13.95 ? 68  LYS A C   1 
ATOM   69   O  O   . LYS A 1 9   ? -8.175  1.969   -7.868  1.00 12.06 ? 68  LYS A O   1 
ATOM   70   C  CB  . LYS A 1 9   ? -7.724  5.320   -7.957  1.00 14.80 ? 68  LYS A CB  1 
ATOM   71   C  CG  . LYS A 1 9   ? -8.567  5.149   -6.701  1.00 18.37 ? 68  LYS A CG  1 
ATOM   72   C  CD  . LYS A 1 9   ? -9.425  6.391   -6.450  1.00 18.67 ? 68  LYS A CD  1 
ATOM   73   C  CE  . LYS A 1 9   ? -10.019 6.393   -5.050  1.00 18.46 ? 68  LYS A CE  1 
ATOM   74   N  NZ  . LYS A 1 9   ? -10.923 7.548   -4.889  1.00 18.60 ? 68  LYS A NZ  1 
ATOM   75   N  N   . ASP A 1 10  ? -8.968  3.120   -9.632  1.00 15.26 ? 69  ASP A N   1 
ATOM   76   C  CA  . ASP A 1 10  ? -10.093 2.202   -9.791  1.00 17.36 ? 69  ASP A CA  1 
ATOM   77   C  C   . ASP A 1 10  ? -9.626  0.834   -10.266 1.00 15.84 ? 69  ASP A C   1 
ATOM   78   O  O   . ASP A 1 10  ? -10.188 -0.189  -9.862  1.00 14.34 ? 69  ASP A O   1 
ATOM   79   C  CB  . ASP A 1 10  ? -11.124 2.780   -10.750 1.00 18.31 ? 69  ASP A CB  1 
ATOM   80   C  CG  . ASP A 1 10  ? -11.901 3.932   -10.136 1.00 30.11 ? 69  ASP A CG  1 
ATOM   81   O  OD1 . ASP A 1 10  ? -11.666 4.246   -8.950  1.00 27.05 ? 69  ASP A OD1 1 
ATOM   82   O  OD2 . ASP A 1 10  ? -12.754 4.520   -10.834 1.00 36.30 ? 69  ASP A OD2 1 
ATOM   83   N  N   . HIS A 1 11  ? -8.601  0.799   -11.122 1.00 13.66 ? 70  HIS A N   1 
ATOM   84   C  CA  . HIS A 1 11  ? -7.993  -0.471  -11.500 1.00 14.28 ? 70  HIS A CA  1 
ATOM   85   C  C   . HIS A 1 11  ? -7.453  -1.185  -10.263 1.00 14.28 ? 70  HIS A C   1 
ATOM   86   O  O   . HIS A 1 11  ? -7.763  -2.357  -10.019 1.00 13.46 ? 70  HIS A O   1 
ATOM   87   C  CB  . HIS A 1 11  ? -6.881  -0.217  -12.535 1.00 15.37 ? 70  HIS A CB  1 
ATOM   88   C  CG  . HIS A 1 11  ? -6.374  -1.454  -13.214 1.00 14.99 ? 70  HIS A CG  1 
ATOM   89   N  ND1 . HIS A 1 11  ? -5.548  -1.410  -14.317 1.00 18.65 ? 70  HIS A ND1 1 
ATOM   90   C  CD2 . HIS A 1 11  ? -6.561  -2.767  -12.942 1.00 18.06 ? 70  HIS A CD2 1 
ATOM   91   C  CE1 . HIS A 1 11  ? -5.255  -2.639  -14.702 1.00 16.41 ? 70  HIS A CE1 1 
ATOM   92   N  NE2 . HIS A 1 11  ? -5.851  -3.484  -13.877 1.00 18.53 ? 70  HIS A NE2 1 
ATOM   93   N  N   . PHE A 1 12  ? -6.667  -0.467  -9.454  1.00 12.23 ? 71  PHE A N   1 
ATOM   94   C  CA  . PHE A 1 12  ? -6.125  -1.008  -8.211  1.00 13.27 ? 71  PHE A CA  1 
ATOM   95   C  C   . PHE A 1 12  ? -7.224  -1.571  -7.316  1.00 13.68 ? 71  PHE A C   1 
ATOM   96   O  O   . PHE A 1 12  ? -7.105  -2.683  -6.780  1.00 14.39 ? 71  PHE A O   1 
ATOM   97   C  CB  . PHE A 1 12  ? -5.352  0.082   -7.462  1.00 9.56  ? 71  PHE A CB  1 
ATOM   98   C  CG  . PHE A 1 12  ? -4.922  -0.336  -6.085  1.00 12.26 ? 71  PHE A CG  1 
ATOM   99   C  CD1 . PHE A 1 12  ? -3.779  -1.090  -5.909  1.00 10.60 ? 71  PHE A CD1 1 
ATOM   100  C  CD2 . PHE A 1 12  ? -5.685  -0.011  -4.969  1.00 12.20 ? 71  PHE A CD2 1 
ATOM   101  C  CE1 . PHE A 1 12  ? -3.392  -1.509  -4.642  1.00 14.49 ? 71  PHE A CE1 1 
ATOM   102  C  CE2 . PHE A 1 12  ? -5.307  -0.422  -3.702  1.00 12.28 ? 71  PHE A CE2 1 
ATOM   103  C  CZ  . PHE A 1 12  ? -4.156  -1.176  -3.540  1.00 14.20 ? 71  PHE A CZ  1 
ATOM   104  N  N   . LEU A 1 13  ? -8.289  -0.798  -7.115  1.00 11.82 ? 72  LEU A N   1 
ATOM   105  C  CA  . LEU A 1 13  ? -9.326  -1.211  -6.183  1.00 11.01 ? 72  LEU A CA  1 
ATOM   106  C  C   . LEU A 1 13  ? -10.067 -2.439  -6.689  1.00 13.12 ? 72  LEU A C   1 
ATOM   107  O  O   . LEU A 1 13  ? -10.486 -3.280  -5.886  1.00 10.87 ? 72  LEU A O   1 
ATOM   108  C  CB  . LEU A 1 13  ? -10.298 -0.054  -5.932  1.00 13.62 ? 72  LEU A CB  1 
ATOM   109  C  CG  . LEU A 1 13  ? -9.786  1.079   -5.028  1.00 15.93 ? 72  LEU A CG  1 
ATOM   110  C  CD1 . LEU A 1 13  ? -10.719 2.289   -5.106  1.00 15.41 ? 72  LEU A CD1 1 
ATOM   111  C  CD2 . LEU A 1 13  ? -9.648  0.618   -3.586  1.00 14.27 ? 72  LEU A CD2 1 
ATOM   112  N  N   . ARG A 1 14  ? -10.237 -2.560  -8.011  1.00 10.00 ? 73  ARG A N   1 
ATOM   113  C  CA  . ARG A 1 14  ? -10.803 -3.782  -8.572  1.00 12.64 ? 73  ARG A CA  1 
ATOM   114  C  C   . ARG A 1 14  ? -9.938  -4.991  -8.244  1.00 14.32 ? 73  ARG A C   1 
ATOM   115  O  O   . ARG A 1 14  ? -10.445 -6.024  -7.798  1.00 12.20 ? 73  ARG A O   1 
ATOM   116  C  CB  . ARG A 1 14  ? -10.977 -3.644  -10.085 1.00 20.01 ? 73  ARG A CB  1 
ATOM   117  C  CG  . ARG A 1 14  ? -11.821 -4.762  -10.687 1.00 24.42 ? 73  ARG A CG  1 
ATOM   118  C  CD  . ARG A 1 14  ? -12.130 -4.519  -12.166 1.00 25.51 ? 73  ARG A CD  1 
ATOM   119  N  NE  . ARG A 1 14  ? -10.982 -4.831  -13.015 1.00 30.83 ? 73  ARG A NE  1 
ATOM   120  C  CZ  . ARG A 1 14  ? -10.271 -3.916  -13.664 1.00 30.46 ? 73  ARG A CZ  1 
ATOM   121  N  NH1 . ARG A 1 14  ? -10.604 -2.629  -13.559 1.00 25.74 ? 73  ARG A NH1 1 
ATOM   122  N  NH2 . ARG A 1 14  ? -9.239  -4.289  -14.417 1.00 25.43 ? 73  ARG A NH2 1 
ATOM   123  N  N   . LEU A 1 15  ? -8.618  -4.877  -8.455  1.00 10.77 ? 74  LEU A N   1 
ATOM   124  C  CA  . LEU A 1 15  ? -7.715  -5.975  -8.122  1.00 11.72 ? 74  LEU A CA  1 
ATOM   125  C  C   . LEU A 1 15  ? -7.755  -6.291  -6.632  1.00 11.79 ? 74  LEU A C   1 
ATOM   126  O  O   . LEU A 1 15  ? -7.658  -7.463  -6.234  1.00 10.46 ? 74  LEU A O   1 
ATOM   127  C  CB  . LEU A 1 15  ? -6.283  -5.639  -8.556  1.00 12.31 ? 74  LEU A CB  1 
ATOM   128  C  CG  . LEU A 1 15  ? -6.082  -5.461  -10.079 1.00 15.98 ? 74  LEU A CG  1 
ATOM   129  C  CD1 . LEU A 1 15  ? -4.665  -5.001  -10.411 1.00 15.85 ? 74  LEU A CD1 1 
ATOM   130  C  CD2 . LEU A 1 15  ? -6.413  -6.751  -10.854 1.00 17.16 ? 74  LEU A CD2 1 
ATOM   131  N  N   . LEU A 1 16  ? -7.875  -5.255  -5.795  1.00 10.89 ? 75  LEU A N   1 
ATOM   132  C  CA  . LEU A 1 16  ? -7.970  -5.459  -4.355  1.00 10.30 ? 75  LEU A CA  1 
ATOM   133  C  C   . LEU A 1 16  ? -9.251  -6.201  -3.982  1.00 11.54 ? 75  LEU A C   1 
ATOM   134  O  O   . LEU A 1 16  ? -9.227  -7.082  -3.117  1.00 10.72 ? 75  LEU A O   1 
ATOM   135  C  CB  . LEU A 1 16  ? -7.893  -4.120  -3.620  1.00 9.24  ? 75  LEU A CB  1 
ATOM   136  C  CG  . LEU A 1 16  ? -8.113  -4.147  -2.100  1.00 11.54 ? 75  LEU A CG  1 
ATOM   137  C  CD1 . LEU A 1 16  ? -7.115  -5.067  -1.388  1.00 10.86 ? 75  LEU A CD1 1 
ATOM   138  C  CD2 . LEU A 1 16  ? -8.016  -2.736  -1.544  1.00 13.85 ? 75  LEU A CD2 1 
ATOM   139  N  N   . SER A 1 17  ? -10.380 -5.854  -4.610  1.00 13.33 ? 76  SER A N   1 
ATOM   140  C  CA  . SER A 1 17  ? -11.621 -6.557  -4.286  1.00 14.40 ? 76  SER A CA  1 
ATOM   141  C  C   . SER A 1 17  ? -11.576 -8.012  -4.735  1.00 14.17 ? 76  SER A C   1 
ATOM   142  O  O   . SER A 1 17  ? -12.148 -8.882  -4.068  1.00 15.51 ? 76  SER A O   1 
ATOM   143  C  CB  . SER A 1 17  ? -12.816 -5.836  -4.903  1.00 15.41 ? 76  SER A CB  1 
ATOM   144  O  OG  . SER A 1 17  ? -12.801 -6.010  -6.305  1.00 25.31 ? 76  SER A OG  1 
ATOM   145  N  N   . TYR A 1 18  ? -10.893 -8.307  -5.846  1.00 14.25 ? 77  TYR A N   1 
ATOM   146  C  CA  . TYR A 1 18  ? -10.697 -9.700  -6.238  1.00 13.81 ? 77  TYR A CA  1 
ATOM   147  C  C   . TYR A 1 18  ? -9.863  -10.441 -5.205  1.00 12.27 ? 77  TYR A C   1 
ATOM   148  O  O   . TYR A 1 18  ? -10.193 -11.564 -4.805  1.00 12.05 ? 77  TYR A O   1 
ATOM   149  C  CB  . TYR A 1 18  ? -10.017 -9.785  -7.606  1.00 14.78 ? 77  TYR A CB  1 
ATOM   150  C  CG  . TYR A 1 18  ? -10.858 -9.295  -8.759  1.00 22.50 ? 77  TYR A CG  1 
ATOM   151  C  CD1 . TYR A 1 18  ? -12.235 -9.181  -8.639  1.00 20.33 ? 77  TYR A CD1 1 
ATOM   152  C  CD2 . TYR A 1 18  ? -10.267 -8.941  -9.970  1.00 23.88 ? 77  TYR A CD2 1 
ATOM   153  C  CE1 . TYR A 1 18  ? -13.005 -8.721  -9.689  1.00 27.76 ? 77  TYR A CE1 1 
ATOM   154  C  CE2 . TYR A 1 18  ? -11.032 -8.486  -11.036 1.00 30.18 ? 77  TYR A CE2 1 
ATOM   155  C  CZ  . TYR A 1 18  ? -12.405 -8.384  -10.886 1.00 30.97 ? 77  TYR A CZ  1 
ATOM   156  O  OH  . TYR A 1 18  ? -13.183 -7.940  -11.928 1.00 44.00 ? 77  TYR A OH  1 
ATOM   157  N  N   . GLN A 1 19  ? -8.747  -9.840  -4.787  1.00 12.93 ? 78  GLN A N   1 
ATOM   158  C  CA  . GLN A 1 19  ? -7.899  -10.481 -3.790  1.00 10.53 ? 78  GLN A CA  1 
ATOM   159  C  C   . GLN A 1 19  ? -8.643  -10.672 -2.478  1.00 14.70 ? 78  GLN A C   1 
ATOM   160  O  O   . GLN A 1 19  ? -8.462  -11.696 -1.799  1.00 12.04 ? 78  GLN A O   1 
ATOM   161  C  CB  . GLN A 1 19  ? -6.623  -9.660  -3.582  1.00 13.43 ? 78  GLN A CB  1 
ATOM   162  C  CG  . GLN A 1 19  ? -5.780  -10.099 -2.407  1.00 10.98 ? 78  GLN A CG  1 
ATOM   163  C  CD  . GLN A 1 19  ? -5.370  -11.564 -2.460  1.00 15.01 ? 78  GLN A CD  1 
ATOM   164  O  OE1 . GLN A 1 19  ? -5.263  -12.166 -3.531  1.00 18.50 ? 78  GLN A OE1 1 
ATOM   165  N  NE2 . GLN A 1 19  ? -5.104  -12.139 -1.291  1.00 21.00 ? 78  GLN A NE2 1 
ATOM   166  N  N   . HIS A 1 20  ? -9.480  -9.693  -2.097  1.00 9.85  ? 79  HIS A N   1 
ATOM   167  C  CA  . HIS A 1 20  ? -10.236 -9.820  -0.853  1.00 12.68 ? 79  HIS A CA  1 
ATOM   168  C  C   . HIS A 1 20  ? -11.141 -11.043 -0.901  1.00 13.55 ? 79  HIS A C   1 
ATOM   169  O  O   . HIS A 1 20  ? -11.244 -11.792 0.083   1.00 11.38 ? 79  HIS A O   1 
ATOM   170  C  CB  . HIS A 1 20  ? -11.048 -8.541  -0.595  1.00 12.91 ? 79  HIS A CB  1 
ATOM   171  C  CG  . HIS A 1 20  ? -11.817 -8.550  0.690   1.00 12.93 ? 79  HIS A CG  1 
ATOM   172  N  ND1 . HIS A 1 20  ? -11.208 -8.431  1.924   1.00 12.88 ? 79  HIS A ND1 1 
ATOM   173  C  CD2 . HIS A 1 20  ? -13.150 -8.644  0.937   1.00 14.07 ? 79  HIS A CD2 1 
ATOM   174  C  CE1 . HIS A 1 20  ? -12.132 -8.459  2.875   1.00 13.66 ? 79  HIS A CE1 1 
ATOM   175  N  NE2 . HIS A 1 20  ? -13.318 -8.592  2.304   1.00 13.10 ? 79  HIS A NE2 1 
ATOM   176  N  N   . GLN A 1 21  ? -11.769 -11.289 -2.055  1.00 13.97 ? 80  GLN A N   1 
ATOM   177  C  CA  . GLN A 1 21  ? -12.622 -12.465 -2.199  1.00 13.83 ? 80  GLN A CA  1 
ATOM   178  C  C   . GLN A 1 21  ? -11.807 -13.748 -2.144  1.00 13.72 ? 80  GLN A C   1 
ATOM   179  O  O   . GLN A 1 21  ? -12.192 -14.709 -1.469  1.00 14.57 ? 80  GLN A O   1 
ATOM   180  C  CB  . GLN A 1 21  ? -13.401 -12.396 -3.509  1.00 16.48 ? 80  GLN A CB  1 
ATOM   181  C  CG  . GLN A 1 21  ? -14.189 -13.654 -3.775  1.00 18.12 ? 80  GLN A CG  1 
ATOM   182  C  CD  . GLN A 1 21  ? -15.280 -13.444 -4.799  1.00 33.93 ? 80  GLN A CD  1 
ATOM   183  O  OE1 . GLN A 1 21  ? -15.911 -12.385 -4.844  1.00 37.96 ? 80  GLN A OE1 1 
ATOM   184  N  NE2 . GLN A 1 21  ? -15.522 -14.459 -5.620  1.00 36.93 ? 80  GLN A NE2 1 
ATOM   185  N  N   . ARG A 1 22  ? -10.677 -13.780 -2.853  1.00 14.07 ? 81  ARG A N   1 
ATOM   186  C  CA  . ARG A 1 22  ? -9.815  -14.961 -2.850  1.00 16.05 ? 81  ARG A CA  1 
ATOM   187  C  C   . ARG A 1 22  ? -9.273  -15.254 -1.455  1.00 17.27 ? 81  ARG A C   1 
ATOM   188  O  O   . ARG A 1 22  ? -9.139  -16.421 -1.067  1.00 14.65 ? 81  ARG A O   1 
ATOM   189  C  CB  . ARG A 1 22  ? -8.657  -14.771 -3.839  1.00 13.46 ? 81  ARG A CB  1 
ATOM   190  C  CG  . ARG A 1 22  ? -9.013  -14.958 -5.315  1.00 13.92 ? 81  ARG A CG  1 
ATOM   191  C  CD  . ARG A 1 22  ? -7.730  -15.040 -6.160  1.00 18.12 ? 81  ARG A CD  1 
ATOM   192  N  NE  . ARG A 1 22  ? -6.941  -13.831 -5.967  1.00 17.19 ? 81  ARG A NE  1 
ATOM   193  C  CZ  . ARG A 1 22  ? -6.970  -12.778 -6.779  1.00 14.70 ? 81  ARG A CZ  1 
ATOM   194  N  NH1 . ARG A 1 22  ? -7.697  -12.795 -7.891  1.00 14.94 ? 81  ARG A NH1 1 
ATOM   195  N  NH2 . ARG A 1 22  ? -6.238  -11.717 -6.495  1.00 12.75 ? 81  ARG A NH2 1 
ATOM   196  N  N   . ALA A 1 23  ? -8.919  -14.207 -0.702  1.00 14.69 ? 82  ALA A N   1 
ATOM   197  C  CA  . ALA A 1 23  ? -8.427  -14.384 0.661   1.00 16.08 ? 82  ALA A CA  1 
ATOM   198  C  C   . ALA A 1 23  ? -9.494  -15.019 1.547   1.00 16.89 ? 82  ALA A C   1 
ATOM   199  O  O   . ALA A 1 23  ? -9.217  -15.952 2.311   1.00 14.48 ? 82  ALA A O   1 
ATOM   200  C  CB  . ALA A 1 23  ? -7.990  -13.030 1.229   1.00 13.27 ? 82  ALA A CB  1 
ATOM   201  N  N   . PHE A 1 24  ? -10.726 -14.518 1.453   1.00 15.52 ? 83  PHE A N   1 
ATOM   202  C  CA  . PHE A 1 24  ? -11.852 -15.132 2.149   1.00 18.91 ? 83  PHE A CA  1 
ATOM   203  C  C   . PHE A 1 24  ? -11.971 -16.607 1.788   1.00 18.87 ? 83  PHE A C   1 
ATOM   204  O  O   . PHE A 1 24  ? -11.989 -17.477 2.666   1.00 18.32 ? 83  PHE A O   1 
ATOM   205  C  CB  . PHE A 1 24  ? -13.137 -14.377 1.795   1.00 15.33 ? 83  PHE A CB  1 
ATOM   206  C  CG  . PHE A 1 24  ? -14.364 -14.874 2.513   1.00 22.96 ? 83  PHE A CG  1 
ATOM   207  C  CD1 . PHE A 1 24  ? -14.594 -14.538 3.838   1.00 23.38 ? 83  PHE A CD1 1 
ATOM   208  C  CD2 . PHE A 1 24  ? -15.302 -15.655 1.853   1.00 28.54 ? 83  PHE A CD2 1 
ATOM   209  C  CE1 . PHE A 1 24  ? -15.745 -14.975 4.496   1.00 21.92 ? 83  PHE A CE1 1 
ATOM   210  C  CE2 . PHE A 1 24  ? -16.446 -16.096 2.508   1.00 27.64 ? 83  PHE A CE2 1 
ATOM   211  C  CZ  . PHE A 1 24  ? -16.660 -15.750 3.831   1.00 25.37 ? 83  PHE A CZ  1 
ATOM   212  N  N   . GLU A 1 25  ? -11.994 -16.903 0.487   1.00 18.62 ? 84  GLU A N   1 
ATOM   213  C  CA  . GLU A 1 25  ? -12.221 -18.266 0.024   1.00 15.15 ? 84  GLU A CA  1 
ATOM   214  C  C   . GLU A 1 25  ? -11.104 -19.210 0.444   1.00 19.40 ? 84  GLU A C   1 
ATOM   215  O  O   . GLU A 1 25  ? -11.360 -20.374 0.770   1.00 17.37 ? 84  GLU A O   1 
ATOM   216  C  CB  . GLU A 1 25  ? -12.369 -18.270 -1.492  1.00 16.78 ? 84  GLU A CB  1 
ATOM   217  C  CG  . GLU A 1 25  ? -13.675 -17.663 -1.982  1.00 18.01 ? 84  GLU A CG  1 
ATOM   218  C  CD  . GLU A 1 25  ? -13.621 -17.305 -3.448  1.00 16.41 ? 84  GLU A CD  1 
ATOM   219  O  OE1 . GLU A 1 25  ? -12.501 -17.268 -4.010  1.00 14.85 ? 84  GLU A OE1 1 
ATOM   220  O  OE2 . GLU A 1 25  ? -14.689 -17.039 -4.034  1.00 15.65 ? 84  GLU A OE2 1 
ATOM   221  N  N   . GLU A 1 26  ? -9.859  -18.744 0.428   1.00 17.52 ? 85  GLU A N   1 
ATOM   222  C  CA  . GLU A 1 26  ? -8.731  -19.632 0.665   1.00 18.12 ? 85  GLU A CA  1 
ATOM   223  C  C   . GLU A 1 26  ? -8.206  -19.564 2.092   1.00 17.80 ? 85  GLU A C   1 
ATOM   224  O  O   . GLU A 1 26  ? -7.188  -20.200 2.380   1.00 20.49 ? 85  GLU A O   1 
ATOM   225  C  CB  . GLU A 1 26  ? -7.580  -19.333 -0.314  1.00 16.31 ? 85  GLU A CB  1 
ATOM   226  C  CG  . GLU A 1 26  ? -7.937  -19.334 -1.812  1.00 22.29 ? 85  GLU A CG  1 
ATOM   227  C  CD  . GLU A 1 26  ? -8.732  -20.566 -2.259  1.00 19.85 ? 85  GLU A CD  1 
ATOM   228  O  OE1 . GLU A 1 26  ? -8.425  -21.690 -1.810  1.00 27.86 ? 85  GLU A OE1 1 
ATOM   229  O  OE2 . GLU A 1 26  ? -9.675  -20.408 -3.055  1.00 22.75 ? 85  GLU A OE2 1 
ATOM   230  N  N   . ASN A 1 27  ? -8.858  -18.808 2.978   1.00 13.95 ? 86  ASN A N   1 
ATOM   231  C  CA  . ASN A 1 27  ? -8.420  -18.639 4.368   1.00 16.83 ? 86  ASN A CA  1 
ATOM   232  C  C   . ASN A 1 27  ? -6.973  -18.156 4.451   1.00 18.67 ? 86  ASN A C   1 
ATOM   233  O  O   . ASN A 1 27  ? -6.159  -18.663 5.225   1.00 16.88 ? 86  ASN A O   1 
ATOM   234  C  CB  . ASN A 1 27  ? -8.601  -19.935 5.164   1.00 24.77 ? 86  ASN A CB  1 
ATOM   235  C  CG  . ASN A 1 27  ? -10.064 -20.297 5.365   1.00 28.02 ? 86  ASN A CG  1 
ATOM   236  O  OD1 . ASN A 1 27  ? -10.878 -20.161 4.458   1.00 32.83 ? 86  ASN A OD1 1 
ATOM   237  N  ND2 . ASN A 1 27  ? -10.397 -20.774 6.556   1.00 31.47 ? 86  ASN A ND2 1 
ATOM   238  N  N   . THR A 1 28  ? -6.654  -17.153 3.641   1.00 18.08 ? 87  THR A N   1 
ATOM   239  C  CA  . THR A 1 28  ? -5.300  -16.641 3.617   1.00 18.98 ? 87  THR A CA  1 
ATOM   240  C  C   . THR A 1 28  ? -5.298  -15.149 3.924   1.00 18.79 ? 87  THR A C   1 
ATOM   241  O  O   . THR A 1 28  ? -6.161  -14.414 3.434   1.00 18.42 ? 87  THR A O   1 
ATOM   242  C  CB  . THR A 1 28  ? -4.644  -16.877 2.253   1.00 22.27 ? 87  THR A CB  1 
ATOM   243  O  OG1 . THR A 1 28  ? -5.365  -16.136 1.258   1.00 27.43 ? 87  THR A OG1 1 
ATOM   244  C  CG2 . THR A 1 28  ? -4.663  -18.353 1.892   1.00 15.00 ? 87  THR A CG2 1 
ATOM   245  N  N   . PRO A 1 29  ? -4.360  -14.673 4.729   1.00 18.24 ? 88  PRO A N   1 
ATOM   246  C  CA  . PRO A 1 29  ? -4.346  -13.252 5.075   1.00 15.54 ? 88  PRO A CA  1 
ATOM   247  C  C   . PRO A 1 29  ? -3.672  -12.430 3.987   1.00 15.91 ? 88  PRO A C   1 
ATOM   248  O  O   . PRO A 1 29  ? -2.956  -12.952 3.127   1.00 14.28 ? 88  PRO A O   1 
ATOM   249  C  CB  . PRO A 1 29  ? -3.538  -13.221 6.377   1.00 19.09 ? 88  PRO A CB  1 
ATOM   250  C  CG  . PRO A 1 29  ? -2.546  -14.355 6.192   1.00 24.01 ? 88  PRO A CG  1 
ATOM   251  C  CD  . PRO A 1 29  ? -3.210  -15.397 5.302   1.00 18.22 ? 88  PRO A CD  1 
ATOM   252  N  N   . TYR A 1 30  ? -3.945  -11.124 4.026   1.00 12.79 ? 89  TYR A N   1 
ATOM   253  C  CA  . TYR A 1 30  ? -3.210  -10.150 3.228   1.00 15.05 ? 89  TYR A CA  1 
ATOM   254  C  C   . TYR A 1 30  ? -3.246  -8.817  3.963   1.00 13.88 ? 89  TYR A C   1 
ATOM   255  O  O   . TYR A 1 30  ? -4.044  -8.619  4.879   1.00 16.19 ? 89  TYR A O   1 
ATOM   256  C  CB  . TYR A 1 30  ? -3.785  -10.008 1.806   1.00 11.95 ? 89  TYR A CB  1 
ATOM   257  C  CG  . TYR A 1 30  ? -5.120  -9.293  1.760   1.00 13.33 ? 89  TYR A CG  1 
ATOM   258  C  CD1 . TYR A 1 30  ? -6.302  -9.980  2.039   1.00 9.71  ? 89  TYR A CD1 1 
ATOM   259  C  CD2 . TYR A 1 30  ? -5.202  -7.937  1.453   1.00 11.61 ? 89  TYR A CD2 1 
ATOM   260  C  CE1 . TYR A 1 30  ? -7.528  -9.340  2.014   1.00 10.72 ? 89  TYR A CE1 1 
ATOM   261  C  CE2 . TYR A 1 30  ? -6.440  -7.275  1.433   1.00 12.99 ? 89  TYR A CE2 1 
ATOM   262  C  CZ  . TYR A 1 30  ? -7.594  -7.991  1.702   1.00 12.87 ? 89  TYR A CZ  1 
ATOM   263  O  OH  . TYR A 1 30  ? -8.814  -7.365  1.684   1.00 13.22 ? 89  TYR A OH  1 
ATOM   264  N  N   . THR A 1 31  ? -2.384  -7.890  3.547   1.00 14.48 ? 90  THR A N   1 
ATOM   265  C  CA  . THR A 1 31  ? -2.275  -6.608  4.223   1.00 12.11 ? 90  THR A CA  1 
ATOM   266  C  C   . THR A 1 31  ? -2.281  -5.476  3.209   1.00 13.34 ? 90  THR A C   1 
ATOM   267  O  O   . THR A 1 31  ? -1.663  -5.581  2.146   1.00 13.35 ? 90  THR A O   1 
ATOM   268  C  CB  . THR A 1 31  ? -1.009  -6.575  5.094   1.00 13.42 ? 90  THR A CB  1 
ATOM   269  O  OG1 . THR A 1 31  ? -1.120  -7.591  6.103   1.00 12.32 ? 90  THR A OG1 1 
ATOM   270  C  CG2 . THR A 1 31  ? -0.852  -5.225  5.778   1.00 13.42 ? 90  THR A CG2 1 
ATOM   271  N  N   . ILE A 1 32  ? -3.003  -4.407  3.542   1.00 12.11 ? 91  ILE A N   1 
ATOM   272  C  CA  . ILE A 1 32  ? -3.088  -3.193  2.739   1.00 11.42 ? 91  ILE A CA  1 
ATOM   273  C  C   . ILE A 1 32  ? -2.266  -2.109  3.424   1.00 13.48 ? 91  ILE A C   1 
ATOM   274  O  O   . ILE A 1 32  ? -2.415  -1.880  4.630   1.00 12.36 ? 91  ILE A O   1 
ATOM   275  C  CB  . ILE A 1 32  ? -4.546  -2.723  2.576   1.00 14.52 ? 91  ILE A CB  1 
ATOM   276  C  CG1 . ILE A 1 32  ? -5.408  -3.826  1.952   1.00 13.34 ? 91  ILE A CG1 1 
ATOM   277  C  CG2 . ILE A 1 32  ? -4.607  -1.455  1.737   1.00 12.45 ? 91  ILE A CG2 1 
ATOM   278  C  CD1 . ILE A 1 32  ? -6.896  -3.525  1.978   1.00 13.32 ? 91  ILE A CD1 1 
ATOM   279  N  N   . PHE A 1 33  ? -1.413  -1.433  2.660   1.00 12.39 ? 92  PHE A N   1 
ATOM   280  C  CA  . PHE A 1 33  ? -0.639  -0.305  3.159   1.00 12.57 ? 92  PHE A CA  1 
ATOM   281  C  C   . PHE A 1 33  ? -1.050  0.941   2.391   1.00 13.03 ? 92  PHE A C   1 
ATOM   282  O  O   . PHE A 1 33  ? -1.221  0.889   1.165   1.00 14.09 ? 92  PHE A O   1 
ATOM   283  C  CB  . PHE A 1 33  ? 0.897   -0.520  3.002   1.00 11.94 ? 92  PHE A CB  1 
ATOM   284  C  CG  . PHE A 1 33  ? 1.447   -1.720  3.735   1.00 13.90 ? 92  PHE A CG  1 
ATOM   285  C  CD1 . PHE A 1 33  ? 1.317   -2.992  3.207   1.00 13.87 ? 92  PHE A CD1 1 
ATOM   286  C  CD2 . PHE A 1 33  ? 2.139   -1.565  4.925   1.00 15.55 ? 92  PHE A CD2 1 
ATOM   287  C  CE1 . PHE A 1 33  ? 1.832   -4.089  3.857   1.00 16.36 ? 92  PHE A CE1 1 
ATOM   288  C  CE2 . PHE A 1 33  ? 2.651   -2.669  5.588   1.00 18.43 ? 92  PHE A CE2 1 
ATOM   289  C  CZ  . PHE A 1 33  ? 2.489   -3.936  5.053   1.00 17.16 ? 92  PHE A CZ  1 
ATOM   290  N  N   . PHE A 1 34  ? -1.202  2.061   3.110   1.00 11.46 ? 93  PHE A N   1 
ATOM   291  C  CA  . PHE A 1 34  ? -1.366  3.386   2.513   1.00 12.97 ? 93  PHE A CA  1 
ATOM   292  C  C   . PHE A 1 34  ? -0.169  4.262   2.867   1.00 13.51 ? 93  PHE A C   1 
ATOM   293  O  O   . PHE A 1 34  ? 0.259   4.295   4.028   1.00 13.92 ? 93  PHE A O   1 
ATOM   294  C  CB  . PHE A 1 34  ? -2.638  4.084   3.030   1.00 13.74 ? 93  PHE A CB  1 
ATOM   295  C  CG  . PHE A 1 34  ? -3.878  3.793   2.238   1.00 13.63 ? 93  PHE A CG  1 
ATOM   296  C  CD1 . PHE A 1 34  ? -4.112  2.528   1.715   1.00 12.98 ? 93  PHE A CD1 1 
ATOM   297  C  CD2 . PHE A 1 34  ? -4.833  4.796   2.039   1.00 16.58 ? 93  PHE A CD2 1 
ATOM   298  C  CE1 . PHE A 1 34  ? -5.279  2.258   0.990   1.00 10.52 ? 93  PHE A CE1 1 
ATOM   299  C  CE2 . PHE A 1 34  ? -5.999  4.542   1.326   1.00 18.58 ? 93  PHE A CE2 1 
ATOM   300  C  CZ  . PHE A 1 34  ? -6.227  3.268   0.796   1.00 14.73 ? 93  PHE A CZ  1 
ATOM   301  N  N   . VAL A 1 35  ? 0.353   4.996   1.880   1.00 13.79 ? 94  VAL A N   1 
ATOM   302  C  CA  . VAL A 1 35  ? 1.401   5.991   2.104   1.00 14.24 ? 94  VAL A CA  1 
ATOM   303  C  C   . VAL A 1 35  ? 0.957   7.305   1.464   1.00 15.53 ? 94  VAL A C   1 
ATOM   304  O  O   . VAL A 1 35  ? 0.734   7.364   0.250   1.00 15.82 ? 94  VAL A O   1 
ATOM   305  C  CB  . VAL A 1 35  ? 2.762   5.545   1.535   1.00 16.05 ? 94  VAL A CB  1 
ATOM   306  C  CG1 . VAL A 1 35  ? 3.808   6.647   1.728   1.00 17.87 ? 94  VAL A CG1 1 
ATOM   307  C  CG2 . VAL A 1 35  ? 3.227   4.256   2.202   1.00 17.87 ? 94  VAL A CG2 1 
ATOM   308  N  N   . LYS A 1 36  ? 0.812   8.349   2.272   1.00 16.37 ? 95  LYS A N   1 
ATOM   309  C  CA  . LYS A 1 36  ? 0.488   9.678   1.772   1.00 18.62 ? 95  LYS A CA  1 
ATOM   310  C  C   . LYS A 1 36  ? 1.713   10.574  1.900   1.00 19.19 ? 95  LYS A C   1 
ATOM   311  O  O   . LYS A 1 36  ? 2.291   10.683  2.985   1.00 21.75 ? 95  LYS A O   1 
ATOM   312  C  CB  . LYS A 1 36  ? -0.693  10.294  2.531   1.00 18.13 ? 95  LYS A CB  1 
ATOM   313  C  CG  . LYS A 1 36  ? -1.007  11.723  2.079   1.00 19.24 ? 95  LYS A CG  1 
ATOM   314  C  CD  . LYS A 1 36  ? -2.377  12.195  2.554   1.00 22.01 ? 95  LYS A CD  1 
ATOM   315  C  CE  . LYS A 1 36  ? -2.567  13.669  2.217   1.00 26.77 ? 95  LYS A CE  1 
ATOM   316  N  NZ  . LYS A 1 36  ? -3.894  14.199  2.634   1.00 31.43 ? 95  LYS A NZ  1 
ATOM   317  N  N   . THR A 1 37  ? 2.112   11.197  0.792   1.00 18.43 ? 96  THR A N   1 
ATOM   318  C  CA  . THR A 1 37  ? 3.219   12.143  0.796   1.00 23.75 ? 96  THR A CA  1 
ATOM   319  C  C   . THR A 1 37  ? 2.703   13.529  1.130   1.00 27.24 ? 96  THR A C   1 
ATOM   320  O  O   . THR A 1 37  ? 1.667   13.965  0.609   1.00 26.82 ? 96  THR A O   1 
ATOM   321  C  CB  . THR A 1 37  ? 3.933   12.191  -0.554  1.00 25.81 ? 96  THR A CB  1 
ATOM   322  O  OG1 . THR A 1 37  ? 2.989   12.508  -1.587  1.00 29.87 ? 96  THR A OG1 1 
ATOM   323  C  CG2 . THR A 1 37  ? 4.569   10.867  -0.854  1.00 27.51 ? 96  THR A CG2 1 
ATOM   324  N  N   . LYS A 1 38  ? 3.438   14.222  1.988   1.00 25.67 ? 97  LYS A N   1 
ATOM   325  C  CA  . LYS A 1 38  ? 3.056   15.549  2.455   1.00 33.92 ? 97  LYS A CA  1 
ATOM   326  C  C   . LYS A 1 38  ? 4.244   16.489  2.237   1.00 34.77 ? 97  LYS A C   1 
ATOM   327  O  O   . LYS A 1 38  ? 4.867   16.964  3.186   1.00 40.13 ? 97  LYS A O   1 
ATOM   328  C  CB  . LYS A 1 38  ? 2.606   15.500  3.923   1.00 29.98 ? 97  LYS A CB  1 
ATOM   329  C  CG  . LYS A 1 38  ? 1.304   14.719  4.118   1.00 28.87 ? 97  LYS A CG  1 
ATOM   330  C  CD  . LYS A 1 38  ? 1.027   14.362  5.565   1.00 23.06 ? 97  LYS A CD  1 
ATOM   331  C  CE  . LYS A 1 38  ? -0.401  13.831  5.702   1.00 21.07 ? 97  LYS A CE  1 
ATOM   332  N  NZ  . LYS A 1 38  ? -0.651  13.133  7.006   1.00 20.29 ? 97  LYS A NZ  1 
ATOM   333  N  N   . VAL A 1 39  ? 4.561   16.744  0.968   1.00 43.93 ? 98  VAL A N   1 
ATOM   334  C  CA  . VAL A 1 39  ? 5.687   17.587  0.595   1.00 46.75 ? 98  VAL A CA  1 
ATOM   335  C  C   . VAL A 1 39  ? 5.183   18.761  -0.234  1.00 50.36 ? 98  VAL A C   1 
ATOM   336  O  O   . VAL A 1 39  ? 4.037   18.788  -0.690  1.00 43.93 ? 98  VAL A O   1 
ATOM   337  C  CB  . VAL A 1 39  ? 6.778   16.813  -0.172  1.00 42.50 ? 98  VAL A CB  1 
ATOM   338  C  CG1 . VAL A 1 39  ? 7.383   15.738  0.721   1.00 39.99 ? 98  VAL A CG1 1 
ATOM   339  C  CG2 . VAL A 1 39  ? 6.215   16.225  -1.465  1.00 40.19 ? 98  VAL A CG2 1 
ATOM   340  N  N   . SER A 1 40  ? 6.072   19.735  -0.430  1.00 53.95 ? 99  SER A N   1 
ATOM   341  C  CA  . SER A 1 40  ? 5.757   20.924  -1.206  1.00 51.79 ? 99  SER A CA  1 
ATOM   342  C  C   . SER A 1 40  ? 5.416   20.547  -2.643  1.00 56.32 ? 99  SER A C   1 
ATOM   343  O  O   . SER A 1 40  ? 5.774   19.473  -3.136  1.00 54.20 ? 99  SER A O   1 
ATOM   344  C  CB  . SER A 1 40  ? 6.934   21.899  -1.189  1.00 55.41 ? 99  SER A CB  1 
ATOM   345  O  OG  . SER A 1 40  ? 7.588   21.883  0.070   1.00 61.41 ? 99  SER A OG  1 
ATOM   346  N  N   . LYS A 1 41  ? 4.717   21.461  -3.320  1.00 54.36 ? 100 LYS A N   1 
ATOM   347  C  CA  . LYS A 1 41  ? 4.240   21.192  -4.673  1.00 56.90 ? 100 LYS A CA  1 
ATOM   348  C  C   . LYS A 1 41  ? 5.384   20.814  -5.609  1.00 58.62 ? 100 LYS A C   1 
ATOM   349  O  O   . LYS A 1 41  ? 5.263   19.862  -6.391  1.00 58.36 ? 100 LYS A O   1 
ATOM   350  C  CB  . LYS A 1 41  ? 3.492   22.411  -5.215  1.00 62.47 ? 100 LYS A CB  1 
ATOM   351  C  CG  . LYS A 1 41  ? 1.983   22.355  -5.032  1.00 66.25 ? 100 LYS A CG  1 
ATOM   352  C  CD  . LYS A 1 41  ? 1.415   21.016  -5.486  1.00 68.72 ? 100 LYS A CD  1 
ATOM   353  C  CE  . LYS A 1 41  ? 0.833   21.109  -6.893  1.00 65.07 ? 100 LYS A CE  1 
ATOM   354  N  NZ  . LYS A 1 41  ? 0.022   19.908  -7.238  1.00 59.71 ? 100 LYS A NZ  1 
ATOM   355  N  N   . ASN A 1 42  ? 6.503   21.532  -5.535  1.00 56.08 ? 101 ASN A N   1 
ATOM   356  C  CA  . ASN A 1 42  ? 7.591   21.361  -6.490  1.00 55.67 ? 101 ASN A CA  1 
ATOM   357  C  C   . ASN A 1 42  ? 8.611   20.312  -6.059  1.00 50.91 ? 101 ASN A C   1 
ATOM   358  O  O   . ASN A 1 42  ? 9.683   20.220  -6.665  1.00 52.81 ? 101 ASN A O   1 
ATOM   359  C  CB  . ASN A 1 42  ? 8.284   22.703  -6.747  1.00 62.19 ? 101 ASN A CB  1 
ATOM   360  C  CG  . ASN A 1 42  ? 7.583   23.518  -7.827  1.00 66.20 ? 101 ASN A CG  1 
ATOM   361  O  OD1 . ASN A 1 42  ? 6.447   23.966  -7.643  1.00 60.14 ? 101 ASN A OD1 1 
ATOM   362  N  ND2 . ASN A 1 42  ? 8.254   23.704  -8.965  1.00 66.89 ? 101 ASN A ND2 1 
ATOM   363  N  N   . GLU A 1 43  ? 8.305   19.529  -5.028  1.00 51.49 ? 102 GLU A N   1 
ATOM   364  C  CA  . GLU A 1 43  ? 9.006   18.280  -4.778  1.00 53.55 ? 102 GLU A CA  1 
ATOM   365  C  C   . GLU A 1 43  ? 8.081   17.072  -4.843  1.00 51.13 ? 102 GLU A C   1 
ATOM   366  O  O   . GLU A 1 43  ? 8.532   15.949  -4.597  1.00 52.36 ? 102 GLU A O   1 
ATOM   367  C  CB  . GLU A 1 43  ? 9.718   18.320  -3.422  1.00 53.60 ? 102 GLU A CB  1 
ATOM   368  C  CG  . GLU A 1 43  ? 9.105   19.267  -2.412  1.00 57.21 ? 102 GLU A CG  1 
ATOM   369  C  CD  . GLU A 1 43  ? 9.923   19.348  -1.133  1.00 56.87 ? 102 GLU A CD  1 
ATOM   370  O  OE1 . GLU A 1 43  ? 11.168  19.253  -1.220  1.00 54.09 ? 102 GLU A OE1 1 
ATOM   371  O  OE2 . GLU A 1 43  ? 9.323   19.497  -0.046  1.00 61.20 ? 102 GLU A OE2 1 
ATOM   372  N  N   . ARG A 1 44  ? 6.806   17.269  -5.191  1.00 50.91 ? 103 ARG A N   1 
ATOM   373  C  CA  . ARG A 1 44  ? 5.869   16.155  -5.267  1.00 46.80 ? 103 ARG A CA  1 
ATOM   374  C  C   . ARG A 1 44  ? 6.253   15.185  -6.374  1.00 45.01 ? 103 ARG A C   1 
ATOM   375  O  O   . ARG A 1 44  ? 6.214   13.964  -6.182  1.00 42.67 ? 103 ARG A O   1 
ATOM   376  C  CB  . ARG A 1 44  ? 4.449   16.683  -5.487  1.00 44.74 ? 103 ARG A CB  1 
ATOM   377  C  CG  . ARG A 1 44  ? 3.358   15.736  -5.014  1.00 52.84 ? 103 ARG A CG  1 
ATOM   378  C  CD  . ARG A 1 44  ? 2.105   15.861  -5.866  1.00 51.35 ? 103 ARG A CD  1 
ATOM   379  N  NE  . ARG A 1 44  ? 1.085   16.678  -5.214  1.00 54.31 ? 103 ARG A NE  1 
ATOM   380  C  CZ  . ARG A 1 44  ? -0.015  17.126  -5.814  1.00 55.54 ? 103 ARG A CZ  1 
ATOM   381  N  NH1 . ARG A 1 44  ? -0.242  16.845  -7.093  1.00 57.75 ? 103 ARG A NH1 1 
ATOM   382  N  NH2 . ARG A 1 44  ? -0.885  17.861  -5.135  1.00 59.14 ? 103 ARG A NH2 1 
ATOM   383  N  N   . GLU A 1 45  ? 6.622   15.712  -7.542  1.00 44.94 ? 104 GLU A N   1 
ATOM   384  C  CA  . GLU A 1 45  ? 7.009   14.866  -8.664  1.00 41.20 ? 104 GLU A CA  1 
ATOM   385  C  C   . GLU A 1 45  ? 8.137   13.918  -8.265  1.00 42.43 ? 104 GLU A C   1 
ATOM   386  O  O   . GLU A 1 45  ? 8.071   12.710  -8.514  1.00 41.08 ? 104 GLU A O   1 
ATOM   387  C  CB  . GLU A 1 45  ? 7.425   15.746  -9.846  1.00 45.14 ? 104 GLU A CB  1 
ATOM   388  C  CG  . GLU A 1 45  ? 7.057   15.210  -11.215 1.00 34.93 ? 104 GLU A CG  1 
ATOM   389  C  CD  . GLU A 1 45  ? 7.122   16.277  -12.301 1.00 42.54 ? 104 GLU A CD  1 
ATOM   390  O  OE1 . GLU A 1 45  ? 8.253   16.728  -12.601 1.00 40.70 ? 104 GLU A OE1 1 
ATOM   391  O  OE2 . GLU A 1 45  ? 6.053   16.659  -12.862 1.00 35.20 ? 104 GLU A OE2 1 
ATOM   392  N  N   . LYS A 1 46  ? 9.175   14.453  -7.619  1.00 48.52 ? 105 LYS A N   1 
ATOM   393  C  CA  . LYS A 1 46  ? 10.317  13.636  -7.210  1.00 39.64 ? 105 LYS A CA  1 
ATOM   394  C  C   . LYS A 1 46  ? 9.895   12.537  -6.245  1.00 38.93 ? 105 LYS A C   1 
ATOM   395  O  O   . LYS A 1 46  ? 10.149  11.349  -6.487  1.00 36.91 ? 105 LYS A O   1 
ATOM   396  C  CB  . LYS A 1 46  ? 11.379  14.526  -6.569  1.00 46.63 ? 105 LYS A CB  1 
ATOM   397  C  CG  . LYS A 1 46  ? 12.578  14.844  -7.448  1.00 49.22 ? 105 LYS A CG  1 
ATOM   398  C  CD  . LYS A 1 46  ? 13.574  15.700  -6.667  1.00 52.80 ? 105 LYS A CD  1 
ATOM   399  C  CE  . LYS A 1 46  ? 14.432  14.856  -5.726  1.00 48.09 ? 105 LYS A CE  1 
ATOM   400  N  NZ  . LYS A 1 46  ? 15.349  13.929  -6.453  1.00 46.86 ? 105 LYS A NZ  1 
ATOM   401  N  N   . ALA A 1 47  ? 9.236   12.916  -5.146  1.00 39.49 ? 106 ALA A N   1 
ATOM   402  C  CA  . ALA A 1 47  ? 8.854   11.931  -4.142  1.00 41.44 ? 106 ALA A CA  1 
ATOM   403  C  C   . ALA A 1 47  ? 7.896   10.875  -4.699  1.00 40.68 ? 106 ALA A C   1 
ATOM   404  O  O   . ALA A 1 47  ? 7.910   9.726   -4.241  1.00 43.34 ? 106 ALA A O   1 
ATOM   405  C  CB  . ALA A 1 47  ? 8.240   12.638  -2.940  1.00 38.95 ? 106 ALA A CB  1 
ATOM   406  N  N   . LEU A 1 48  ? 7.074   11.232  -5.693  1.00 36.01 ? 107 LEU A N   1 
ATOM   407  C  CA  . LEU A 1 48  ? 6.102   10.282  -6.228  1.00 34.99 ? 107 LEU A CA  1 
ATOM   408  C  C   . LEU A 1 48  ? 6.792   9.073   -6.846  1.00 36.03 ? 107 LEU A C   1 
ATOM   409  O  O   . LEU A 1 48  ? 6.429   7.922   -6.565  1.00 34.51 ? 107 LEU A O   1 
ATOM   410  C  CB  . LEU A 1 48  ? 5.208   10.960  -7.268  1.00 41.66 ? 107 LEU A CB  1 
ATOM   411  C  CG  . LEU A 1 48  ? 4.033   11.831  -6.819  1.00 34.98 ? 107 LEU A CG  1 
ATOM   412  C  CD1 . LEU A 1 48  ? 3.279   12.355  -8.034  1.00 31.77 ? 107 LEU A CD1 1 
ATOM   413  C  CD2 . LEU A 1 48  ? 3.104   11.084  -5.883  1.00 35.49 ? 107 LEU A CD2 1 
HETATM 414  N  N   . MSE A 1 49  ? 7.772   9.309   -7.710  1.00 27.26 ? 108 MSE A N   1 
HETATM 415  C  CA  . MSE A 1 49  ? 8.398   8.194   -8.400  1.00 35.13 ? 108 MSE A CA  1 
HETATM 416  C  C   . MSE A 1 49  ? 9.281   7.395   -7.427  1.00 34.12 ? 108 MSE A C   1 
HETATM 417  O  O   . MSE A 1 49  ? 9.504   6.199   -7.629  1.00 32.93 ? 108 MSE A O   1 
HETATM 418  C  CB  . MSE A 1 49  ? 9.188   8.686   -9.618  1.00 34.40 ? 108 MSE A CB  1 
HETATM 419  C  CG  . MSE A 1 49  ? 8.320   8.872   -10.888 1.00 26.46 ? 108 MSE A CG  1 
HETATM 420  SE SE  . MSE A 1 49  ? 9.220   9.943   -12.366 1.00 40.95 ? 108 MSE A SE  1 
HETATM 421  C  CE  . MSE A 1 49  ? 9.808   11.498  -11.324 1.00 24.96 ? 108 MSE A CE  1 
ATOM   422  N  N   . LYS A 1 50  ? 9.730   8.043   -6.343  1.00 35.62 ? 109 LYS A N   1 
ATOM   423  C  CA  . LYS A 1 50  ? 10.607  7.378   -5.377  1.00 34.91 ? 109 LYS A CA  1 
ATOM   424  C  C   . LYS A 1 50  ? 9.827   6.471   -4.430  1.00 28.66 ? 109 LYS A C   1 
ATOM   425  O  O   . LYS A 1 50  ? 10.222  5.324   -4.190  1.00 21.39 ? 109 LYS A O   1 
ATOM   426  C  CB  . LYS A 1 50  ? 11.394  8.415   -4.574  1.00 29.36 ? 109 LYS A CB  1 
ATOM   427  C  CG  . LYS A 1 50  ? 12.562  9.014   -5.332  1.00 33.61 ? 109 LYS A CG  1 
ATOM   428  C  CD  . LYS A 1 50  ? 13.309  10.041  -4.488  1.00 33.13 ? 109 LYS A CD  1 
ATOM   429  C  CE  . LYS A 1 50  ? 14.145  10.971  -5.373  1.00 37.49 ? 109 LYS A CE  1 
ATOM   430  N  NZ  . LYS A 1 50  ? 15.079  11.832  -4.587  1.00 34.96 ? 109 LYS A NZ  1 
ATOM   431  N  N   . ILE A 1 51  ? 8.734   6.977   -3.858  1.00 24.44 ? 110 ILE A N   1 
ATOM   432  C  CA  . ILE A 1 51  ? 7.921   6.121   -3.006  1.00 27.06 ? 110 ILE A CA  1 
ATOM   433  C  C   . ILE A 1 51  ? 7.233   5.049   -3.841  1.00 22.63 ? 110 ILE A C   1 
ATOM   434  O  O   . ILE A 1 51  ? 7.050   3.916   -3.376  1.00 20.73 ? 110 ILE A O   1 
ATOM   435  C  CB  . ILE A 1 51  ? 6.937   6.979   -2.193  1.00 24.43 ? 110 ILE A CB  1 
ATOM   436  C  CG1 . ILE A 1 51  ? 7.720   7.740   -1.129  1.00 21.63 ? 110 ILE A CG1 1 
ATOM   437  C  CG2 . ILE A 1 51  ? 5.854   6.125   -1.537  1.00 22.64 ? 110 ILE A CG2 1 
ATOM   438  C  CD1 . ILE A 1 51  ? 7.166   9.079   -0.819  1.00 34.23 ? 110 ILE A CD1 1 
ATOM   439  N  N   . GLY A 1 52  ? 6.894   5.361   -5.094  1.00 25.53 ? 111 GLY A N   1 
ATOM   440  C  CA  . GLY A 1 52  ? 6.352   4.341   -5.978  1.00 20.69 ? 111 GLY A CA  1 
ATOM   441  C  C   . GLY A 1 52  ? 7.291   3.161   -6.142  1.00 23.70 ? 111 GLY A C   1 
ATOM   442  O  O   . GLY A 1 52  ? 6.890   1.999   -5.995  1.00 20.40 ? 111 GLY A O   1 
ATOM   443  N  N   . LYS A 1 53  ? 8.565   3.444   -6.425  1.00 16.54 ? 112 LYS A N   1 
ATOM   444  C  CA  . LYS A 1 53  ? 9.555   2.380   -6.550  1.00 21.50 ? 112 LYS A CA  1 
ATOM   445  C  C   . LYS A 1 53  ? 9.709   1.613   -5.242  1.00 15.90 ? 112 LYS A C   1 
ATOM   446  O  O   . LYS A 1 53  ? 9.879   0.387   -5.251  1.00 16.20 ? 112 LYS A O   1 
ATOM   447  C  CB  . LYS A 1 53  ? 10.898  2.967   -6.976  1.00 26.92 ? 112 LYS A CB  1 
ATOM   448  C  CG  . LYS A 1 53  ? 11.154  2.950   -8.481  1.00 33.20 ? 112 LYS A CG  1 
ATOM   449  C  CD  . LYS A 1 53  ? 12.077  4.096   -8.872  1.00 30.22 ? 112 LYS A CD  1 
ATOM   450  C  CE  . LYS A 1 53  ? 13.084  3.664   -9.904  1.00 28.04 ? 112 LYS A CE  1 
ATOM   451  N  NZ  . LYS A 1 53  ? 14.435  4.177   -9.545  1.00 40.13 ? 112 LYS A NZ  1 
ATOM   452  N  N   . ILE A 1 54  ? 9.664   2.321   -4.111  1.00 17.68 ? 113 ILE A N   1 
ATOM   453  C  CA  . ILE A 1 54  ? 9.845   1.678   -2.809  1.00 15.71 ? 113 ILE A CA  1 
ATOM   454  C  C   . ILE A 1 54  ? 8.737   0.659   -2.567  1.00 15.69 ? 113 ILE A C   1 
ATOM   455  O  O   . ILE A 1 54  ? 8.988   -0.475  -2.137  1.00 15.82 ? 113 ILE A O   1 
ATOM   456  C  CB  . ILE A 1 54  ? 9.889   2.735   -1.690  1.00 14.42 ? 113 ILE A CB  1 
ATOM   457  C  CG1 . ILE A 1 54  ? 11.219  3.499   -1.709  1.00 15.26 ? 113 ILE A CG1 1 
ATOM   458  C  CG2 . ILE A 1 54  ? 9.625   2.087   -0.329  1.00 10.31 ? 113 ILE A CG2 1 
ATOM   459  C  CD1 . ILE A 1 54  ? 11.210  4.736   -0.810  1.00 16.79 ? 113 ILE A CD1 1 
ATOM   460  N  N   . LEU A 1 55  ? 7.491   1.051   -2.842  1.00 14.99 ? 114 LEU A N   1 
ATOM   461  C  CA  . LEU A 1 55  ? 6.371   0.127   -2.662  1.00 17.02 ? 114 LEU A CA  1 
ATOM   462  C  C   . LEU A 1 55  ? 6.422   -1.010  -3.669  1.00 13.92 ? 114 LEU A C   1 
ATOM   463  O  O   . LEU A 1 55  ? 6.039   -2.143  -3.348  1.00 15.26 ? 114 LEU A O   1 
ATOM   464  C  CB  . LEU A 1 55  ? 5.042   0.874   -2.775  1.00 14.59 ? 114 LEU A CB  1 
ATOM   465  C  CG  . LEU A 1 55  ? 4.833   1.881   -1.649  1.00 14.80 ? 114 LEU A CG  1 
ATOM   466  C  CD1 . LEU A 1 55  ? 3.629   2.724   -1.955  1.00 19.28 ? 114 LEU A CD1 1 
ATOM   467  C  CD2 . LEU A 1 55  ? 4.690   1.180   -0.312  1.00 16.07 ? 114 LEU A CD2 1 
ATOM   468  N  N   . LYS A 1 56  ? 6.862   -0.726  -4.898  1.00 12.73 ? 115 LYS A N   1 
ATOM   469  C  CA  . LYS A 1 56  ? 7.076   -1.798  -5.867  1.00 14.43 ? 115 LYS A CA  1 
ATOM   470  C  C   . LYS A 1 56  ? 8.045   -2.842  -5.334  1.00 17.24 ? 115 LYS A C   1 
ATOM   471  O  O   . LYS A 1 56  ? 7.915   -4.033  -5.646  1.00 14.62 ? 115 LYS A O   1 
ATOM   472  C  CB  . LYS A 1 56  ? 7.605   -1.233  -7.185  1.00 20.22 ? 115 LYS A CB  1 
ATOM   473  C  CG  . LYS A 1 56  ? 6.537   -0.773  -8.162  1.00 19.21 ? 115 LYS A CG  1 
ATOM   474  C  CD  . LYS A 1 56  ? 5.481   -1.863  -8.406  1.00 26.08 ? 115 LYS A CD  1 
ATOM   475  C  CE  . LYS A 1 56  ? 6.048   -3.089  -9.103  1.00 30.39 ? 115 LYS A CE  1 
ATOM   476  N  NZ  . LYS A 1 56  ? 4.991   -3.828  -9.871  1.00 26.04 ? 115 LYS A NZ  1 
ATOM   477  N  N   . GLU A 1 57  ? 9.017   -2.416  -4.525  1.00 14.60 ? 116 GLU A N   1 
ATOM   478  C  CA  . GLU A 1 57  ? 9.980   -3.353  -3.955  1.00 15.04 ? 116 GLU A CA  1 
ATOM   479  C  C   . GLU A 1 57  ? 9.317   -4.367  -3.034  1.00 15.06 ? 116 GLU A C   1 
ATOM   480  O  O   . GLU A 1 57  ? 9.824   -5.487  -2.885  1.00 15.34 ? 116 GLU A O   1 
ATOM   481  C  CB  . GLU A 1 57  ? 11.064  -2.584  -3.191  1.00 14.65 ? 116 GLU A CB  1 
ATOM   482  C  CG  . GLU A 1 57  ? 12.322  -3.392  -2.967  1.00 20.51 ? 116 GLU A CG  1 
ATOM   483  C  CD  . GLU A 1 57  ? 13.381  -2.630  -2.210  1.00 17.91 ? 116 GLU A CD  1 
ATOM   484  O  OE1 . GLU A 1 57  ? 14.126  -3.273  -1.444  1.00 24.71 ? 116 GLU A OE1 1 
ATOM   485  O  OE2 . GLU A 1 57  ? 13.478  -1.391  -2.392  1.00 17.22 ? 116 GLU A OE2 1 
ATOM   486  N  N   . CYS A 1 58  ? 8.206   -3.995  -2.388  1.00 14.39 ? 117 CYS A N   1 
ATOM   487  C  CA  . CYS A 1 58  ? 7.496   -4.920  -1.501  1.00 19.17 ? 117 CYS A CA  1 
ATOM   488  C  C   . CYS A 1 58  ? 6.744   -6.017  -2.243  1.00 18.63 ? 117 CYS A C   1 
ATOM   489  O  O   . CYS A 1 58  ? 6.289   -6.971  -1.606  1.00 21.44 ? 117 CYS A O   1 
ATOM   490  C  CB  . CYS A 1 58  ? 6.475   -4.172  -0.644  1.00 18.47 ? 117 CYS A CB  1 
ATOM   491  S  SG  . CYS A 1 58  ? 7.154   -2.821  0.316   1.00 18.78 ? 117 CYS A SG  1 
ATOM   492  N  N   . VAL A 1 59  ? 6.550   -5.874  -3.553  1.00 14.86 ? 118 VAL A N   1 
ATOM   493  C  CA  . VAL A 1 59  ? 5.788   -6.847  -4.329  1.00 15.73 ? 118 VAL A CA  1 
ATOM   494  C  C   . VAL A 1 59  ? 6.568   -8.159  -4.385  1.00 22.18 ? 118 VAL A C   1 
ATOM   495  O  O   . VAL A 1 59  ? 7.667   -8.215  -4.948  1.00 21.51 ? 118 VAL A O   1 
ATOM   496  C  CB  . VAL A 1 59  ? 5.513   -6.296  -5.737  1.00 19.41 ? 118 VAL A CB  1 
ATOM   497  C  CG1 . VAL A 1 59  ? 5.050   -7.396  -6.703  1.00 20.02 ? 118 VAL A CG1 1 
ATOM   498  C  CG2 . VAL A 1 59  ? 4.495   -5.162  -5.665  1.00 16.49 ? 118 VAL A CG2 1 
ATOM   499  N  N   . ARG A 1 60  ? 5.999   -9.224  -3.808  1.00 17.52 ? 119 ARG A N   1 
ATOM   500  C  CA  . ARG A 1 60  ? 6.645   -10.536 -3.802  1.00 20.58 ? 119 ARG A CA  1 
ATOM   501  C  C   . ARG A 1 60  ? 6.099   -11.493 -4.853  1.00 23.55 ? 119 ARG A C   1 
ATOM   502  O  O   . ARG A 1 60  ? 6.847   -12.334 -5.359  1.00 24.48 ? 119 ARG A O   1 
ATOM   503  C  CB  . ARG A 1 60  ? 6.501   -11.232 -2.445  1.00 25.97 ? 119 ARG A CB  1 
ATOM   504  C  CG  . ARG A 1 60  ? 6.537   -10.375 -1.208  1.00 29.07 ? 119 ARG A CG  1 
ATOM   505  C  CD  . ARG A 1 60  ? 6.164   -11.250 0.007   1.00 36.14 ? 119 ARG A CD  1 
ATOM   506  N  NE  . ARG A 1 60  ? 6.504   -12.656 -0.230  1.00 42.26 ? 119 ARG A NE  1 
ATOM   507  C  CZ  . ARG A 1 60  ? 5.615   -13.642 -0.372  1.00 45.38 ? 119 ARG A CZ  1 
ATOM   508  N  NH1 . ARG A 1 60  ? 4.318   -13.389 -0.302  1.00 36.54 ? 119 ARG A NH1 1 
ATOM   509  N  NH2 . ARG A 1 60  ? 6.021   -14.887 -0.597  1.00 43.76 ? 119 ARG A NH2 1 
ATOM   510  N  N   . VAL A 1 61  ? 4.811   -11.422 -5.164  1.00 20.79 ? 120 VAL A N   1 
ATOM   511  C  CA  . VAL A 1 61  ? 4.228   -12.286 -6.190  1.00 22.97 ? 120 VAL A CA  1 
ATOM   512  C  C   . VAL A 1 61  ? 3.433   -11.415 -7.138  1.00 17.38 ? 120 VAL A C   1 
ATOM   513  O  O   . VAL A 1 61  ? 3.078   -10.270 -6.799  1.00 18.28 ? 120 VAL A O   1 
ATOM   514  C  CB  . VAL A 1 61  ? 3.369   -13.411 -5.555  1.00 22.05 ? 120 VAL A CB  1 
ATOM   515  C  CG1 . VAL A 1 61  ? 4.242   -14.279 -4.653  1.00 22.06 ? 120 VAL A CG1 1 
ATOM   516  C  CG2 . VAL A 1 61  ? 2.200   -12.824 -4.757  1.00 19.34 ? 120 VAL A CG2 1 
ATOM   517  N  N   . PRO A 1 62  ? 3.167   -11.886 -8.361  1.00 18.12 ? 121 PRO A N   1 
ATOM   518  C  CA  . PRO A 1 62  ? 2.549   -11.007 -9.372  1.00 17.58 ? 121 PRO A CA  1 
ATOM   519  C  C   . PRO A 1 62  ? 1.204   -10.404 -8.974  1.00 16.76 ? 121 PRO A C   1 
ATOM   520  O  O   . PRO A 1 62  ? 0.862   -9.320  -9.470  1.00 14.65 ? 121 PRO A O   1 
ATOM   521  C  CB  . PRO A 1 62  ? 2.416   -11.929 -10.591 1.00 21.84 ? 121 PRO A CB  1 
ATOM   522  C  CG  . PRO A 1 62  ? 3.536   -12.904 -10.435 1.00 23.04 ? 121 PRO A CG  1 
ATOM   523  C  CD  . PRO A 1 62  ? 3.602   -13.169 -8.950  1.00 22.39 ? 121 PRO A CD  1 
ATOM   524  N  N   . LEU A 1 63  ? 0.445   -11.053 -8.082  1.00 16.63 ? 122 LEU A N   1 
ATOM   525  C  CA  . LEU A 1 63  ? -0.837  -10.507 -7.629  1.00 17.63 ? 122 LEU A CA  1 
ATOM   526  C  C   . LEU A 1 63  ? -0.663  -9.290  -6.713  1.00 16.64 ? 122 LEU A C   1 
ATOM   527  O  O   . LEU A 1 63  ? -1.545  -8.419  -6.665  1.00 12.16 ? 122 LEU A O   1 
ATOM   528  C  CB  . LEU A 1 63  ? -1.631  -11.596 -6.897  1.00 18.60 ? 122 LEU A CB  1 
ATOM   529  C  CG  . LEU A 1 63  ? -2.874  -12.277 -7.493  1.00 25.50 ? 122 LEU A CG  1 
ATOM   530  C  CD1 . LEU A 1 63  ? -3.005  -12.131 -8.986  1.00 16.95 ? 122 LEU A CD1 1 
ATOM   531  C  CD2 . LEU A 1 63  ? -2.915  -13.752 -7.078  1.00 21.87 ? 122 LEU A CD2 1 
ATOM   532  N  N   . ASP A 1 64  ? 0.437   -9.222  -5.959  1.00 12.25 ? 123 ASP A N   1 
ATOM   533  C  CA  . ASP A 1 64  ? 0.702   -8.037  -5.144  1.00 13.16 ? 123 ASP A CA  1 
ATOM   534  C  C   . ASP A 1 64  ? 0.707   -6.795  -6.031  1.00 12.30 ? 123 ASP A C   1 
ATOM   535  O  O   . ASP A 1 64  ? 1.219   -6.820  -7.154  1.00 12.95 ? 123 ASP A O   1 
ATOM   536  C  CB  . ASP A 1 64  ? 2.047   -8.165  -4.429  1.00 18.08 ? 123 ASP A CB  1 
ATOM   537  C  CG  . ASP A 1 64  ? 2.110   -9.341  -3.468  1.00 16.16 ? 123 ASP A CG  1 
ATOM   538  O  OD1 . ASP A 1 64  ? 1.063   -9.827  -2.994  1.00 16.43 ? 123 ASP A OD1 1 
ATOM   539  O  OD2 . ASP A 1 64  ? 3.237   -9.761  -3.157  1.00 19.36 ? 123 ASP A OD2 1 
ATOM   540  N  N   . SER A 1 65  ? 0.117   -5.700  -5.544  1.00 13.05 ? 124 SER A N   1 
ATOM   541  C  CA  . SER A 1 65  ? -0.131  -4.566  -6.427  1.00 12.31 ? 124 SER A CA  1 
ATOM   542  C  C   . SER A 1 65  ? 0.083   -3.234  -5.717  1.00 13.00 ? 124 SER A C   1 
ATOM   543  O  O   . SER A 1 65  ? -0.210  -3.076  -4.528  1.00 10.59 ? 124 SER A O   1 
ATOM   544  C  CB  . SER A 1 65  ? -1.563  -4.587  -7.011  1.00 12.00 ? 124 SER A CB  1 
ATOM   545  O  OG  . SER A 1 65  ? -1.929  -5.872  -7.487  1.00 15.19 ? 124 SER A OG  1 
ATOM   546  N  N   . VAL A 1 66  ? 0.549   -2.264  -6.501  1.00 11.39 ? 125 VAL A N   1 
ATOM   547  C  CA  . VAL A 1 66  ? 0.721   -0.877  -6.087  1.00 11.59 ? 125 VAL A CA  1 
ATOM   548  C  C   . VAL A 1 66  ? -0.230  -0.018  -6.904  1.00 12.15 ? 125 VAL A C   1 
ATOM   549  O  O   . VAL A 1 66  ? -0.304  -0.156  -8.134  1.00 13.10 ? 125 VAL A O   1 
ATOM   550  C  CB  . VAL A 1 66  ? 2.173   -0.406  -6.301  1.00 14.92 ? 125 VAL A CB  1 
ATOM   551  C  CG1 . VAL A 1 66  ? 2.344   1.035   -5.831  1.00 15.02 ? 125 VAL A CG1 1 
ATOM   552  C  CG2 . VAL A 1 66  ? 3.142   -1.338  -5.624  1.00 12.83 ? 125 VAL A CG2 1 
ATOM   553  N  N   . GLY A 1 67  ? -0.918  0.899   -6.236  1.00 11.58 ? 126 GLY A N   1 
ATOM   554  C  CA  . GLY A 1 67  ? -1.859  1.769   -6.903  1.00 10.89 ? 126 GLY A CA  1 
ATOM   555  C  C   . GLY A 1 67  ? -1.634  3.226   -6.562  1.00 12.43 ? 126 GLY A C   1 
ATOM   556  O  O   . GLY A 1 67  ? -1.231  3.576   -5.448  1.00 14.27 ? 126 GLY A O   1 
ATOM   557  N  N   . ARG A 1 68  ? -1.905  4.080   -7.547  1.00 12.56 ? 127 ARG A N   1 
ATOM   558  C  CA  . ARG A 1 68  ? -1.981  5.527   -7.343  1.00 15.57 ? 127 ARG A CA  1 
ATOM   559  C  C   . ARG A 1 68  ? -3.365  5.823   -6.780  1.00 16.01 ? 127 ARG A C   1 
ATOM   560  O  O   . ARG A 1 68  ? -4.341  5.950   -7.521  1.00 16.95 ? 127 ARG A O   1 
ATOM   561  C  CB  . ARG A 1 68  ? -1.726  6.281   -8.648  1.00 19.67 ? 127 ARG A CB  1 
ATOM   562  C  CG  . ARG A 1 68  ? -1.711  7.822   -8.528  1.00 22.41 ? 127 ARG A CG  1 
ATOM   563  C  CD  . ARG A 1 68  ? -1.934  8.473   -9.898  1.00 28.71 ? 127 ARG A CD  1 
ATOM   564  N  NE  . ARG A 1 68  ? -1.715  9.928   -9.919  1.00 32.88 ? 127 ARG A NE  1 
ATOM   565  C  CZ  . ARG A 1 68  ? -2.685  10.840  -9.835  1.00 31.85 ? 127 ARG A CZ  1 
ATOM   566  N  NH1 . ARG A 1 68  ? -3.955  10.465  -9.704  1.00 26.90 ? 127 ARG A NH1 1 
ATOM   567  N  NH2 . ARG A 1 68  ? -2.383  12.137  -9.866  1.00 32.33 ? 127 ARG A NH2 1 
ATOM   568  N  N   . TYR A 1 69  ? -3.459  5.913   -5.451  1.00 16.02 ? 128 TYR A N   1 
ATOM   569  C  CA  . TYR A 1 69  ? -4.764  6.034   -4.814  1.00 17.77 ? 128 TYR A CA  1 
ATOM   570  C  C   . TYR A 1 69  ? -5.338  7.442   -4.954  1.00 16.77 ? 128 TYR A C   1 
ATOM   571  O  O   . TYR A 1 69  ? -6.549  7.603   -5.114  1.00 17.51 ? 128 TYR A O   1 
ATOM   572  C  CB  . TYR A 1 69  ? -4.664  5.634   -3.340  1.00 17.92 ? 128 TYR A CB  1 
ATOM   573  C  CG  . TYR A 1 69  ? -6.011  5.502   -2.697  1.00 17.10 ? 128 TYR A CG  1 
ATOM   574  C  CD1 . TYR A 1 69  ? -6.823  4.414   -2.967  1.00 17.36 ? 128 TYR A CD1 1 
ATOM   575  C  CD2 . TYR A 1 69  ? -6.499  6.493   -1.852  1.00 20.63 ? 128 TYR A CD2 1 
ATOM   576  C  CE1 . TYR A 1 69  ? -8.082  4.306   -2.399  1.00 18.88 ? 128 TYR A CE1 1 
ATOM   577  C  CE2 . TYR A 1 69  ? -7.742  6.387   -1.272  1.00 20.20 ? 128 TYR A CE2 1 
ATOM   578  C  CZ  . TYR A 1 69  ? -8.527  5.287   -1.553  1.00 22.02 ? 128 TYR A CZ  1 
ATOM   579  O  OH  . TYR A 1 69  ? -9.773  5.179   -0.989  1.00 26.19 ? 128 TYR A OH  1 
ATOM   580  N  N   . SER A 1 70  ? -4.482  8.459   -4.900  1.00 16.34 ? 129 SER A N   1 
ATOM   581  C  CA  . SER A 1 70  ? -4.862  9.850   -5.095  1.00 22.15 ? 129 SER A CA  1 
ATOM   582  C  C   . SER A 1 70  ? -3.643  10.588  -5.641  1.00 25.16 ? 129 SER A C   1 
ATOM   583  O  O   . SER A 1 70  ? -2.586  9.990   -5.864  1.00 20.12 ? 129 SER A O   1 
ATOM   584  C  CB  . SER A 1 70  ? -5.352  10.475  -3.791  1.00 20.24 ? 129 SER A CB  1 
ATOM   585  O  OG  . SER A 1 70  ? -4.247  10.906  -3.019  1.00 22.76 ? 129 SER A OG  1 
ATOM   586  N  N   . ASP A 1 71  ? -3.778  11.902  -5.835  1.00 24.95 ? 130 ASP A N   1 
ATOM   587  C  CA  . ASP A 1 71  ? -2.637  12.632  -6.383  1.00 25.21 ? 130 ASP A CA  1 
ATOM   588  C  C   . ASP A 1 71  ? -1.450  12.678  -5.424  1.00 23.67 ? 130 ASP A C   1 
ATOM   589  O  O   . ASP A 1 71  ? -0.347  13.008  -5.863  1.00 35.36 ? 130 ASP A O   1 
ATOM   590  C  CB  . ASP A 1 71  ? -3.044  14.052  -6.819  1.00 30.80 ? 130 ASP A CB  1 
ATOM   591  C  CG  . ASP A 1 71  ? -3.520  14.920  -5.664  1.00 38.18 ? 130 ASP A CG  1 
ATOM   592  O  OD1 . ASP A 1 71  ? -3.688  14.396  -4.544  1.00 37.30 ? 130 ASP A OD1 1 
ATOM   593  O  OD2 . ASP A 1 71  ? -3.734  16.133  -5.880  1.00 47.68 ? 130 ASP A OD2 1 
ATOM   594  N  N   . ASP A 1 72  ? -1.619  12.310  -4.147  1.00 19.80 ? 131 ASP A N   1 
ATOM   595  C  CA  . ASP A 1 72  ? -0.476  12.239  -3.244  1.00 20.29 ? 131 ASP A CA  1 
ATOM   596  C  C   . ASP A 1 72  ? -0.418  10.958  -2.406  1.00 20.59 ? 131 ASP A C   1 
ATOM   597  O  O   . ASP A 1 72  ? 0.432   10.859  -1.511  1.00 17.38 ? 131 ASP A O   1 
ATOM   598  C  CB  . ASP A 1 72  ? -0.451  13.473  -2.323  1.00 23.77 ? 131 ASP A CB  1 
ATOM   599  C  CG  . ASP A 1 72  ? -1.680  13.583  -1.425  1.00 27.69 ? 131 ASP A CG  1 
ATOM   600  O  OD1 . ASP A 1 72  ? -2.499  12.635  -1.356  1.00 24.53 ? 131 ASP A OD1 1 
ATOM   601  O  OD2 . ASP A 1 72  ? -1.820  14.643  -0.768  1.00 26.31 ? 131 ASP A OD2 1 
ATOM   602  N  N   . THR A 1 73  ? -1.289  9.980   -2.652  1.00 14.76 ? 132 THR A N   1 
ATOM   603  C  CA  . THR A 1 73  ? -1.330  8.781   -1.829  1.00 18.82 ? 132 THR A CA  1 
ATOM   604  C  C   . THR A 1 73  ? -1.118  7.556   -2.705  1.00 17.69 ? 132 THR A C   1 
ATOM   605  O  O   . THR A 1 73  ? -1.691  7.456   -3.791  1.00 14.81 ? 132 THR A O   1 
ATOM   606  C  CB  . THR A 1 73  ? -2.667  8.662   -1.068  1.00 18.94 ? 132 THR A CB  1 
ATOM   607  O  OG1 . THR A 1 73  ? -2.846  9.806   -0.219  1.00 20.35 ? 132 THR A OG1 1 
ATOM   608  C  CG2 . THR A 1 73  ? -2.690  7.406   -0.205  1.00 18.73 ? 132 THR A CG2 1 
ATOM   609  N  N   . PHE A 1 74  ? -0.274  6.640   -2.244  1.00 15.18 ? 133 PHE A N   1 
ATOM   610  C  CA  . PHE A 1 74  ? -0.168  5.320   -2.843  1.00 16.96 ? 133 PHE A CA  1 
ATOM   611  C  C   . PHE A 1 74  ? -0.846  4.291   -1.951  1.00 15.11 ? 133 PHE A C   1 
ATOM   612  O  O   . PHE A 1 74  ? -0.923  4.454   -0.728  1.00 15.14 ? 133 PHE A O   1 
ATOM   613  C  CB  . PHE A 1 74  ? 1.286   4.895   -3.037  1.00 13.20 ? 133 PHE A CB  1 
ATOM   614  C  CG  . PHE A 1 74  ? 1.981   5.580   -4.168  1.00 18.45 ? 133 PHE A CG  1 
ATOM   615  C  CD1 . PHE A 1 74  ? 1.824   5.129   -5.469  1.00 18.05 ? 133 PHE A CD1 1 
ATOM   616  C  CD2 . PHE A 1 74  ? 2.826   6.658   -3.926  1.00 19.28 ? 133 PHE A CD2 1 
ATOM   617  C  CE1 . PHE A 1 74  ? 2.494   5.755   -6.524  1.00 20.98 ? 133 PHE A CE1 1 
ATOM   618  C  CE2 . PHE A 1 74  ? 3.501   7.291   -4.973  1.00 23.90 ? 133 PHE A CE2 1 
ATOM   619  C  CZ  . PHE A 1 74  ? 3.331   6.837   -6.272  1.00 20.34 ? 133 PHE A CZ  1 
ATOM   620  N  N   . ALA A 1 75  ? -1.308  3.212   -2.574  1.00 15.16 ? 134 ALA A N   1 
ATOM   621  C  CA  . ALA A 1 75  ? -1.757  2.043   -1.843  1.00 12.47 ? 134 ALA A CA  1 
ATOM   622  C  C   . ALA A 1 75  ? -1.001  0.817   -2.339  1.00 13.82 ? 134 ALA A C   1 
ATOM   623  O  O   . ALA A 1 75  ? -0.473  0.788   -3.456  1.00 15.14 ? 134 ALA A O   1 
ATOM   624  C  CB  . ALA A 1 75  ? -3.273  1.846   -1.972  1.00 13.97 ? 134 ALA A CB  1 
ATOM   625  N  N   . LEU A 1 76  ? -0.941  -0.190  -1.473  1.00 10.85 ? 135 LEU A N   1 
ATOM   626  C  CA  . LEU A 1 76  ? -0.256  -1.441  -1.741  1.00 12.55 ? 135 LEU A CA  1 
ATOM   627  C  C   . LEU A 1 76  ? -1.003  -2.543  -1.011  1.00 13.22 ? 135 LEU A C   1 
ATOM   628  O  O   . LEU A 1 76  ? -1.417  -2.356  0.141   1.00 10.08 ? 135 LEU A O   1 
ATOM   629  C  CB  . LEU A 1 76  ? 1.203   -1.399  -1.263  1.00 11.27 ? 135 LEU A CB  1 
ATOM   630  C  CG  . LEU A 1 76  ? 1.956   -2.715  -1.060  1.00 13.08 ? 135 LEU A CG  1 
ATOM   631  C  CD1 . LEU A 1 76  ? 2.444   -3.281  -2.410  1.00 12.67 ? 135 LEU A CD1 1 
ATOM   632  C  CD2 . LEU A 1 76  ? 3.145   -2.512  -0.104  1.00 11.66 ? 135 LEU A CD2 1 
ATOM   633  N  N   . PHE A 1 77  ? -1.176  -3.684  -1.668  1.00 8.99  ? 136 PHE A N   1 
ATOM   634  C  CA  . PHE A 1 77  ? -1.550  -4.872  -0.915  1.00 11.93 ? 136 PHE A CA  1 
ATOM   635  C  C   . PHE A 1 77  ? -0.596  -6.010  -1.232  1.00 11.74 ? 136 PHE A C   1 
ATOM   636  O  O   . PHE A 1 77  ? -0.122  -6.137  -2.363  1.00 13.97 ? 136 PHE A O   1 
ATOM   637  C  CB  . PHE A 1 77  ? -3.032  -5.276  -1.137  1.00 10.76 ? 136 PHE A CB  1 
ATOM   638  C  CG  . PHE A 1 77  ? -3.387  -5.728  -2.538  1.00 9.16  ? 136 PHE A CG  1 
ATOM   639  C  CD1 . PHE A 1 77  ? -3.171  -7.041  -2.941  1.00 8.64  ? 136 PHE A CD1 1 
ATOM   640  C  CD2 . PHE A 1 77  ? -4.017  -4.853  -3.419  1.00 11.39 ? 136 PHE A CD2 1 
ATOM   641  C  CE1 . PHE A 1 77  ? -3.533  -7.463  -4.204  1.00 10.71 ? 136 PHE A CE1 1 
ATOM   642  C  CE2 . PHE A 1 77  ? -4.390  -5.269  -4.697  1.00 10.59 ? 136 PHE A CE2 1 
ATOM   643  C  CZ  . PHE A 1 77  ? -4.147  -6.576  -5.089  1.00 8.28  ? 136 PHE A CZ  1 
ATOM   644  N  N   . VAL A 1 78  ? -0.305  -6.814  -0.206  1.00 13.19 ? 137 VAL A N   1 
ATOM   645  C  CA  . VAL A 1 78  ? 0.664   -7.901  -0.259  1.00 16.41 ? 137 VAL A CA  1 
ATOM   646  C  C   . VAL A 1 78  ? -0.018  -9.158  0.288   1.00 16.61 ? 137 VAL A C   1 
ATOM   647  O  O   . VAL A 1 78  ? -0.443  -9.189  1.450   1.00 16.06 ? 137 VAL A O   1 
ATOM   648  C  CB  . VAL A 1 78  ? 1.946   -7.571  0.535   1.00 15.45 ? 137 VAL A CB  1 
ATOM   649  C  CG1 . VAL A 1 78  ? 2.723   -6.443  -0.143  1.00 14.84 ? 137 VAL A CG1 1 
ATOM   650  C  CG2 . VAL A 1 78  ? 1.617   -7.137  1.953   1.00 21.11 ? 137 VAL A CG2 1 
ATOM   651  N  N   . ILE A 1 79  ? -0.147  -10.174 -0.546  1.00 14.57 ? 138 ILE A N   1 
ATOM   652  C  CA  . ILE A 1 79  ? -0.898  -11.349 -0.132  1.00 20.00 ? 138 ILE A CA  1 
ATOM   653  C  C   . ILE A 1 79  ? -0.026  -12.213 0.771   1.00 17.78 ? 138 ILE A C   1 
ATOM   654  O  O   . ILE A 1 79  ? 1.211   -12.226 0.672   1.00 14.94 ? 138 ILE A O   1 
ATOM   655  C  CB  . ILE A 1 79  ? -1.417  -12.132 -1.352  1.00 22.40 ? 138 ILE A CB  1 
ATOM   656  C  CG1 . ILE A 1 79  ? -0.270  -12.875 -2.019  1.00 22.78 ? 138 ILE A CG1 1 
ATOM   657  C  CG2 . ILE A 1 79  ? -2.128  -11.189 -2.356  1.00 16.99 ? 138 ILE A CG2 1 
ATOM   658  C  CD1 . ILE A 1 79  ? -0.229  -14.348 -1.668  1.00 28.09 ? 138 ILE A CD1 1 
ATOM   659  N  N   . GLY A 1 80  ? -0.684  -12.954 1.662   1.00 15.13 ? 139 GLY A N   1 
ATOM   660  C  CA  . GLY A 1 80  ? 0.019   -13.837 2.564   1.00 19.12 ? 139 GLY A CA  1 
ATOM   661  C  C   . GLY A 1 80  ? 0.626   -13.147 3.767   1.00 22.18 ? 139 GLY A C   1 
ATOM   662  O  O   . GLY A 1 80  ? 1.276   -13.815 4.576   1.00 20.97 ? 139 GLY A O   1 
ATOM   663  N  N   . VAL A 1 81  ? 0.437   -11.841 3.913   1.00 18.00 ? 140 VAL A N   1 
ATOM   664  C  CA  . VAL A 1 81  ? 1.015   -11.077 5.015   1.00 15.22 ? 140 VAL A CA  1 
ATOM   665  C  C   . VAL A 1 81  ? -0.086  -10.794 6.021   1.00 15.65 ? 140 VAL A C   1 
ATOM   666  O  O   . VAL A 1 81  ? -1.056  -10.100 5.707   1.00 16.45 ? 140 VAL A O   1 
ATOM   667  C  CB  . VAL A 1 81  ? 1.653   -9.775  4.507   1.00 17.64 ? 140 VAL A CB  1 
ATOM   668  C  CG1 . VAL A 1 81  ? 2.056   -8.858  5.674   1.00 14.70 ? 140 VAL A CG1 1 
ATOM   669  C  CG2 . VAL A 1 81  ? 2.848   -10.088 3.602   1.00 16.90 ? 140 VAL A CG2 1 
ATOM   670  N  N   . GLY A 1 82  ? 0.052   -11.332 7.233   1.00 16.52 ? 141 GLY A N   1 
ATOM   671  C  CA  . GLY A 1 82  ? -0.866  -11.062 8.314   1.00 15.10 ? 141 GLY A CA  1 
ATOM   672  C  C   . GLY A 1 82  ? -0.269  -10.140 9.364   1.00 23.90 ? 141 GLY A C   1 
ATOM   673  O  O   . GLY A 1 82  ? 0.751   -9.481  9.153   1.00 19.22 ? 141 GLY A O   1 
ATOM   674  N  N   . LYS A 1 83  ? -0.935  -10.120 10.529  1.00 21.35 ? 142 LYS A N   1 
ATOM   675  C  CA  . LYS A 1 83  ? -0.536  -9.224  11.615  1.00 23.94 ? 142 LYS A CA  1 
ATOM   676  C  C   . LYS A 1 83  ? 0.902   -9.459  12.052  1.00 25.18 ? 142 LYS A C   1 
ATOM   677  O  O   . LYS A 1 83  ? 1.587   -8.514  12.459  1.00 26.91 ? 142 LYS A O   1 
ATOM   678  C  CB  . LYS A 1 83  ? -1.461  -9.404  12.822  1.00 25.12 ? 142 LYS A CB  1 
ATOM   679  C  CG  . LYS A 1 83  ? -2.753  -8.638  12.723  1.00 30.77 ? 142 LYS A CG  1 
ATOM   680  C  CD  . LYS A 1 83  ? -2.506  -7.138  12.699  1.00 32.72 ? 142 LYS A CD  1 
ATOM   681  C  CE  . LYS A 1 83  ? -2.600  -6.535  14.097  1.00 33.20 ? 142 LYS A CE  1 
ATOM   682  N  NZ  . LYS A 1 83  ? -2.757  -5.057  13.999  1.00 28.51 ? 142 LYS A NZ  1 
ATOM   683  N  N   . GLU A 1 84  ? 1.367   -10.710 11.995  1.00 23.90 ? 143 GLU A N   1 
ATOM   684  C  CA  . GLU A 1 84  ? 2.709   -11.038 12.468  1.00 28.82 ? 143 GLU A CA  1 
ATOM   685  C  C   . GLU A 1 84  ? 3.782   -10.311 11.660  1.00 26.80 ? 143 GLU A C   1 
ATOM   686  O  O   . GLU A 1 84  ? 4.704   -9.718  12.231  1.00 25.69 ? 143 GLU A O   1 
ATOM   687  C  CB  . GLU A 1 84  ? 2.923   -12.551 12.411  1.00 29.70 ? 143 GLU A CB  1 
ATOM   688  C  CG  . GLU A 1 84  ? 4.209   -13.042 13.068  1.00 38.29 ? 143 GLU A CG  1 
ATOM   689  C  CD  . GLU A 1 84  ? 4.074   -13.245 14.569  1.00 51.53 ? 143 GLU A CD  1 
ATOM   690  O  OE1 . GLU A 1 84  ? 3.016   -12.889 15.136  1.00 56.59 ? 143 GLU A OE1 1 
ATOM   691  O  OE2 . GLU A 1 84  ? 5.027   -13.768 15.187  1.00 54.66 ? 143 GLU A OE2 1 
ATOM   692  N  N   . THR A 1 85  ? 3.689   -10.341 10.328  1.00 24.55 ? 144 THR A N   1 
ATOM   693  C  CA  . THR A 1 85  ? 4.773   -9.822  9.501   1.00 24.83 ? 144 THR A CA  1 
ATOM   694  C  C   . THR A 1 85  ? 4.498   -8.441  8.914   1.00 24.60 ? 144 THR A C   1 
ATOM   695  O  O   . THR A 1 85  ? 5.432   -7.807  8.413   1.00 25.69 ? 144 THR A O   1 
ATOM   696  C  CB  . THR A 1 85  ? 5.086   -10.801 8.368   1.00 27.68 ? 144 THR A CB  1 
ATOM   697  O  OG1 . THR A 1 85  ? 3.879   -11.105 7.652   1.00 29.00 ? 144 THR A OG1 1 
ATOM   698  C  CG2 . THR A 1 85  ? 5.684   -12.091 8.949   1.00 26.89 ? 144 THR A CG2 1 
ATOM   699  N  N   . ALA A 1 86  ? 3.258   -7.964  8.964   1.00 19.00 ? 145 ALA A N   1 
ATOM   700  C  CA  . ALA A 1 86  ? 2.954   -6.616  8.497   1.00 19.65 ? 145 ALA A CA  1 
ATOM   701  C  C   . ALA A 1 86  ? 3.845   -5.536  9.100   1.00 22.02 ? 145 ALA A C   1 
ATOM   702  O  O   . ALA A 1 86  ? 4.242   -4.629  8.347   1.00 16.94 ? 145 ALA A O   1 
ATOM   703  C  CB  . ALA A 1 86  ? 1.478   -6.284  8.760   1.00 17.33 ? 145 ALA A CB  1 
ATOM   704  N  N   . PRO A 1 87  ? 4.170   -5.535  10.403  1.00 19.65 ? 146 PRO A N   1 
ATOM   705  C  CA  . PRO A 1 87  ? 5.042   -4.462  10.924  1.00 22.18 ? 146 PRO A CA  1 
ATOM   706  C  C   . PRO A 1 87  ? 6.429   -4.464  10.316  1.00 20.27 ? 146 PRO A C   1 
ATOM   707  O  O   . PRO A 1 87  ? 7.026   -3.391  10.168  1.00 20.62 ? 146 PRO A O   1 
ATOM   708  C  CB  . PRO A 1 87  ? 5.104   -4.748  12.433  1.00 26.87 ? 146 PRO A CB  1 
ATOM   709  C  CG  . PRO A 1 87  ? 3.885   -5.575  12.720  1.00 26.40 ? 146 PRO A CG  1 
ATOM   710  C  CD  . PRO A 1 87  ? 3.683   -6.406  11.490  1.00 21.24 ? 146 PRO A CD  1 
ATOM   711  N  N   . ASN A 1 88  ? 6.975   -5.640  9.995   1.00 18.35 ? 147 ASN A N   1 
ATOM   712  C  CA  . ASN A 1 88  ? 8.289   -5.698  9.364   1.00 19.46 ? 147 ASN A CA  1 
ATOM   713  C  C   . ASN A 1 88  ? 8.272   -5.013  8.005   1.00 21.82 ? 147 ASN A C   1 
ATOM   714  O  O   . ASN A 1 88  ? 9.223   -4.309  7.642   1.00 18.88 ? 147 ASN A O   1 
ATOM   715  C  CB  . ASN A 1 88  ? 8.744   -7.148  9.200   1.00 24.96 ? 147 ASN A CB  1 
ATOM   716  C  CG  . ASN A 1 88  ? 8.732   -7.938  10.507  1.00 32.07 ? 147 ASN A CG  1 
ATOM   717  O  OD1 . ASN A 1 88  ? 7.940   -7.677  11.418  1.00 37.39 ? 147 ASN A OD1 1 
ATOM   718  N  ND2 . ASN A 1 88  ? 9.609   -8.930  10.590  1.00 34.05 ? 147 ASN A ND2 1 
ATOM   719  N  N   . ILE A 1 89  ? 7.211   -5.230  7.225   1.00 19.02 ? 148 ILE A N   1 
ATOM   720  C  CA  . ILE A 1 89  ? 7.107   -4.568  5.929   1.00 20.31 ? 148 ILE A CA  1 
ATOM   721  C  C   . ILE A 1 89  ? 7.003   -3.062  6.110   1.00 17.63 ? 148 ILE A C   1 
ATOM   722  O  O   . ILE A 1 89  ? 7.665   -2.292  5.404   1.00 17.92 ? 148 ILE A O   1 
ATOM   723  C  CB  . ILE A 1 89  ? 5.922   -5.132  5.129   1.00 22.06 ? 148 ILE A CB  1 
ATOM   724  C  CG1 . ILE A 1 89  ? 6.210   -6.582  4.746   1.00 21.14 ? 148 ILE A CG1 1 
ATOM   725  C  CG2 . ILE A 1 89  ? 5.659   -4.271  3.887   1.00 19.02 ? 148 ILE A CG2 1 
ATOM   726  C  CD1 . ILE A 1 89  ? 5.044   -7.282  4.124   1.00 24.09 ? 148 ILE A CD1 1 
ATOM   727  N  N   . GLU A 1 90  ? 6.189   -2.615  7.070   1.00 16.90 ? 149 GLU A N   1 
ATOM   728  C  CA  . GLU A 1 90  ? 6.077   -1.179  7.309   1.00 18.91 ? 149 GLU A CA  1 
ATOM   729  C  C   . GLU A 1 90  ? 7.424   -0.575  7.680   1.00 14.80 ? 149 GLU A C   1 
ATOM   730  O  O   . GLU A 1 90  ? 7.775   0.505   7.198   1.00 16.28 ? 149 GLU A O   1 
ATOM   731  C  CB  . GLU A 1 90  ? 5.063   -0.879  8.410   1.00 16.43 ? 149 GLU A CB  1 
ATOM   732  C  CG  . GLU A 1 90  ? 4.759   0.615   8.517   1.00 20.58 ? 149 GLU A CG  1 
ATOM   733  C  CD  . GLU A 1 90  ? 3.956   0.978   9.763   1.00 29.12 ? 149 GLU A CD  1 
ATOM   734  O  OE1 . GLU A 1 90  ? 4.327   0.525   10.862  1.00 31.49 ? 149 GLU A OE1 1 
ATOM   735  O  OE2 . GLU A 1 90  ? 2.947   1.710   9.637   1.00 27.89 ? 149 GLU A OE2 1 
ATOM   736  N  N   . GLU A 1 91  ? 8.183   -1.243  8.551   1.00 16.93 ? 150 GLU A N   1 
ATOM   737  C  CA  . GLU A 1 91  ? 9.494   -0.718  8.922   1.00 20.88 ? 150 GLU A CA  1 
ATOM   738  C  C   . GLU A 1 91  ? 10.403  -0.615  7.701   1.00 20.86 ? 150 GLU A C   1 
ATOM   739  O  O   . GLU A 1 91  ? 11.132  0.373   7.543   1.00 16.25 ? 150 GLU A O   1 
ATOM   740  C  CB  . GLU A 1 91  ? 10.127  -1.599  10.004  1.00 21.83 ? 150 GLU A CB  1 
ATOM   741  C  CG  . GLU A 1 91  ? 11.066  -0.870  10.974  1.00 33.00 ? 150 GLU A CG  1 
ATOM   742  C  CD  . GLU A 1 91  ? 10.441  0.375   11.607  1.00 40.31 ? 150 GLU A CD  1 
ATOM   743  O  OE1 . GLU A 1 91  ? 11.186  1.345   11.873  1.00 48.43 ? 150 GLU A OE1 1 
ATOM   744  O  OE2 . GLU A 1 91  ? 9.209   0.381   11.849  1.00 44.89 ? 150 GLU A OE2 1 
ATOM   745  N  N   . ARG A 1 92  ? 10.359  -1.619  6.815   1.00 15.94 ? 151 ARG A N   1 
ATOM   746  C  CA  . ARG A 1 92  ? 11.197  -1.577  5.622   1.00 19.48 ? 151 ARG A CA  1 
ATOM   747  C  C   . ARG A 1 92  ? 10.841  -0.378  4.751   1.00 16.00 ? 151 ARG A C   1 
ATOM   748  O  O   . ARG A 1 92  ? 11.732  0.329   4.265   1.00 15.00 ? 151 ARG A O   1 
ATOM   749  C  CB  . ARG A 1 92  ? 11.067  -2.886  4.828   1.00 18.56 ? 151 ARG A CB  1 
ATOM   750  C  CG  . ARG A 1 92  ? 11.817  -4.077  5.436   1.00 21.01 ? 151 ARG A CG  1 
ATOM   751  C  CD  . ARG A 1 92  ? 11.333  -5.415  4.866   1.00 28.30 ? 151 ARG A CD  1 
ATOM   752  N  NE  . ARG A 1 92  ? 11.550  -5.504  3.424   1.00 34.80 ? 151 ARG A NE  1 
ATOM   753  C  CZ  . ARG A 1 92  ? 10.832  -6.259  2.593   1.00 41.47 ? 151 ARG A CZ  1 
ATOM   754  N  NH1 . ARG A 1 92  ? 11.113  -6.266  1.290   1.00 32.48 ? 151 ARG A NH1 1 
ATOM   755  N  NH2 . ARG A 1 92  ? 9.835   -7.008  3.057   1.00 38.94 ? 151 ARG A NH2 1 
ATOM   756  N  N   . ILE A 1 93  ? 9.544   -0.123  4.554   1.00 13.66 ? 152 ILE A N   1 
ATOM   757  C  CA  . ILE A 1 93  ? 9.135   1.046   3.778   1.00 14.77 ? 152 ILE A CA  1 
ATOM   758  C  C   . ILE A 1 93  ? 9.664   2.322   4.434   1.00 19.86 ? 152 ILE A C   1 
ATOM   759  O  O   . ILE A 1 93  ? 10.231  3.200   3.763   1.00 13.86 ? 152 ILE A O   1 
ATOM   760  C  CB  . ILE A 1 93  ? 7.604   1.083   3.614   1.00 14.26 ? 152 ILE A CB  1 
ATOM   761  C  CG1 . ILE A 1 93  ? 7.115   -0.128  2.799   1.00 14.44 ? 152 ILE A CG1 1 
ATOM   762  C  CG2 . ILE A 1 93  ? 7.176   2.411   2.966   1.00 10.74 ? 152 ILE A CG2 1 
ATOM   763  C  CD1 . ILE A 1 93  ? 5.649   -0.430  2.984   1.00 16.60 ? 152 ILE A CD1 1 
ATOM   764  N  N   . LYS A 1 94  ? 9.515   2.423   5.763   1.00 13.67 ? 153 LYS A N   1 
ATOM   765  C  CA  . LYS A 1 94  ? 9.979   3.614   6.481   1.00 18.00 ? 153 LYS A CA  1 
ATOM   766  C  C   . LYS A 1 94  ? 11.490  3.788   6.355   1.00 19.06 ? 153 LYS A C   1 
ATOM   767  O  O   . LYS A 1 94  ? 11.972  4.901   6.106   1.00 19.07 ? 153 LYS A O   1 
ATOM   768  C  CB  . LYS A 1 94  ? 9.570   3.534   7.957   1.00 17.82 ? 153 LYS A CB  1 
ATOM   769  C  CG  . LYS A 1 94  ? 8.040   3.594   8.179   1.00 20.36 ? 153 LYS A CG  1 
ATOM   770  C  CD  . LYS A 1 94  ? 7.659   4.154   9.557   1.00 30.58 ? 153 LYS A CD  1 
ATOM   771  C  CE  . LYS A 1 94  ? 7.974   3.159   10.665  1.00 37.96 ? 153 LYS A CE  1 
ATOM   772  N  NZ  . LYS A 1 94  ? 7.351   3.544   11.972  1.00 44.91 ? 153 LYS A NZ  1 
ATOM   773  N  N   . ASN A 1 95  ? 12.243  2.692   6.499   1.00 16.89 ? 154 ASN A N   1 
ATOM   774  C  CA  . ASN A 1 95  ? 13.697  2.731   6.339   1.00 21.11 ? 154 ASN A CA  1 
ATOM   775  C  C   . ASN A 1 95  ? 14.100  3.227   4.955   1.00 19.58 ? 154 ASN A C   1 
ATOM   776  O  O   . ASN A 1 95  ? 15.048  4.007   4.823   1.00 22.13 ? 154 ASN A O   1 
ATOM   777  C  CB  . ASN A 1 95  ? 14.298  1.346   6.582   1.00 17.55 ? 154 ASN A CB  1 
ATOM   778  C  CG  . ASN A 1 95  ? 14.240  0.929   8.043   1.00 19.48 ? 154 ASN A CG  1 
ATOM   779  O  OD1 . ASN A 1 95  ? 13.902  1.726   8.909   1.00 18.84 ? 154 ASN A OD1 1 
ATOM   780  N  ND2 . ASN A 1 95  ? 14.586  -0.328  8.316   1.00 19.95 ? 154 ASN A ND2 1 
ATOM   781  N  N   . HIS A 1 96  ? 13.402  2.782   3.908   1.00 17.47 ? 155 HIS A N   1 
ATOM   782  C  CA  . HIS A 1 96  ? 13.731  3.271   2.567   1.00 17.44 ? 155 HIS A CA  1 
ATOM   783  C  C   . HIS A 1 96  ? 13.431  4.757   2.433   1.00 22.09 ? 155 HIS A C   1 
ATOM   784  O  O   . HIS A 1 96  ? 14.229  5.509   1.854   1.00 19.47 ? 155 HIS A O   1 
ATOM   785  C  CB  . HIS A 1 96  ? 12.984  2.473   1.503   1.00 17.36 ? 155 HIS A CB  1 
ATOM   786  C  CG  . HIS A 1 96  ? 13.582  1.125   1.236   1.00 15.19 ? 155 HIS A CG  1 
ATOM   787  N  ND1 . HIS A 1 96  ? 13.530  0.095   2.152   1.00 14.45 ? 155 HIS A ND1 1 
ATOM   788  C  CD2 . HIS A 1 96  ? 14.267  0.648   0.169   1.00 16.14 ? 155 HIS A CD2 1 
ATOM   789  C  CE1 . HIS A 1 96  ? 14.160  -0.959  1.662   1.00 17.36 ? 155 HIS A CE1 1 
ATOM   790  N  NE2 . HIS A 1 96  ? 14.616  -0.651  0.458   1.00 16.99 ? 155 HIS A NE2 1 
ATOM   791  N  N   . ILE A 1 97  ? 12.281  5.201   2.946   1.00 18.63 ? 156 ILE A N   1 
ATOM   792  C  CA  . ILE A 1 97  ? 11.972  6.626   2.913   1.00 21.95 ? 156 ILE A CA  1 
ATOM   793  C  C   . ILE A 1 97  ? 12.971  7.401   3.770   1.00 26.29 ? 156 ILE A C   1 
ATOM   794  O  O   . ILE A 1 97  ? 13.391  8.507   3.406   1.00 28.71 ? 156 ILE A O   1 
ATOM   795  C  CB  . ILE A 1 97  ? 10.514  6.871   3.348   1.00 24.08 ? 156 ILE A CB  1 
ATOM   796  C  CG1 . ILE A 1 97  ? 9.567   5.988   2.529   1.00 20.33 ? 156 ILE A CG1 1 
ATOM   797  C  CG2 . ILE A 1 97  ? 10.139  8.339   3.176   1.00 23.02 ? 156 ILE A CG2 1 
ATOM   798  C  CD1 . ILE A 1 97  ? 8.103   6.170   2.860   1.00 21.80 ? 156 ILE A CD1 1 
ATOM   799  N  N   . GLU A 1 98  ? 13.400  6.815   4.898   1.00 23.64 ? 157 GLU A N   1 
ATOM   800  C  CA  . GLU A 1 98  ? 14.428  7.449   5.724   1.00 26.40 ? 157 GLU A CA  1 
ATOM   801  C  C   . GLU A 1 98  ? 15.741  7.574   4.962   1.00 28.82 ? 157 GLU A C   1 
ATOM   802  O  O   . GLU A 1 98  ? 16.383  8.631   4.971   1.00 30.32 ? 157 GLU A O   1 
ATOM   803  C  CB  . GLU A 1 98  ? 14.638  6.661   7.024   1.00 27.30 ? 157 GLU A CB  1 
ATOM   804  C  CG  . GLU A 1 98  ? 15.760  7.221   7.941   1.00 27.07 ? 157 GLU A CG  1 
ATOM   805  C  CD  . GLU A 1 98  ? 15.828  6.526   9.308   1.00 28.85 ? 157 GLU A CD  1 
ATOM   806  O  OE1 . GLU A 1 98  ? 14.847  5.836   9.678   1.00 30.59 ? 157 GLU A OE1 1 
ATOM   807  O  OE2 . GLU A 1 98  ? 16.859  6.669   10.015  1.00 24.34 ? 157 GLU A OE2 1 
ATOM   808  N  N   . SER A 1 99  ? 16.151  6.498   4.288   1.00 23.84 ? 158 SER A N   1 
ATOM   809  C  CA  . SER A 1 99  ? 17.375  6.526   3.502   1.00 25.67 ? 158 SER A CA  1 
ATOM   810  C  C   . SER A 1 99  ? 17.380  7.627   2.453   1.00 29.34 ? 158 SER A C   1 
ATOM   811  O  O   . SER A 1 99  ? 18.459  8.046   2.024   1.00 35.22 ? 158 SER A O   1 
ATOM   812  C  CB  . SER A 1 99  ? 17.592  5.178   2.826   1.00 22.38 ? 158 SER A CB  1 
ATOM   813  O  OG  . SER A 1 99  ? 18.423  4.356   3.622   1.00 30.80 ? 158 SER A OG  1 
ATOM   814  N  N   . ILE A 1 100 ? 16.211  8.100   2.019   1.00 25.15 ? 159 ILE A N   1 
ATOM   815  C  CA  . ILE A 1 100 ? 16.186  9.206   1.069   1.00 26.11 ? 159 ILE A CA  1 
ATOM   816  C  C   . ILE A 1 100 ? 16.408  10.524  1.785   1.00 32.58 ? 159 ILE A C   1 
ATOM   817  O  O   . ILE A 1 100 ? 17.156  11.385  1.309   1.00 29.97 ? 159 ILE A O   1 
ATOM   818  C  CB  . ILE A 1 100 ? 14.864  9.225   0.288   1.00 29.25 ? 159 ILE A CB  1 
ATOM   819  C  CG1 . ILE A 1 100 ? 14.671  7.916   -0.476  1.00 26.77 ? 159 ILE A CG1 1 
ATOM   820  C  CG2 . ILE A 1 100 ? 14.828  10.429  -0.640  1.00 28.51 ? 159 ILE A CG2 1 
ATOM   821  C  CD1 . ILE A 1 100 ? 13.323  7.800   -1.173  1.00 26.19 ? 159 ILE A CD1 1 
ATOM   822  N  N   . GLY A 1 101 ? 15.755  10.705  2.929   1.00 33.64 ? 160 GLY A N   1 
ATOM   823  C  CA  . GLY A 1 101 ? 15.818  11.959  3.649   1.00 34.31 ? 160 GLY A CA  1 
ATOM   824  C  C   . GLY A 1 101 ? 14.881  13.002  3.082   1.00 26.15 ? 160 GLY A C   1 
ATOM   825  O  O   . GLY A 1 101 ? 14.635  13.030  1.876   1.00 29.93 ? 160 GLY A O   1 
ATOM   826  N  N   . GLY A 1 102 ? 14.332  13.850  3.950   1.00 35.55 ? 161 GLY A N   1 
ATOM   827  C  CA  . GLY A 1 102 ? 13.610  15.034  3.527   1.00 31.95 ? 161 GLY A CA  1 
ATOM   828  C  C   . GLY A 1 102 ? 12.234  14.817  2.934   1.00 37.23 ? 161 GLY A C   1 
ATOM   829  O  O   . GLY A 1 102 ? 11.698  15.750  2.326   1.00 34.55 ? 161 GLY A O   1 
ATOM   830  N  N   . ILE A 1 103 ? 11.642  13.631  3.079   1.00 31.91 ? 162 ILE A N   1 
ATOM   831  C  CA  . ILE A 1 103 ? 10.276  13.377  2.619   1.00 34.61 ? 162 ILE A CA  1 
ATOM   832  C  C   . ILE A 1 103 ? 9.380   13.263  3.844   1.00 29.13 ? 162 ILE A C   1 
ATOM   833  O  O   . ILE A 1 103 ? 9.627   12.435  4.731   1.00 31.18 ? 162 ILE A O   1 
ATOM   834  C  CB  . ILE A 1 103 ? 10.176  12.108  1.755   1.00 32.11 ? 162 ILE A CB  1 
ATOM   835  C  CG1 . ILE A 1 103 ? 11.077  12.206  0.528   1.00 33.25 ? 162 ILE A CG1 1 
ATOM   836  C  CG2 . ILE A 1 103 ? 8.747   11.886  1.290   1.00 26.11 ? 162 ILE A CG2 1 
ATOM   837  C  CD1 . ILE A 1 103 ? 11.016  10.960  -0.339  1.00 31.32 ? 162 ILE A CD1 1 
ATOM   838  N  N   . GLU A 1 104 ? 8.353   14.102  3.901   1.00 28.48 ? 163 GLU A N   1 
ATOM   839  C  CA  . GLU A 1 104 ? 7.357   14.032  4.962   1.00 32.47 ? 163 GLU A CA  1 
ATOM   840  C  C   . GLU A 1 104 ? 6.192   13.173  4.484   1.00 25.43 ? 163 GLU A C   1 
ATOM   841  O  O   . GLU A 1 104 ? 5.699   13.356  3.366   1.00 24.68 ? 163 GLU A O   1 
ATOM   842  C  CB  . GLU A 1 104 ? 6.874   15.432  5.342   1.00 29.19 ? 163 GLU A CB  1 
ATOM   843  C  CG  . GLU A 1 104 ? 6.702   15.643  6.836   1.00 41.96 ? 163 GLU A CG  1 
ATOM   844  C  CD  . GLU A 1 104 ? 7.994   15.439  7.606   1.00 44.31 ? 163 GLU A CD  1 
ATOM   845  O  OE1 . GLU A 1 104 ? 7.966   14.782  8.675   1.00 50.57 ? 163 GLU A OE1 1 
ATOM   846  O  OE2 . GLU A 1 104 ? 9.042   15.939  7.142   1.00 44.41 ? 163 GLU A OE2 1 
ATOM   847  N  N   . TYR A 1 105 ? 5.751   12.244  5.328   1.00 23.06 ? 164 TYR A N   1 
ATOM   848  C  CA  . TYR A 1 105 ? 4.744   11.281  4.900   1.00 25.55 ? 164 TYR A CA  1 
ATOM   849  C  C   . TYR A 1 105 ? 4.044   10.708  6.122   1.00 23.10 ? 164 TYR A C   1 
ATOM   850  O  O   . TYR A 1 105 ? 4.518   10.824  7.256   1.00 23.94 ? 164 TYR A O   1 
ATOM   851  C  CB  . TYR A 1 105 ? 5.374   10.147  4.077   1.00 19.96 ? 164 TYR A CB  1 
ATOM   852  C  CG  . TYR A 1 105 ? 6.210   9.236   4.944   1.00 23.95 ? 164 TYR A CG  1 
ATOM   853  C  CD1 . TYR A 1 105 ? 7.484   9.619   5.365   1.00 25.22 ? 164 TYR A CD1 1 
ATOM   854  C  CD2 . TYR A 1 105 ? 5.723   8.005   5.363   1.00 20.20 ? 164 TYR A CD2 1 
ATOM   855  C  CE1 . TYR A 1 105 ? 8.239   8.800   6.180   1.00 24.49 ? 164 TYR A CE1 1 
ATOM   856  C  CE2 . TYR A 1 105 ? 6.472   7.178   6.168   1.00 26.00 ? 164 TYR A CE2 1 
ATOM   857  C  CZ  . TYR A 1 105 ? 7.729   7.575   6.571   1.00 23.42 ? 164 TYR A CZ  1 
ATOM   858  O  OH  . TYR A 1 105 ? 8.470   6.744   7.378   1.00 26.85 ? 164 TYR A OH  1 
ATOM   859  N  N   . SER A 1 106 ? 2.913   10.058  5.863   1.00 19.29 ? 165 SER A N   1 
ATOM   860  C  CA  . SER A 1 106 ? 2.211   9.245   6.847   1.00 19.03 ? 165 SER A CA  1 
ATOM   861  C  C   . SER A 1 106 ? 1.990   7.860   6.258   1.00 21.37 ? 165 SER A C   1 
ATOM   862  O  O   . SER A 1 106 ? 1.749   7.718   5.053   1.00 21.04 ? 165 SER A O   1 
ATOM   863  C  CB  . SER A 1 106 ? 0.864   9.870   7.235   1.00 19.44 ? 165 SER A CB  1 
ATOM   864  O  OG  . SER A 1 106 ? 1.031   11.179  7.758   1.00 23.28 ? 165 SER A OG  1 
ATOM   865  N  N   . ILE A 1 107 ? 2.075   6.839   7.101   1.00 19.65 ? 166 ILE A N   1 
ATOM   866  C  CA  . ILE A 1 107 ? 1.926   5.465   6.643   1.00 20.39 ? 166 ILE A CA  1 
ATOM   867  C  C   . ILE A 1 107 ? 0.980   4.756   7.598   1.00 17.68 ? 166 ILE A C   1 
ATOM   868  O  O   . ILE A 1 107 ? 0.962   5.032   8.800   1.00 15.70 ? 166 ILE A O   1 
ATOM   869  C  CB  . ILE A 1 107 ? 3.287   4.732   6.558   1.00 17.39 ? 166 ILE A CB  1 
ATOM   870  C  CG1 . ILE A 1 107 ? 3.127   3.304   6.019   1.00 16.36 ? 166 ILE A CG1 1 
ATOM   871  C  CG2 . ILE A 1 107 ? 3.955   4.692   7.914   1.00 17.21 ? 166 ILE A CG2 1 
ATOM   872  C  CD1 . ILE A 1 107 ? 4.460   2.676   5.562   1.00 14.18 ? 166 ILE A CD1 1 
ATOM   873  N  N   . ALA A 1 108 ? 0.182   3.841   7.053   1.00 12.55 ? 167 ALA A N   1 
ATOM   874  C  CA  . ALA A 1 108 ? -0.734  3.050   7.865   1.00 17.30 ? 167 ALA A CA  1 
ATOM   875  C  C   . ALA A 1 108 ? -1.015  1.741   7.140   1.00 17.09 ? 167 ALA A C   1 
ATOM   876  O  O   . ALA A 1 108 ? -0.844  1.643   5.922   1.00 16.17 ? 167 ALA A O   1 
ATOM   877  C  CB  . ALA A 1 108 ? -2.031  3.818   8.148   1.00 14.64 ? 167 ALA A CB  1 
ATOM   878  N  N   . TYR A 1 109 ? -1.422  0.717   7.898   1.00 15.59 ? 168 TYR A N   1 
ATOM   879  C  CA  . TYR A 1 109 ? -1.752  -0.564  7.286   1.00 12.77 ? 168 TYR A CA  1 
ATOM   880  C  C   . TYR A 1 109 ? -2.906  -1.234  8.023   1.00 15.86 ? 168 TYR A C   1 
ATOM   881  O  O   . TYR A 1 109 ? -3.138  -0.982  9.209   1.00 16.97 ? 168 TYR A O   1 
ATOM   882  C  CB  . TYR A 1 109 ? -0.526  -1.506  7.226   1.00 15.03 ? 168 TYR A CB  1 
ATOM   883  C  CG  . TYR A 1 109 ? -0.016  -1.983  8.569   1.00 18.90 ? 168 TYR A CG  1 
ATOM   884  C  CD1 . TYR A 1 109 ? -0.604  -3.060  9.214   1.00 18.37 ? 168 TYR A CD1 1 
ATOM   885  C  CD2 . TYR A 1 109 ? 1.067   -1.362  9.183   1.00 22.57 ? 168 TYR A CD2 1 
ATOM   886  C  CE1 . TYR A 1 109 ? -0.138  -3.504  10.441  1.00 22.21 ? 168 TYR A CE1 1 
ATOM   887  C  CE2 . TYR A 1 109 ? 1.542   -1.799  10.413  1.00 24.06 ? 168 TYR A CE2 1 
ATOM   888  C  CZ  . TYR A 1 109 ? 0.931   -2.871  11.032  1.00 28.27 ? 168 TYR A CZ  1 
ATOM   889  O  OH  . TYR A 1 109 ? 1.396   -3.316  12.248  1.00 38.91 ? 168 TYR A OH  1 
ATOM   890  N  N   . LYS A 1 110 ? -3.628  -2.092  7.295   1.00 12.64 ? 169 LYS A N   1 
ATOM   891  C  CA  . LYS A 1 110 ? -4.714  -2.901  7.837   1.00 14.50 ? 169 LYS A CA  1 
ATOM   892  C  C   . LYS A 1 110 ? -4.526  -4.323  7.328   1.00 17.48 ? 169 LYS A C   1 
ATOM   893  O  O   . LYS A 1 110 ? -4.361  -4.523  6.122   1.00 14.56 ? 169 LYS A O   1 
ATOM   894  C  CB  . LYS A 1 110 ? -6.080  -2.370  7.407   1.00 14.50 ? 169 LYS A CB  1 
ATOM   895  C  CG  . LYS A 1 110 ? -6.472  -1.045  8.022   1.00 14.51 ? 169 LYS A CG  1 
ATOM   896  C  CD  . LYS A 1 110 ? -7.011  -1.232  9.418   1.00 20.99 ? 169 LYS A CD  1 
ATOM   897  C  CE  . LYS A 1 110 ? -7.336  0.108   10.074  1.00 18.63 ? 169 LYS A CE  1 
ATOM   898  N  NZ  . LYS A 1 110 ? -8.016  -0.102  11.384  1.00 30.68 ? 169 LYS A NZ  1 
ATOM   899  N  N   . SER A 1 111 ? -4.522  -5.301  8.233   1.00 12.50 ? 170 SER A N   1 
ATOM   900  C  CA  . SER A 1 111 ? -4.335  -6.699  7.857   1.00 13.87 ? 170 SER A CA  1 
ATOM   901  C  C   . SER A 1 111 ? -5.669  -7.434  7.885   1.00 15.14 ? 170 SER A C   1 
ATOM   902  O  O   . SER A 1 111 ? -6.451  -7.285  8.830   1.00 16.24 ? 170 SER A O   1 
ATOM   903  C  CB  . SER A 1 111 ? -3.341  -7.397  8.789   1.00 12.12 ? 170 SER A CB  1 
ATOM   904  O  OG  . SER A 1 111 ? -2.069  -6.778  8.718   1.00 17.94 ? 170 SER A OG  1 
ATOM   905  N  N   . TYR A 1 112 ? -5.926  -8.213  6.850   1.00 12.64 ? 171 TYR A N   1 
ATOM   906  C  CA  . TYR A 1 112 ? -7.088  -9.077  6.822   1.00 13.40 ? 171 TYR A CA  1 
ATOM   907  C  C   . TYR A 1 112 ? -6.667  -10.474 7.245   1.00 13.05 ? 171 TYR A C   1 
ATOM   908  O  O   . TYR A 1 112 ? -5.636  -10.962 6.787   1.00 15.24 ? 171 TYR A O   1 
ATOM   909  C  CB  . TYR A 1 112 ? -7.691  -9.132  5.412   1.00 12.22 ? 171 TYR A CB  1 
ATOM   910  C  CG  . TYR A 1 112 ? -8.798  -10.166 5.248   1.00 11.57 ? 171 TYR A CG  1 
ATOM   911  C  CD1 . TYR A 1 112 ? -10.108 -9.847  5.558   1.00 11.57 ? 171 TYR A CD1 1 
ATOM   912  C  CD2 . TYR A 1 112 ? -8.527  -11.461 4.783   1.00 14.71 ? 171 TYR A CD2 1 
ATOM   913  C  CE1 . TYR A 1 112 ? -11.134 -10.770 5.426   1.00 14.25 ? 171 TYR A CE1 1 
ATOM   914  C  CE2 . TYR A 1 112 ? -9.564  -12.407 4.633   1.00 16.85 ? 171 TYR A CE2 1 
ATOM   915  C  CZ  . TYR A 1 112 ? -10.866 -12.043 4.968   1.00 16.94 ? 171 TYR A CZ  1 
ATOM   916  O  OH  . TYR A 1 112 ? -11.911 -12.932 4.847   1.00 16.39 ? 171 TYR A OH  1 
ATOM   917  N  N   . PRO A 1 113 ? -7.422  -11.180 8.095   1.00 16.02 ? 172 PRO A N   1 
ATOM   918  C  CA  . PRO A 1 113 ? -8.709  -10.808 8.700   1.00 16.44 ? 172 PRO A CA  1 
ATOM   919  C  C   . PRO A 1 113 ? -8.645  -10.196 10.105  1.00 17.98 ? 172 PRO A C   1 
ATOM   920  O  O   . PRO A 1 113 ? -9.707  -9.861  10.650  1.00 17.73 ? 172 PRO A O   1 
ATOM   921  C  CB  . PRO A 1 113 ? -9.437  -12.154 8.772   1.00 15.72 ? 172 PRO A CB  1 
ATOM   922  C  CG  . PRO A 1 113 ? -8.305  -13.134 9.077   1.00 18.98 ? 172 PRO A CG  1 
ATOM   923  C  CD  . PRO A 1 113 ? -7.092  -12.602 8.339   1.00 18.22 ? 172 PRO A CD  1 
ATOM   924  N  N   . GLU A 1 114 ? -7.450  -10.040 10.686  1.00 18.98 ? 173 GLU A N   1 
ATOM   925  C  CA  . GLU A 1 114 ? -7.384  -9.705  12.110  1.00 16.35 ? 173 GLU A CA  1 
ATOM   926  C  C   . GLU A 1 114 ? -7.773  -8.255  12.370  1.00 19.98 ? 173 GLU A C   1 
ATOM   927  O  O   . GLU A 1 114 ? -8.408  -7.950  13.385  1.00 18.22 ? 173 GLU A O   1 
ATOM   928  C  CB  . GLU A 1 114 ? -5.989  -9.995  12.660  1.00 25.71 ? 173 GLU A CB  1 
ATOM   929  C  CG  . GLU A 1 114 ? -5.774  -11.461 13.021  1.00 33.36 ? 173 GLU A CG  1 
ATOM   930  C  CD  . GLU A 1 114 ? -5.053  -11.658 14.355  1.00 49.31 ? 173 GLU A CD  1 
ATOM   931  O  OE1 . GLU A 1 114 ? -3.820  -11.429 14.409  1.00 44.59 ? 173 GLU A OE1 1 
ATOM   932  O  OE2 . GLU A 1 114 ? -5.719  -12.055 15.342  1.00 47.38 ? 173 GLU A OE2 1 
ATOM   933  N  N   . ASP A 1 115 ? -7.395  -7.341  11.475  1.00 15.48 ? 174 ASP A N   1 
ATOM   934  C  CA  . ASP A 1 115 ? -7.784  -5.950  11.652  1.00 15.12 ? 174 ASP A CA  1 
ATOM   935  C  C   . ASP A 1 115 ? -9.182  -5.673  11.107  1.00 15.89 ? 174 ASP A C   1 
ATOM   936  O  O   . ASP A 1 115 ? -9.840  -4.744  11.577  1.00 16.09 ? 174 ASP A O   1 
ATOM   937  C  CB  . ASP A 1 115 ? -6.781  -5.011  10.961  1.00 16.33 ? 174 ASP A CB  1 
ATOM   938  C  CG  . ASP A 1 115 ? -5.409  -5.009  11.623  1.00 22.23 ? 174 ASP A CG  1 
ATOM   939  O  OD1 . ASP A 1 115 ? -5.315  -5.298  12.841  1.00 20.63 ? 174 ASP A OD1 1 
ATOM   940  O  OD2 . ASP A 1 115 ? -4.424  -4.705  10.916  1.00 19.74 ? 174 ASP A OD2 1 
ATOM   941  N  N   . PHE A 1 116 ? -9.641  -6.441  10.118  1.00 16.71 ? 175 PHE A N   1 
ATOM   942  C  CA  . PHE A 1 116 ? -10.888 -6.118  9.431   1.00 14.51 ? 175 PHE A CA  1 
ATOM   943  C  C   . PHE A 1 116 ? -11.346 -7.309  8.614   1.00 15.38 ? 175 PHE A C   1 
ATOM   944  O  O   . PHE A 1 116 ? -10.555 -8.185  8.253   1.00 15.15 ? 175 PHE A O   1 
ATOM   945  C  CB  . PHE A 1 116 ? -10.735 -4.901  8.501   1.00 13.82 ? 175 PHE A CB  1 
ATOM   946  C  CG  . PHE A 1 116 ? -9.990  -5.195  7.200   1.00 13.34 ? 175 PHE A CG  1 
ATOM   947  C  CD1 . PHE A 1 116 ? -8.593  -5.102  7.143   1.00 14.81 ? 175 PHE A CD1 1 
ATOM   948  C  CD2 . PHE A 1 116 ? -10.677 -5.529  6.047   1.00 11.42 ? 175 PHE A CD2 1 
ATOM   949  C  CE1 . PHE A 1 116 ? -7.900  -5.350  5.967   1.00 13.25 ? 175 PHE A CE1 1 
ATOM   950  C  CE2 . PHE A 1 116 ? -9.998  -5.792  4.853   1.00 14.36 ? 175 PHE A CE2 1 
ATOM   951  C  CZ  . PHE A 1 116 ? -8.601  -5.704  4.807   1.00 14.23 ? 175 PHE A CZ  1 
HETATM 952  N  N   . MSE A 1 117 ? -12.630 -7.299  8.278   1.00 15.77 ? 176 MSE A N   1 
HETATM 953  C  CA  . MSE A 1 117 ? -13.145 -8.224  7.284   1.00 15.52 ? 176 MSE A CA  1 
HETATM 954  C  C   . MSE A 1 117 ? -14.066 -7.520  6.306   1.00 14.58 ? 176 MSE A C   1 
HETATM 955  O  O   . MSE A 1 117 ? -14.453 -8.073  5.274   1.00 15.62 ? 176 MSE A O   1 
HETATM 956  C  CB  . MSE A 1 117 ? -13.850 -9.368  7.978   1.00 17.78 ? 176 MSE A CB  1 
HETATM 957  C  CG  . MSE A 1 117 ? -12.834 -10.375 8.479   1.00 24.86 ? 176 MSE A CG  1 
HETATM 958  SE SE  . MSE A 1 117 ? -13.679 -11.714 9.561   1.00 43.76 ? 176 MSE A SE  1 
HETATM 959  C  CE  . MSE A 1 117 ? -14.195 -12.918 8.089   1.00 22.97 ? 176 MSE A CE  1 
ATOM   960  N  N   . ASP A 1 118 ? -14.381 -6.269  6.632   1.00 11.77 ? 177 ASP A N   1 
ATOM   961  C  CA  . ASP A 1 118 ? -15.175 -5.395  5.779   1.00 13.60 ? 177 ASP A CA  1 
ATOM   962  C  C   . ASP A 1 118 ? -14.206 -4.481  5.020   1.00 13.88 ? 177 ASP A C   1 
ATOM   963  O  O   . ASP A 1 118 ? -13.608 -3.575  5.613   1.00 13.76 ? 177 ASP A O   1 
ATOM   964  C  CB  . ASP A 1 118 ? -16.164 -4.611  6.647   1.00 12.19 ? 177 ASP A CB  1 
ATOM   965  C  CG  . ASP A 1 118 ? -17.034 -3.630  5.857   1.00 14.78 ? 177 ASP A CG  1 
ATOM   966  O  OD1 . ASP A 1 118 ? -16.535 -2.975  4.933   1.00 11.21 ? 177 ASP A OD1 1 
ATOM   967  O  OD2 . ASP A 1 118 ? -18.228 -3.470  6.216   1.00 18.24 ? 177 ASP A OD2 1 
ATOM   968  N  N   . LEU A 1 119 ? -14.079 -4.701  3.704   1.00 12.79 ? 178 LEU A N   1 
ATOM   969  C  CA  . LEU A 1 119 ? -13.047 -4.011  2.932   1.00 13.32 ? 178 LEU A CA  1 
ATOM   970  C  C   . LEU A 1 119 ? -13.326 -2.513  2.818   1.00 13.97 ? 178 LEU A C   1 
ATOM   971  O  O   . LEU A 1 119 ? -12.399 -1.700  2.925   1.00 10.45 ? 178 LEU A O   1 
ATOM   972  C  CB  . LEU A 1 119 ? -12.899 -4.636  1.544   1.00 12.21 ? 178 LEU A CB  1 
ATOM   973  C  CG  . LEU A 1 119 ? -11.839 -3.980  0.634   1.00 13.77 ? 178 LEU A CG  1 
ATOM   974  C  CD1 . LEU A 1 119 ? -10.428 -4.010  1.234   1.00 9.63  ? 178 LEU A CD1 1 
ATOM   975  C  CD2 . LEU A 1 119 ? -11.857 -4.616  -0.756  1.00 12.26 ? 178 LEU A CD2 1 
ATOM   976  N  N   . GLU A 1 120 ? -14.578 -2.118  2.591   1.00 11.34 ? 179 GLU A N   1 
ATOM   977  C  CA  . GLU A 1 120 ? -14.825 -0.685  2.510   1.00 16.86 ? 179 GLU A CA  1 
ATOM   978  C  C   . GLU A 1 120 ? -14.495 0.000   3.832   1.00 16.60 ? 179 GLU A C   1 
ATOM   979  O  O   . GLU A 1 120 ? -13.999 1.130   3.828   1.00 14.39 ? 179 GLU A O   1 
ATOM   980  C  CB  . GLU A 1 120 ? -16.265 -0.389  2.095   1.00 19.38 ? 179 GLU A CB  1 
ATOM   981  C  CG  . GLU A 1 120 ? -16.517 1.118   1.988   1.00 33.47 ? 179 GLU A CG  1 
ATOM   982  C  CD  . GLU A 1 120 ? -15.479 1.817   1.076   1.00 39.84 ? 179 GLU A CD  1 
ATOM   983  O  OE1 . GLU A 1 120 ? -15.349 1.420   -0.113  1.00 40.91 ? 179 GLU A OE1 1 
ATOM   984  O  OE2 . GLU A 1 120 ? -14.753 2.735   1.554   1.00 37.36 ? 179 GLU A OE2 1 
ATOM   985  N  N   . LYS A 1 121 ? -14.696 -0.680  4.967   1.00 14.38 ? 180 LYS A N   1 
ATOM   986  C  CA  . LYS A 1 121 ? -14.348 -0.077  6.254   1.00 16.35 ? 180 LYS A CA  1 
ATOM   987  C  C   . LYS A 1 121 ? -12.836 0.084   6.397   1.00 14.45 ? 180 LYS A C   1 
ATOM   988  O  O   . LYS A 1 121 ? -12.357 1.144   6.821   1.00 14.08 ? 180 LYS A O   1 
ATOM   989  C  CB  . LYS A 1 121 ? -14.906 -0.909  7.417   1.00 19.44 ? 180 LYS A CB  1 
ATOM   990  C  CG  . LYS A 1 121 ? -14.574 -0.328  8.801   1.00 22.12 ? 180 LYS A CG  1 
ATOM   991  C  CD  . LYS A 1 121 ? -15.213 1.050   8.973   1.00 21.70 ? 180 LYS A CD  1 
ATOM   992  C  CE  . LYS A 1 121 ? -15.390 1.406   10.446  1.00 26.83 ? 180 LYS A CE  1 
ATOM   993  N  NZ  . LYS A 1 121 ? -14.093 1.681   11.097  1.00 26.38 ? 180 LYS A NZ  1 
ATOM   994  N  N   . ALA A 1 122 ? -12.067 -0.967  6.072   1.00 11.40 ? 181 ALA A N   1 
ATOM   995  C  CA  . ALA A 1 122 ? -10.610 -0.847  6.062   1.00 13.36 ? 181 ALA A CA  1 
ATOM   996  C  C   . ALA A 1 122 ? -10.155 0.333   5.209   1.00 13.93 ? 181 ALA A C   1 
ATOM   997  O  O   . ALA A 1 122 ? -9.272  1.097   5.613   1.00 14.31 ? 181 ALA A O   1 
ATOM   998  C  CB  . ALA A 1 122 ? -9.969  -2.139  5.553   1.00 12.84 ? 181 ALA A CB  1 
ATOM   999  N  N   . ILE A 1 123 ? -10.758 0.503   4.027   1.00 13.58 ? 182 ILE A N   1 
ATOM   1000 C  CA  . ILE A 1 123 ? -10.322 1.553   3.105   1.00 17.70 ? 182 ILE A CA  1 
ATOM   1001 C  C   . ILE A 1 123 ? -10.603 2.935   3.692   1.00 18.62 ? 182 ILE A C   1 
ATOM   1002 O  O   . ILE A 1 123 ? -9.735  3.819   3.684   1.00 17.38 ? 182 ILE A O   1 
ATOM   1003 C  CB  . ILE A 1 123 ? -10.994 1.367   1.732   1.00 13.52 ? 182 ILE A CB  1 
ATOM   1004 C  CG1 . ILE A 1 123 ? -10.396 0.146   1.024   1.00 15.73 ? 182 ILE A CG1 1 
ATOM   1005 C  CG2 . ILE A 1 123 ? -10.841 2.626   0.862   1.00 12.36 ? 182 ILE A CG2 1 
ATOM   1006 C  CD1 . ILE A 1 123 ? -8.944  0.341   0.655   1.00 23.06 ? 182 ILE A CD1 1 
ATOM   1007 N  N   . LEU A 1 124 ? -11.826 3.147   4.191   1.00 14.14 ? 183 LEU A N   1 
ATOM   1008 C  CA  . LEU A 1 124 ? -12.152 4.400   4.873   1.00 21.08 ? 183 LEU A CA  1 
ATOM   1009 C  C   . LEU A 1 124 ? -11.203 4.669   6.029   1.00 17.10 ? 183 LEU A C   1 
ATOM   1010 O  O   . LEU A 1 124 ? -10.713 5.790   6.192   1.00 20.13 ? 183 LEU A O   1 
ATOM   1011 C  CB  . LEU A 1 124 ? -13.590 4.370   5.397   1.00 23.05 ? 183 LEU A CB  1 
ATOM   1012 C  CG  . LEU A 1 124 ? -14.732 4.959   4.572   1.00 29.40 ? 183 LEU A CG  1 
ATOM   1013 C  CD1 . LEU A 1 124 ? -14.283 5.488   3.226   1.00 28.39 ? 183 LEU A CD1 1 
ATOM   1014 C  CD2 . LEU A 1 124 ? -15.867 3.963   4.415   1.00 29.38 ? 183 LEU A CD2 1 
ATOM   1015 N  N   . ASP A 1 125 ? -10.934 3.649   6.841   1.00 15.28 ? 184 ASP A N   1 
ATOM   1016 C  CA  . ASP A 1 125 ? -10.043 3.822   7.982   1.00 15.92 ? 184 ASP A CA  1 
ATOM   1017 C  C   . ASP A 1 125 ? -8.630  4.184   7.535   1.00 17.79 ? 184 ASP A C   1 
ATOM   1018 O  O   . ASP A 1 125 ? -7.958  4.997   8.178   1.00 20.58 ? 184 ASP A O   1 
ATOM   1019 C  CB  . ASP A 1 125 ? -10.010 2.545   8.816   1.00 14.89 ? 184 ASP A CB  1 
ATOM   1020 C  CG  . ASP A 1 125 ? -11.263 2.356   9.658   1.00 20.53 ? 184 ASP A CG  1 
ATOM   1021 O  OD1 . ASP A 1 125 ? -12.075 3.300   9.737   1.00 16.88 ? 184 ASP A OD1 1 
ATOM   1022 O  OD2 . ASP A 1 125 ? -11.432 1.256   10.243  1.00 16.96 ? 184 ASP A OD2 1 
ATOM   1023 N  N   . LEU A 1 126 ? -8.149  3.569   6.452   1.00 16.86 ? 185 LEU A N   1 
ATOM   1024 C  CA  . LEU A 1 126 ? -6.792  3.860   5.994   1.00 17.74 ? 185 LEU A CA  1 
ATOM   1025 C  C   . LEU A 1 126 ? -6.679  5.298   5.510   1.00 18.62 ? 185 LEU A C   1 
ATOM   1026 O  O   . LEU A 1 126 ? -5.699  5.984   5.825   1.00 18.70 ? 185 LEU A O   1 
ATOM   1027 C  CB  . LEU A 1 126 ? -6.384  2.884   4.890   1.00 13.41 ? 185 LEU A CB  1 
ATOM   1028 C  CG  . LEU A 1 126 ? -5.922  1.520   5.395   1.00 17.38 ? 185 LEU A CG  1 
ATOM   1029 C  CD1 . LEU A 1 126 ? -6.115  0.448   4.324   1.00 15.44 ? 185 LEU A CD1 1 
ATOM   1030 C  CD2 . LEU A 1 126 ? -4.467  1.570   5.891   1.00 18.21 ? 185 LEU A CD2 1 
ATOM   1031 N  N   . GLU A 1 127 ? -7.674  5.763   4.744   1.00 16.78 ? 186 GLU A N   1 
ATOM   1032 C  CA  . GLU A 1 127 ? -7.760  7.168   4.340   1.00 22.62 ? 186 GLU A CA  1 
ATOM   1033 C  C   . GLU A 1 127 ? -7.619  8.111   5.534   1.00 24.75 ? 186 GLU A C   1 
ATOM   1034 O  O   . GLU A 1 127 ? -6.794  9.036   5.522   1.00 21.50 ? 186 GLU A O   1 
ATOM   1035 C  CB  . GLU A 1 127 ? -9.098  7.428   3.637   1.00 15.31 ? 186 GLU A CB  1 
ATOM   1036 C  CG  . GLU A 1 127 ? -9.165  6.922   2.218   1.00 24.07 ? 186 GLU A CG  1 
ATOM   1037 C  CD  . GLU A 1 127 ? -10.509 7.188   1.554   1.00 32.48 ? 186 GLU A CD  1 
ATOM   1038 O  OE1 . GLU A 1 127 ? -11.410 7.766   2.206   1.00 35.95 ? 186 GLU A OE1 1 
ATOM   1039 O  OE2 . GLU A 1 127 ? -10.664 6.808   0.376   1.00 30.80 ? 186 GLU A OE2 1 
ATOM   1040 N  N   . LYS A 1 128 ? -8.441  7.906   6.566   1.00 23.98 ? 187 LYS A N   1 
ATOM   1041 C  CA  . LYS A 1 128 ? -8.380  8.767   7.748   1.00 22.92 ? 187 LYS A CA  1 
ATOM   1042 C  C   . LYS A 1 128 ? -7.010  8.717   8.396   1.00 20.50 ? 187 LYS A C   1 
ATOM   1043 O  O   . LYS A 1 128 ? -6.501  9.748   8.859   1.00 20.94 ? 187 LYS A O   1 
ATOM   1044 C  CB  . LYS A 1 128 ? -9.443  8.379   8.787   1.00 23.47 ? 187 LYS A CB  1 
ATOM   1045 C  CG  . LYS A 1 128 ? -10.879 8.180   8.310   1.00 31.58 ? 187 LYS A CG  1 
ATOM   1046 C  CD  . LYS A 1 128 ? -11.286 9.110   7.174   1.00 36.48 ? 187 LYS A CD  1 
ATOM   1047 C  CE  . LYS A 1 128 ? -12.120 8.342   6.140   1.00 34.40 ? 187 LYS A CE  1 
ATOM   1048 N  NZ  . LYS A 1 128 ? -12.214 9.019   4.817   1.00 36.25 ? 187 LYS A NZ  1 
ATOM   1049 N  N   . ALA A 1 129 ? -6.397  7.525   8.447   1.00 19.30 ? 188 ALA A N   1 
ATOM   1050 C  CA  . ALA A 1 129 ? -5.163  7.367   9.215   1.00 20.51 ? 188 ALA A CA  1 
ATOM   1051 C  C   . ALA A 1 129 ? -3.976  8.120   8.600   1.00 25.45 ? 188 ALA A C   1 
ATOM   1052 O  O   . ALA A 1 129 ? -3.041  8.491   9.322   1.00 21.01 ? 188 ALA A O   1 
ATOM   1053 C  CB  . ALA A 1 129 ? -4.830  5.887   9.355   1.00 18.68 ? 188 ALA A CB  1 
ATOM   1054 N  N   . VAL A 1 130 ? -3.977  8.344   7.286   1.00 20.07 ? 189 VAL A N   1 
ATOM   1055 C  CA  . VAL A 1 130 ? -2.864  9.012   6.613   1.00 25.06 ? 189 VAL A CA  1 
ATOM   1056 C  C   . VAL A 1 130 ? -3.207  10.429  6.201   1.00 22.51 ? 189 VAL A C   1 
ATOM   1057 O  O   . VAL A 1 130 ? -2.327  11.140  5.684   1.00 20.06 ? 189 VAL A O   1 
ATOM   1058 C  CB  . VAL A 1 130 ? -2.372  8.210   5.386   1.00 20.19 ? 189 VAL A CB  1 
ATOM   1059 C  CG1 . VAL A 1 130 ? -1.859  6.832   5.803   1.00 19.95 ? 189 VAL A CG1 1 
ATOM   1060 C  CG2 . VAL A 1 130 ? -3.474  8.081   4.344   1.00 15.70 ? 189 VAL A CG2 1 
ATOM   1061 N  N   . ALA A 1 131 ? -4.445  10.872  6.425   1.00 22.86 ? 190 ALA A N   1 
ATOM   1062 C  CA  . ALA A 1 131 ? -4.957  12.125  5.865   1.00 23.48 ? 190 ALA A CA  1 
ATOM   1063 C  C   . ALA A 1 131 ? -4.099  13.337  6.249   1.00 24.58 ? 190 ALA A C   1 
ATOM   1064 O  O   . ALA A 1 131 ? -3.540  13.384  7.350   1.00 28.44 ? 190 ALA A O   1 
ATOM   1065 C  CB  . ALA A 1 131 ? -6.412  12.340  6.307   1.00 22.56 ? 190 ALA A CB  1 
HETATM 1066 ZN ZN  . ZN  B 2 .   ? -19.215 -2.022  5.368   1.00 17.55 ? 201 ZN  A ZN  1 
HETATM 1067 ZN ZN  . ZN  C 2 .   ? 15.536  -2.023  -0.715  1.00 18.90 ? 202 ZN  A ZN  1 
HETATM 1068 O  O   . HOH D 3 .   ? 2.949   -14.722 -1.330  1.00 40.10 ? 301 HOH A O   1 
HETATM 1069 O  O   . HOH D 3 .   ? 0.228   10.761  -9.233  1.00 37.10 ? 302 HOH A O   1 
HETATM 1070 O  O   . HOH D 3 .   ? -9.540  -23.673 -1.741  1.00 22.71 ? 303 HOH A O   1 
HETATM 1071 O  O   . HOH D 3 .   ? 3.501   -13.092 1.846   1.00 34.63 ? 304 HOH A O   1 
HETATM 1072 O  O   . HOH D 3 .   ? 1.242   2.013   11.303  1.00 26.98 ? 305 HOH A O   1 
HETATM 1073 O  O   . HOH D 3 .   ? 3.199   -11.400 -1.139  1.00 28.61 ? 306 HOH A O   1 
HETATM 1074 O  O   . HOH D 3 .   ? 8.762   -10.651 9.075   1.00 40.84 ? 307 HOH A O   1 
HETATM 1075 O  O   . HOH D 3 .   ? -9.463  -6.705  -13.611 1.00 32.28 ? 308 HOH A O   1 
HETATM 1076 O  O   . HOH D 3 .   ? 0.122   16.013  -0.021  1.00 36.07 ? 309 HOH A O   1 
HETATM 1077 O  O   . HOH D 3 .   ? 11.143  -0.992  -6.906  1.00 21.06 ? 310 HOH A O   1 
HETATM 1078 O  O   . HOH D 3 .   ? 2.112   -8.373  -11.442 1.00 37.17 ? 311 HOH A O   1 
HETATM 1079 O  O   . HOH D 3 .   ? -5.300  8.738   -8.451  1.00 24.28 ? 312 HOH A O   1 
HETATM 1080 O  O   . HOH D 3 .   ? -4.375  -13.761 0.514   1.00 25.36 ? 313 HOH A O   1 
HETATM 1081 O  O   . HOH D 3 .   ? 7.154   12.467  8.025   1.00 27.00 ? 314 HOH A O   1 
HETATM 1082 O  O   . HOH D 3 .   ? 10.961  7.213   7.174   1.00 27.40 ? 315 HOH A O   1 
HETATM 1083 O  O   . HOH D 3 .   ? 11.203  -3.702  1.199   1.00 28.24 ? 316 HOH A O   1 
HETATM 1084 O  O   . HOH D 3 .   ? -3.062  8.128   11.880  1.00 33.99 ? 317 HOH A O   1 
HETATM 1085 O  O   . HOH D 3 .   ? 9.539   17.022  -7.793  1.00 48.59 ? 318 HOH A O   1 
HETATM 1086 O  O   . HOH D 3 .   ? -9.221  -2.347  12.410  1.00 35.66 ? 319 HOH A O   1 
HETATM 1087 O  O   . HOH D 3 .   ? -6.240  -9.320  -7.535  1.00 10.00 ? 320 HOH A O   1 
HETATM 1088 O  O   . HOH D 3 .   ? -5.346  -6.010  -14.324 1.00 19.78 ? 321 HOH A O   1 
HETATM 1089 O  O   . HOH D 3 .   ? -10.649 -1.225  9.931   1.00 22.08 ? 322 HOH A O   1 
HETATM 1090 O  O   . HOH D 3 .   ? -16.311 -8.668  3.516   1.00 15.98 ? 323 HOH A O   1 
HETATM 1091 O  O   . HOH D 3 .   ? -14.298 -8.641  -2.556  1.00 20.85 ? 324 HOH A O   1 
HETATM 1092 O  O   . HOH D 3 .   ? -5.873  12.793  1.583   1.00 33.02 ? 325 HOH A O   1 
HETATM 1093 O  O   . HOH D 3 .   ? -0.650  -6.932  -9.901  1.00 14.68 ? 326 HOH A O   1 
HETATM 1094 O  O   . HOH D 3 .   ? -4.281  13.459  -11.169 1.00 43.88 ? 327 HOH A O   1 
HETATM 1095 O  O   . HOH D 3 .   ? 0.194   -5.589  12.923  1.00 38.01 ? 328 HOH A O   1 
HETATM 1096 O  O   . HOH D 3 .   ? -8.557  9.182   -4.376  1.00 22.73 ? 329 HOH A O   1 
HETATM 1097 O  O   . HOH D 3 .   ? 16.885  10.019  -3.834  1.00 30.78 ? 330 HOH A O   1 
HETATM 1098 O  O   . HOH D 3 .   ? -5.159  12.658  -1.107  1.00 32.99 ? 331 HOH A O   1 
HETATM 1099 O  O   . HOH D 3 .   ? 6.247   -0.039  -17.451 1.00 22.87 ? 332 HOH A O   1 
HETATM 1100 O  O   . HOH D 3 .   ? 17.165  10.235  6.979   1.00 31.13 ? 333 HOH A O   1 
HETATM 1101 O  O   . HOH D 3 .   ? 12.909  11.019  4.230   1.00 29.79 ? 334 HOH A O   1 
HETATM 1102 O  O   . HOH D 3 .   ? -6.775  -5.392  15.127  1.00 35.61 ? 335 HOH A O   1 
HETATM 1103 O  O   . HOH D 3 .   ? 1.764   -2.876  -8.947  1.00 15.14 ? 336 HOH A O   1 
HETATM 1104 O  O   . HOH D 3 .   ? -12.031 -21.519 -3.965  1.00 25.32 ? 337 HOH A O   1 
HETATM 1105 O  O   . HOH D 3 .   ? -12.451 8.326   -7.058  1.00 28.87 ? 338 HOH A O   1 
HETATM 1106 O  O   . HOH D 3 .   ? 2.681   -5.660  -9.218  1.00 21.12 ? 339 HOH A O   1 
HETATM 1107 O  O   . HOH D 3 .   ? 14.800  3.802   11.582  1.00 31.02 ? 340 HOH A O   1 
HETATM 1108 O  O   . HOH D 3 .   ? -3.776  -8.403  -8.335  1.00 11.66 ? 341 HOH A O   1 
HETATM 1109 O  O   . HOH D 3 .   ? -8.409  5.254   10.925  1.00 22.69 ? 342 HOH A O   1 
HETATM 1110 O  O   . HOH D 3 .   ? -3.495  -2.189  11.709  1.00 22.58 ? 343 HOH A O   1 
HETATM 1111 O  O   . HOH D 3 .   ? -14.440 -11.655 5.059   1.00 21.99 ? 344 HOH A O   1 
HETATM 1112 O  O   . HOH D 3 .   ? 4.507   14.862  -14.442 1.00 16.95 ? 345 HOH A O   1 
HETATM 1113 O  O   . HOH D 3 .   ? -6.426  12.980  -5.831  1.00 32.39 ? 346 HOH A O   1 
HETATM 1114 O  O   . HOH D 3 .   ? -12.236 4.281   -2.136  1.00 25.17 ? 347 HOH A O   1 
HETATM 1115 O  O   . HOH D 3 .   ? -12.243 -3.214  10.971  1.00 22.64 ? 348 HOH A O   1 
HETATM 1116 O  O   . HOH D 3 .   ? -8.479  2.639   12.279  1.00 29.90 ? 349 HOH A O   1 
HETATM 1117 O  O   . HOH D 3 .   ? -5.582  9.320   0.681   1.00 26.74 ? 350 HOH A O   1 
HETATM 1118 O  O   . HOH D 3 .   ? 2.831   7.592   9.830   1.00 24.84 ? 351 HOH A O   1 
HETATM 1119 O  O   . HOH D 3 .   ? -6.128  10.316  2.951   1.00 23.79 ? 352 HOH A O   1 
HETATM 1120 O  O   . HOH D 3 .   ? -1.000  1.191   10.784  1.00 18.41 ? 353 HOH A O   1 
HETATM 1121 O  O   . HOH D 3 .   ? -12.938 -15.260 -6.868  1.00 21.23 ? 354 HOH A O   1 
HETATM 1122 O  O   . HOH D 3 .   ? -0.804  0.021   -14.975 1.00 26.92 ? 355 HOH A O   1 
HETATM 1123 O  O   . HOH D 3 .   ? -16.088 -6.317  2.183   1.00 17.25 ? 356 HOH A O   1 
HETATM 1124 O  O   . HOH D 3 .   ? -5.714  -1.455  12.745  1.00 34.14 ? 357 HOH A O   1 
HETATM 1125 O  O   . HOH D 3 .   ? -8.927  5.277   -11.770 1.00 21.37 ? 358 HOH A O   1 
HETATM 1126 O  O   . HOH D 3 .   ? -5.231  6.965   -10.582 1.00 19.24 ? 359 HOH A O   1 
HETATM 1127 O  O   . HOH D 3 .   ? 7.566   -7.756  1.054   1.00 27.32 ? 360 HOH A O   1 
HETATM 1128 O  O   . HOH D 3 .   ? -3.443  -0.985  -16.521 1.00 20.11 ? 361 HOH A O   1 
HETATM 1129 O  O   . HOH D 3 .   ? -8.963  -1.409  -15.867 1.00 32.38 ? 362 HOH A O   1 
HETATM 1130 O  O   . HOH D 3 .   ? -8.836  2.979   -13.292 1.00 23.91 ? 363 HOH A O   1 
HETATM 1131 O  O   . HOH D 3 .   ? -9.169  -14.782 -9.806  1.00 15.45 ? 364 HOH A O   1 
HETATM 1132 O  O   . HOH D 3 .   ? -1.487  11.215  9.622   1.00 37.03 ? 365 HOH A O   1 
HETATM 1133 O  O   . HOH D 3 .   ? -11.726 7.374   -9.227  1.00 34.93 ? 366 HOH A O   1 
HETATM 1134 O  O   . HOH D 3 .   ? -14.401 -5.121  9.859   1.00 1.31  ? 367 HOH A O   1 
HETATM 1135 O  O   . HOH D 3 .   ? -7.106  -10.369 -9.947  1.00 19.99 ? 368 HOH A O   1 
HETATM 1136 O  O   . HOH D 3 .   ? 12.213  9.484   6.538   1.00 27.30 ? 369 HOH A O   1 
HETATM 1137 O  O   . HOH D 3 .   ? -12.987 -22.894 6.258   1.00 30.79 ? 370 HOH A O   1 
HETATM 1138 O  O   . HOH D 3 .   ? -18.510 -0.112  6.371   1.00 23.09 ? 371 HOH A O   1 
HETATM 1139 O  O   . HOH D 3 .   ? -1.259  -10.872 -11.705 1.00 32.50 ? 372 HOH A O   1 
HETATM 1140 O  O   . HOH D 3 .   ? 10.739  -1.558  0.633   1.00 30.30 ? 373 HOH A O   1 
HETATM 1141 O  O   . HOH D 3 .   ? 6.438   -10.678 -8.673  1.00 29.76 ? 374 HOH A O   1 
HETATM 1142 O  O   . HOH D 3 .   ? 8.711   -3.634  1.528   1.00 15.45 ? 375 HOH A O   1 
HETATM 1143 O  O   . HOH D 3 .   ? 11.048  -3.383  -7.331  1.00 27.52 ? 376 HOH A O   1 
HETATM 1144 O  O   . HOH D 3 .   ? 17.003  -1.735  10.618  1.00 26.38 ? 377 HOH A O   1 
HETATM 1145 O  O   . HOH D 3 .   ? -12.923 -1.434  12.821  1.00 32.26 ? 378 HOH A O   1 
HETATM 1146 O  O   . HOH D 3 .   ? -8.267  10.863  -5.924  1.00 30.33 ? 379 HOH A O   1 
HETATM 1147 O  O   . HOH D 3 .   ? 0.184   -9.673  -13.706 1.00 40.94 ? 380 HOH A O   1 
HETATM 1148 O  O   . HOH D 3 .   ? -7.776  9.678   -8.088  1.00 26.52 ? 381 HOH A O   1 
HETATM 1149 O  O   . HOH D 3 .   ? -2.859  -8.623  -10.725 1.00 22.12 ? 382 HOH A O   1 
HETATM 1150 O  O   . HOH D 3 .   ? -7.690  7.412   -11.507 1.00 25.86 ? 383 HOH A O   1 
HETATM 1151 O  O   . HOH D 3 .   ? 13.336  4.304   13.655  1.00 35.98 ? 384 HOH A O   1 
HETATM 1152 O  O   . HOH D 3 .   ? 5.182   -9.002  -10.587 1.00 34.69 ? 385 HOH A O   1 
HETATM 1153 O  O   . HOH D 3 .   ? -8.431  -2.718  -18.213 1.00 15.84 ? 386 HOH A O   1 
HETATM 1154 O  O   . HOH D 3 .   ? -10.891 -1.362  -18.141 1.00 43.40 ? 387 HOH A O   1 
HETATM 1155 O  O   . HOH D 3 .   ? -9.574  8.598   -9.676  1.00 26.43 ? 388 HOH A O   1 
# 
